data_5VY7
# 
_entry.id   5VY7 
# 
_audit_conform.dict_name       mmcif_pdbx.dic 
_audit_conform.dict_version    5.387 
_audit_conform.dict_location   http://mmcif.pdb.org/dictionaries/ascii/mmcif_pdbx.dic 
# 
loop_
_database_2.database_id 
_database_2.database_code 
_database_2.pdbx_database_accession 
_database_2.pdbx_DOI 
PDB   5VY7         pdb_00005vy7 10.2210/pdb5vy7/pdb 
WWPDB D_1000228142 ?            ?                   
# 
loop_
_pdbx_audit_revision_history.ordinal 
_pdbx_audit_revision_history.data_content_type 
_pdbx_audit_revision_history.major_revision 
_pdbx_audit_revision_history.minor_revision 
_pdbx_audit_revision_history.revision_date 
1 'Structure model' 1 0 2017-08-09 
2 'Structure model' 1 1 2017-08-23 
3 'Structure model' 1 2 2024-03-13 
# 
_pdbx_audit_revision_details.ordinal             1 
_pdbx_audit_revision_details.revision_ordinal    1 
_pdbx_audit_revision_details.data_content_type   'Structure model' 
_pdbx_audit_revision_details.provider            repository 
_pdbx_audit_revision_details.type                'Initial release' 
_pdbx_audit_revision_details.description         ? 
_pdbx_audit_revision_details.details             ? 
# 
loop_
_pdbx_audit_revision_group.ordinal 
_pdbx_audit_revision_group.revision_ordinal 
_pdbx_audit_revision_group.data_content_type 
_pdbx_audit_revision_group.group 
1 2 'Structure model' 'Database references' 
2 3 'Structure model' 'Data collection'     
3 3 'Structure model' 'Database references' 
# 
loop_
_pdbx_audit_revision_category.ordinal 
_pdbx_audit_revision_category.revision_ordinal 
_pdbx_audit_revision_category.data_content_type 
_pdbx_audit_revision_category.category 
1 2 'Structure model' citation        
2 2 'Structure model' citation_author 
3 3 'Structure model' chem_comp_atom  
4 3 'Structure model' chem_comp_bond  
5 3 'Structure model' database_2      
# 
loop_
_pdbx_audit_revision_item.ordinal 
_pdbx_audit_revision_item.revision_ordinal 
_pdbx_audit_revision_item.data_content_type 
_pdbx_audit_revision_item.item 
1 2 'Structure model' '_citation.journal_volume'            
2 2 'Structure model' '_citation.page_first'                
3 2 'Structure model' '_citation.page_last'                 
4 2 'Structure model' '_citation_author.name'               
5 3 'Structure model' '_database_2.pdbx_DOI'                
6 3 'Structure model' '_database_2.pdbx_database_accession' 
# 
_pdbx_database_status.status_code                     REL 
_pdbx_database_status.status_code_sf                  REL 
_pdbx_database_status.status_code_mr                  ? 
_pdbx_database_status.entry_id                        5VY7 
_pdbx_database_status.recvd_initial_deposition_date   2017-05-24 
_pdbx_database_status.SG_entry                        N 
_pdbx_database_status.deposit_site                    RCSB 
_pdbx_database_status.process_site                    RCSB 
_pdbx_database_status.status_code_cs                  ? 
_pdbx_database_status.methods_development_category    ? 
_pdbx_database_status.pdb_format_compatible           Y 
_pdbx_database_status.status_code_nmr_data            ? 
# 
_pdbx_database_related.content_type   unspecified 
_pdbx_database_related.db_id          5VY6 
_pdbx_database_related.db_name        PDB 
_pdbx_database_related.details        . 
# 
loop_
_audit_author.name 
_audit_author.pdbx_ordinal 
_audit_author.identifier_ORCID 
'Simmons, C.R.' 1 ? 
'Yan, H.'       2 ? 
# 
_citation.abstract                  ? 
_citation.abstract_id_CAS           ? 
_citation.book_id_ISBN              ? 
_citation.book_publisher            ? 
_citation.book_publisher_city       ? 
_citation.book_title                ? 
_citation.coordinate_linkage        ? 
_citation.country                   US 
_citation.database_id_Medline       ? 
_citation.details                   ? 
_citation.id                        primary 
_citation.journal_abbrev            'J. Am. Chem. Soc.' 
_citation.journal_id_ASTM           JACSAT 
_citation.journal_id_CSD            ? 
_citation.journal_id_ISSN           1520-5126 
_citation.journal_full              ? 
_citation.journal_issue             ? 
_citation.journal_volume            139 
_citation.language                  ? 
_citation.page_first                11254 
_citation.page_last                 11260 
_citation.title                     'Tuning the Cavity Size and Chirality of Self-Assembling 3D DNA Crystals.' 
_citation.year                      2017 
_citation.database_id_CSD           ? 
_citation.pdbx_database_id_DOI      10.1021/jacs.7b06485 
_citation.pdbx_database_id_PubMed   28731332 
_citation.unpublished_flag          ? 
# 
loop_
_citation_author.citation_id 
_citation_author.name 
_citation_author.ordinal 
_citation_author.identifier_ORCID 
primary 'Simmons, C.R.'      1 ? 
primary 'Zhang, F.'          2 ? 
primary 'MacCulloch, T.'     3 ? 
primary 'Fahmi, N.'          4 ? 
primary 'Stephanopoulos, N.' 5 ? 
primary 'Liu, Y.'            6 ? 
primary 'Seeman, N.C.'       7 ? 
primary 'Yan, H.'            8 ? 
# 
loop_
_entity.id 
_entity.type 
_entity.src_method 
_entity.pdbx_description 
_entity.formula_weight 
_entity.pdbx_number_of_molecules 
_entity.pdbx_ec 
_entity.pdbx_mutation 
_entity.pdbx_fragment 
_entity.details 
1 polymer syn 
;DNA (5'-D(*GP*AP*GP*CP*AP*GP*AP*CP*CP*TP*GP*AP*CP*GP*GP*AP*AP*CP*TP*CP*A)-3')
;
6466.201 1 ? ? ? ? 
2 polymer syn 
;DNA (5'-D(P*CP*CP*GP*TP*CP*A)-3')
;
1769.193 1 ? ? ? ? 
3 polymer syn 
;DNA (5'-D(*TP*CP*TP*GP*AP*GP*TP*T)-3')
;
2432.614 1 ? ? ? ? 
4 polymer syn 
;DNA (5'-D(P*GP*GP*TP*CP*TP*GP*C)-3')
;
2129.409 1 ? ? ? ? 
# 
loop_
_entity_poly.entity_id 
_entity_poly.type 
_entity_poly.nstd_linkage 
_entity_poly.nstd_monomer 
_entity_poly.pdbx_seq_one_letter_code 
_entity_poly.pdbx_seq_one_letter_code_can 
_entity_poly.pdbx_strand_id 
_entity_poly.pdbx_target_identifier 
1 polydeoxyribonucleotide no yes 
;(0DG)(0DA)(0DG)(0DC)(0DA)(0DG)(0DA)(0DC)(0DC)(0DT)(0DG)(0DA)(0DC)(0DG)(0DG)(0DA)
(0DA)(0DC)(0DT)(0DC)(0DA)
;
GAGCAGACCTGACGGAACTCA A ? 
2 polydeoxyribonucleotide no yes '(0DC)(0DC)(0DG)(0DT)(0DC)(0DA)' CCGTCA                B ? 
3 polydeoxyribonucleotide no yes '(0DT)(0DC)(0DT)(0DG)(0DA)(0DG)(0DT)(0DT)' TCTGAGTT              C ? 
4 polydeoxyribonucleotide no yes '(0DG)(0DG)(0DT)(0DC)(0DT)(0DG)(0DC)' GGTCTGC               D ? 
# 
loop_
_entity_poly_seq.entity_id 
_entity_poly_seq.num 
_entity_poly_seq.mon_id 
_entity_poly_seq.hetero 
1 1  0DG n 
1 2  0DA n 
1 3  0DG n 
1 4  0DC n 
1 5  0DA n 
1 6  0DG n 
1 7  0DA n 
1 8  0DC n 
1 9  0DC n 
1 10 0DT n 
1 11 0DG n 
1 12 0DA n 
1 13 0DC n 
1 14 0DG n 
1 15 0DG n 
1 16 0DA n 
1 17 0DA n 
1 18 0DC n 
1 19 0DT n 
1 20 0DC n 
1 21 0DA n 
2 1  0DC n 
2 2  0DC n 
2 3  0DG n 
2 4  0DT n 
2 5  0DC n 
2 6  0DA n 
3 1  0DT n 
3 2  0DC n 
3 3  0DT n 
3 4  0DG n 
3 5  0DA n 
3 6  0DG n 
3 7  0DT n 
3 8  0DT n 
4 1  0DG n 
4 2  0DG n 
4 3  0DT n 
4 4  0DC n 
4 5  0DT n 
4 6  0DG n 
4 7  0DC n 
# 
loop_
_pdbx_entity_src_syn.entity_id 
_pdbx_entity_src_syn.pdbx_src_id 
_pdbx_entity_src_syn.pdbx_alt_source_flag 
_pdbx_entity_src_syn.pdbx_beg_seq_num 
_pdbx_entity_src_syn.pdbx_end_seq_num 
_pdbx_entity_src_syn.organism_scientific 
_pdbx_entity_src_syn.organism_common_name 
_pdbx_entity_src_syn.ncbi_taxonomy_id 
_pdbx_entity_src_syn.details 
1 1 sample 1 21 'synthetic construct' ? 32630 ? 
2 1 sample 1 6  'synthetic construct' ? 32630 ? 
3 1 sample 1 8  'synthetic construct' ? 32630 ? 
4 1 sample 1 7  'synthetic construct' ? 32630 ? 
# 
loop_
_chem_comp.id 
_chem_comp.type 
_chem_comp.mon_nstd_flag 
_chem_comp.name 
_chem_comp.pdbx_synonyms 
_chem_comp.formula 
_chem_comp.formula_weight 
0DA 'L-DNA linking' . 
;2'-DEOXY-L-RIBO-FURANOSYL ADENOSINE-5'-MONOPHOSPHATE
;
? 'C10 H14 N5 O6 P' 331.222 
0DC 'L-DNA linking' . 
;2'-DEOXY-L-RIBO-FURANOSYL CYTOSINE-5'-MONOPHOSPHATE
;
? 'C9 H14 N3 O7 P'  307.197 
0DG 'L-DNA linking' . 
;2'-DEOXY-L-RIBO-FURANOSYL GUANINE-5'-MONOPHOSPHATE
;
? 'C10 H14 N5 O7 P' 347.221 
0DT 'L-DNA linking' . 
;2'-DEOXY-L-RIBO-FURANOSYL THYMIDINE-5'-MONOPHOSPHATE
;
? 'C10 H15 N2 O8 P' 322.208 
# 
loop_
_pdbx_poly_seq_scheme.asym_id 
_pdbx_poly_seq_scheme.entity_id 
_pdbx_poly_seq_scheme.seq_id 
_pdbx_poly_seq_scheme.mon_id 
_pdbx_poly_seq_scheme.ndb_seq_num 
_pdbx_poly_seq_scheme.pdb_seq_num 
_pdbx_poly_seq_scheme.auth_seq_num 
_pdbx_poly_seq_scheme.pdb_mon_id 
_pdbx_poly_seq_scheme.auth_mon_id 
_pdbx_poly_seq_scheme.pdb_strand_id 
_pdbx_poly_seq_scheme.pdb_ins_code 
_pdbx_poly_seq_scheme.hetero 
A 1 1  0DG 1  1  1  0DG 0DG A . n 
A 1 2  0DA 2  2  2  0DA 0DA A . n 
A 1 3  0DG 3  3  3  0DG 0DG A . n 
A 1 4  0DC 4  4  4  0DC 0DC A . n 
A 1 5  0DA 5  5  5  0DA 0DA A . n 
A 1 6  0DG 6  6  6  0DG 0DG A . n 
A 1 7  0DA 7  7  7  0DA 0DA A . n 
A 1 8  0DC 8  8  8  0DC 0DC A . n 
A 1 9  0DC 9  9  9  0DC 0DC A . n 
A 1 10 0DT 10 10 10 0DT 0DT A . n 
A 1 11 0DG 11 11 11 0DG 0DG A . n 
A 1 12 0DA 12 12 12 0DA 0DA A . n 
A 1 13 0DC 13 13 13 0DC 0DC A . n 
A 1 14 0DG 14 14 14 0DG 0DG A . n 
A 1 15 0DG 15 15 15 0DG 0DG A . n 
A 1 16 0DA 16 16 16 0DA 0DA A . n 
A 1 17 0DA 17 17 17 0DA 0DA A . n 
A 1 18 0DC 18 18 18 0DC 0DC A . n 
A 1 19 0DT 19 19 19 0DT 0DT A . n 
A 1 20 0DC 20 20 20 0DC 0DC A . n 
A 1 21 0DA 21 21 21 0DA 0DA A . n 
B 2 1  0DC 1  0  0  0DC 0DC B . n 
B 2 2  0DC 2  1  1  0DC 0DC B . n 
B 2 3  0DG 3  2  2  0DG 0DG B . n 
B 2 4  0DT 4  3  3  0DT 0DT B . n 
B 2 5  0DC 5  4  4  0DC 0DC B . n 
B 2 6  0DA 6  5  5  0DA 0DA B . n 
C 3 1  0DT 1  1  1  0DT 0DT C . n 
C 3 2  0DC 2  2  2  0DC 0DC C . n 
C 3 3  0DT 3  3  3  0DT 0DT C . n 
C 3 4  0DG 4  4  4  0DG 0DG C . n 
C 3 5  0DA 5  5  5  0DA 0DA C . n 
C 3 6  0DG 6  6  6  0DG 0DG C . n 
C 3 7  0DT 7  7  7  0DT 0DT C . n 
C 3 8  0DT 8  8  8  0DT 0DT C . n 
D 4 1  0DG 1  10 10 0DG 0DG D . n 
D 4 2  0DG 2  11 11 0DG 0DG D . n 
D 4 3  0DT 3  12 12 0DT 0DT D . n 
D 4 4  0DC 4  13 13 0DC 0DC D . n 
D 4 5  0DT 5  14 14 0DT 0DT D . n 
D 4 6  0DG 6  15 15 0DG 0DG D . n 
D 4 7  0DC 7  16 16 0DC 0DC D . n 
# 
loop_
_pdbx_unobs_or_zero_occ_atoms.id 
_pdbx_unobs_or_zero_occ_atoms.PDB_model_num 
_pdbx_unobs_or_zero_occ_atoms.polymer_flag 
_pdbx_unobs_or_zero_occ_atoms.occupancy_flag 
_pdbx_unobs_or_zero_occ_atoms.auth_asym_id 
_pdbx_unobs_or_zero_occ_atoms.auth_comp_id 
_pdbx_unobs_or_zero_occ_atoms.auth_seq_id 
_pdbx_unobs_or_zero_occ_atoms.PDB_ins_code 
_pdbx_unobs_or_zero_occ_atoms.auth_atom_id 
_pdbx_unobs_or_zero_occ_atoms.label_alt_id 
_pdbx_unobs_or_zero_occ_atoms.label_asym_id 
_pdbx_unobs_or_zero_occ_atoms.label_comp_id 
_pdbx_unobs_or_zero_occ_atoms.label_seq_id 
_pdbx_unobs_or_zero_occ_atoms.label_atom_id 
1 1 Y 1 A 0DG 1 ? "O5'" ? A 0DG 1 "O5'" 
2 1 Y 1 A 0DG 1 ? "C5'" ? A 0DG 1 "C5'" 
3 1 Y 1 C 0DT 1 ? "O5'" ? C 0DT 1 "O5'" 
4 1 Y 1 C 0DT 1 ? "C5'" ? C 0DT 1 "C5'" 
# 
loop_
_software.citation_id 
_software.classification 
_software.compiler_name 
_software.compiler_version 
_software.contact_author 
_software.contact_author_email 
_software.date 
_software.description 
_software.dependencies 
_software.hardware 
_software.language 
_software.location 
_software.mods 
_software.name 
_software.os 
_software.os_version 
_software.type 
_software.version 
_software.pdbx_ordinal 
? refinement       ? ? ? ? ? ? ? ? ? ? ? PHENIX   ? ? ? 1.11.1_2575 1 
? 'data reduction' ? ? ? ? ? ? ? ? ? ? ? HKL-2000 ? ? ? .           2 
? 'data scaling'   ? ? ? ? ? ? ? ? ? ? ? HKL-2000 ? ? ? .           3 
? phasing          ? ? ? ? ? ? ? ? ? ? ? PHENIX   ? ? ? .           4 
# 
_cell.entry_id           5VY7 
_cell.length_a           68.584 
_cell.length_b           68.584 
_cell.length_c           55.737 
_cell.angle_alpha        90.00 
_cell.angle_beta         90.00 
_cell.angle_gamma        120.00 
_cell.Z_PDB              3 
_cell.pdbx_unique_axis   ? 
# 
_symmetry.entry_id                         5VY7 
_symmetry.space_group_name_H-M             'P 31' 
_symmetry.pdbx_full_space_group_name_H-M   ? 
_symmetry.cell_setting                     ? 
_symmetry.Int_Tables_number                144 
# 
_exptl.absorpt_coefficient_mu     ? 
_exptl.absorpt_correction_T_max   ? 
_exptl.absorpt_correction_T_min   ? 
_exptl.absorpt_correction_type    ? 
_exptl.absorpt_process_details    ? 
_exptl.entry_id                   5VY7 
_exptl.crystals_number            1 
_exptl.details                    ? 
_exptl.method                     'X-RAY DIFFRACTION' 
_exptl.method_details             ? 
# 
_exptl_crystal.colour                      ? 
_exptl_crystal.density_diffrn              ? 
_exptl_crystal.density_Matthews            5.91 
_exptl_crystal.density_method              ? 
_exptl_crystal.density_percent_sol         79.20 
_exptl_crystal.description                 ? 
_exptl_crystal.F_000                       ? 
_exptl_crystal.id                          1 
_exptl_crystal.preparation                 ? 
_exptl_crystal.size_max                    ? 
_exptl_crystal.size_mid                    ? 
_exptl_crystal.size_min                    ? 
_exptl_crystal.size_rad                    ? 
_exptl_crystal.colour_lustre               ? 
_exptl_crystal.colour_modifier             ? 
_exptl_crystal.colour_primary              ? 
_exptl_crystal.density_meas                ? 
_exptl_crystal.density_meas_esd            ? 
_exptl_crystal.density_meas_gt             ? 
_exptl_crystal.density_meas_lt             ? 
_exptl_crystal.density_meas_temp           ? 
_exptl_crystal.density_meas_temp_esd       ? 
_exptl_crystal.density_meas_temp_gt        ? 
_exptl_crystal.density_meas_temp_lt        ? 
_exptl_crystal.pdbx_crystal_image_url      ? 
_exptl_crystal.pdbx_crystal_image_format   ? 
_exptl_crystal.pdbx_mosaicity              ? 
_exptl_crystal.pdbx_mosaicity_esd          ? 
# 
_exptl_crystal_grow.apparatus       ? 
_exptl_crystal_grow.atmosphere      ? 
_exptl_crystal_grow.crystal_id      1 
_exptl_crystal_grow.details         ? 
_exptl_crystal_grow.method          'VAPOR DIFFUSION, SITTING DROP' 
_exptl_crystal_grow.method_ref      ? 
_exptl_crystal_grow.pH              ? 
_exptl_crystal_grow.pressure        ? 
_exptl_crystal_grow.pressure_esd    ? 
_exptl_crystal_grow.seeding         ? 
_exptl_crystal_grow.seeding_ref     ? 
_exptl_crystal_grow.temp            298 
_exptl_crystal_grow.temp_details    ? 
_exptl_crystal_grow.temp_esd        ? 
_exptl_crystal_grow.time            ? 
_exptl_crystal_grow.pdbx_details    '50 mM cacodylate pH 6.5, 50 mM MgCl2, 2.0 mM cobalt(III)hexamine, and 1.5 M lithium sulfate' 
_exptl_crystal_grow.pdbx_pH_range   ? 
# 
_diffrn.ambient_environment    ? 
_diffrn.ambient_temp           100 
_diffrn.ambient_temp_details   ? 
_diffrn.ambient_temp_esd       ? 
_diffrn.crystal_id             1 
_diffrn.crystal_support        ? 
_diffrn.crystal_treatment      ? 
_diffrn.details                ? 
_diffrn.id                     1 
_diffrn.ambient_pressure       ? 
_diffrn.ambient_pressure_esd   ? 
_diffrn.ambient_pressure_gt    ? 
_diffrn.ambient_pressure_lt    ? 
_diffrn.ambient_temp_gt        ? 
_diffrn.ambient_temp_lt        ? 
# 
_diffrn_detector.details                      ? 
_diffrn_detector.detector                     CCD 
_diffrn_detector.diffrn_id                    1 
_diffrn_detector.type                         'ADSC QUANTUM 315r' 
_diffrn_detector.area_resol_mean              ? 
_diffrn_detector.dtime                        ? 
_diffrn_detector.pdbx_frames_total            ? 
_diffrn_detector.pdbx_collection_time_total   ? 
_diffrn_detector.pdbx_collection_date         2016-01-13 
# 
_diffrn_radiation.collimation                      ? 
_diffrn_radiation.diffrn_id                        1 
_diffrn_radiation.filter_edge                      ? 
_diffrn_radiation.inhomogeneity                    ? 
_diffrn_radiation.monochromator                    ? 
_diffrn_radiation.polarisn_norm                    ? 
_diffrn_radiation.polarisn_ratio                   ? 
_diffrn_radiation.probe                            ? 
_diffrn_radiation.type                             ? 
_diffrn_radiation.xray_symbol                      ? 
_diffrn_radiation.wavelength_id                    1 
_diffrn_radiation.pdbx_monochromatic_or_laue_m_l   M 
_diffrn_radiation.pdbx_wavelength_list             ? 
_diffrn_radiation.pdbx_wavelength                  ? 
_diffrn_radiation.pdbx_diffrn_protocol             'SINGLE WAVELENGTH' 
_diffrn_radiation.pdbx_analyzer                    ? 
_diffrn_radiation.pdbx_scattering_type             x-ray 
# 
_diffrn_radiation_wavelength.id           1 
_diffrn_radiation_wavelength.wavelength   1.0 
_diffrn_radiation_wavelength.wt           1.0 
# 
_diffrn_source.current                     ? 
_diffrn_source.details                     ? 
_diffrn_source.diffrn_id                   1 
_diffrn_source.power                       ? 
_diffrn_source.size                        ? 
_diffrn_source.source                      SYNCHROTRON 
_diffrn_source.target                      ? 
_diffrn_source.type                        'ALS BEAMLINE 8.2.2' 
_diffrn_source.voltage                     ? 
_diffrn_source.take-off_angle              ? 
_diffrn_source.pdbx_wavelength_list        1.0 
_diffrn_source.pdbx_wavelength             ? 
_diffrn_source.pdbx_synchrotron_beamline   8.2.2 
_diffrn_source.pdbx_synchrotron_site       ALS 
# 
_reflns.pdbx_diffrn_id               1 
_reflns.pdbx_ordinal                 1 
_reflns.entry_id                     5VY7 
_reflns.observed_criterion_sigma_I   ? 
_reflns.observed_criterion_sigma_F   ? 
_reflns.d_resolution_low             34.292 
_reflns.d_resolution_high            3.000 
_reflns.number_obs                   4949 
_reflns.number_all                   ? 
_reflns.percent_possible_obs         86.1 
_reflns.pdbx_Rmerge_I_obs            0.11 
_reflns.pdbx_Rsym_value              ? 
_reflns.pdbx_netI_over_sigmaI        23.9000 
_reflns.B_iso_Wilson_estimate        ? 
_reflns.pdbx_redundancy              10.70 
_reflns.pdbx_CC_half                 ? 
_reflns.pdbx_Rpim_I_all              ? 
_reflns.pdbx_Rrim_I_all              ? 
# 
_reflns_shell.d_res_high                  3.0 
_reflns_shell.d_res_low                   3.05 
_reflns_shell.meanI_over_sigI_all         ? 
_reflns_shell.meanI_over_sigI_obs         2.6 
_reflns_shell.number_measured_all         ? 
_reflns_shell.number_measured_obs         ? 
_reflns_shell.number_possible             ? 
_reflns_shell.number_unique_all           ? 
_reflns_shell.number_unique_obs           ? 
_reflns_shell.percent_possible_all        53.7 
_reflns_shell.percent_possible_obs        ? 
_reflns_shell.Rmerge_F_all                ? 
_reflns_shell.Rmerge_F_obs                ? 
_reflns_shell.Rmerge_I_all                ? 
_reflns_shell.Rmerge_I_obs                0.467 
_reflns_shell.meanI_over_sigI_gt          ? 
_reflns_shell.meanI_over_uI_all           ? 
_reflns_shell.meanI_over_uI_gt            ? 
_reflns_shell.number_measured_gt          ? 
_reflns_shell.number_unique_gt            ? 
_reflns_shell.percent_possible_gt         ? 
_reflns_shell.Rmerge_F_gt                 ? 
_reflns_shell.Rmerge_I_gt                 ? 
_reflns_shell.pdbx_redundancy             9.5 
_reflns_shell.pdbx_Rsym_value             ? 
_reflns_shell.pdbx_chi_squared            ? 
_reflns_shell.pdbx_netI_over_sigmaI_all   ? 
_reflns_shell.pdbx_netI_over_sigmaI_obs   ? 
_reflns_shell.pdbx_Rrim_I_all             ? 
_reflns_shell.pdbx_Rpim_I_all             ? 
_reflns_shell.pdbx_rejects                ? 
_reflns_shell.pdbx_ordinal                1 
_reflns_shell.pdbx_diffrn_id              1 
_reflns_shell.pdbx_CC_half                ? 
_reflns_shell.pdbx_R_split                ? 
# 
_refine.pdbx_refine_id                           'X-RAY DIFFRACTION' 
_refine.entry_id                                 5VY7 
_refine.pdbx_diffrn_id                           1 
_refine.pdbx_TLS_residual_ADP_flag               ? 
_refine.ls_number_reflns_obs                     4949 
_refine.ls_number_reflns_all                     ? 
_refine.pdbx_ls_sigma_I                          ? 
_refine.pdbx_ls_sigma_F                          2.010 
_refine.pdbx_data_cutoff_high_absF               ? 
_refine.pdbx_data_cutoff_low_absF                ? 
_refine.pdbx_data_cutoff_high_rms_absF           ? 
_refine.ls_d_res_low                             34.29 
_refine.ls_d_res_high                            3.00 
_refine.ls_percent_reflns_obs                    84.2 
_refine.ls_R_factor_obs                          0.238 
_refine.ls_R_factor_all                          ? 
_refine.ls_R_factor_R_work                       0.238 
_refine.ls_R_factor_R_free                       0.246 
_refine.ls_R_factor_R_free_error                 ? 
_refine.ls_R_factor_R_free_error_details         ? 
_refine.ls_percent_reflns_R_free                 5.230 
_refine.ls_number_reflns_R_free                  259 
_refine.ls_number_parameters                     ? 
_refine.ls_number_restraints                     ? 
_refine.occupancy_min                            ? 
_refine.occupancy_max                            ? 
_refine.correlation_coeff_Fo_to_Fc               ? 
_refine.correlation_coeff_Fo_to_Fc_free          ? 
_refine.B_iso_mean                               ? 
_refine.aniso_B[1][1]                            ? 
_refine.aniso_B[2][2]                            ? 
_refine.aniso_B[3][3]                            ? 
_refine.aniso_B[1][2]                            ? 
_refine.aniso_B[1][3]                            ? 
_refine.aniso_B[2][3]                            ? 
_refine.solvent_model_details                    ? 
_refine.solvent_model_param_ksol                 ? 
_refine.solvent_model_param_bsol                 ? 
_refine.pdbx_solvent_vdw_probe_radii             1.11 
_refine.pdbx_solvent_ion_probe_radii             ? 
_refine.pdbx_solvent_shrinkage_radii             0.90 
_refine.pdbx_ls_cross_valid_method               'FREE R-VALUE' 
_refine.details                                  ? 
_refine.pdbx_starting_model                      ? 
_refine.pdbx_method_to_determine_struct          SAD 
_refine.pdbx_isotropic_thermal_model             ? 
_refine.pdbx_stereochemistry_target_values       ? 
_refine.pdbx_stereochem_target_val_spec_case     ? 
_refine.pdbx_R_Free_selection_details            ? 
_refine.pdbx_overall_ESU_R                       ? 
_refine.pdbx_overall_ESU_R_Free                  ? 
_refine.overall_SU_ML                            0.250 
_refine.pdbx_overall_phase_error                 37.700 
_refine.overall_SU_B                             ? 
_refine.overall_SU_R_Cruickshank_DPI             ? 
_refine.pdbx_overall_SU_R_free_Cruickshank_DPI   ? 
_refine.pdbx_overall_SU_R_Blow_DPI               ? 
_refine.pdbx_overall_SU_R_free_Blow_DPI          ? 
# 
_refine_hist.pdbx_refine_id                   'X-RAY DIFFRACTION' 
_refine_hist.cycle_id                         LAST 
_refine_hist.pdbx_number_atoms_protein        0 
_refine_hist.pdbx_number_atoms_nucleic_acid   851 
_refine_hist.pdbx_number_atoms_ligand         0 
_refine_hist.number_atoms_solvent             0 
_refine_hist.number_atoms_total               851 
_refine_hist.d_res_high                       3.00 
_refine_hist.d_res_low                        34.29 
# 
loop_
_refine_ls_restr.type 
_refine_ls_restr.dev_ideal 
_refine_ls_restr.dev_ideal_target 
_refine_ls_restr.weight 
_refine_ls_restr.number 
_refine_ls_restr.pdbx_refine_id 
_refine_ls_restr.pdbx_restraint_function 
f_bond_d           0.016  ? ? 952  'X-RAY DIFFRACTION' ? 
f_angle_d          1.332  ? ? 1461 'X-RAY DIFFRACTION' ? 
f_dihedral_angle_d 39.865 ? ? 400  'X-RAY DIFFRACTION' ? 
f_chiral_restr     4.408  ? ? 164  'X-RAY DIFFRACTION' ? 
f_plane_restr      0.007  ? ? 42   'X-RAY DIFFRACTION' ? 
# 
loop_
_refine_ls_shell.pdbx_refine_id 
_refine_ls_shell.pdbx_total_number_of_bins_used 
_refine_ls_shell.d_res_high 
_refine_ls_shell.d_res_low 
_refine_ls_shell.number_reflns_R_work 
_refine_ls_shell.R_factor_R_work 
_refine_ls_shell.percent_reflns_obs 
_refine_ls_shell.R_factor_R_free 
_refine_ls_shell.R_factor_R_free_error 
_refine_ls_shell.percent_reflns_R_free 
_refine_ls_shell.number_reflns_R_free 
_refine_ls_shell.number_reflns_all 
_refine_ls_shell.R_factor_all 
_refine_ls_shell.R_factor_obs 
_refine_ls_shell.number_reflns_obs 
'X-RAY DIFFRACTION' . 3.0004 3.7794  1948 0.2701 70.00 0.2491 . . 116 . . . . 
'X-RAY DIFFRACTION' . 3.7794 34.0000 2742 0.2291 99.00 0.2447 . . 143 . . . . 
# 
_struct.entry_id                     5VY7 
_struct.title                        'A self-assembling L-form DNA crystal lattice' 
_struct.pdbx_model_details           ? 
_struct.pdbx_formula_weight          ? 
_struct.pdbx_formula_weight_method   ? 
_struct.pdbx_model_type_details      ? 
_struct.pdbx_CASP_flag               N 
# 
_struct_keywords.entry_id        5VY7 
_struct_keywords.text            'DNA nanotechnology, self-assembly, DNA structure, DNA' 
_struct_keywords.pdbx_keywords   DNA 
# 
loop_
_struct_asym.id 
_struct_asym.pdbx_blank_PDB_chainid_flag 
_struct_asym.pdbx_modified 
_struct_asym.entity_id 
_struct_asym.details 
A N N 1 ? 
B N N 2 ? 
C N N 3 ? 
D N N 4 ? 
# 
loop_
_struct_ref.id 
_struct_ref.db_name 
_struct_ref.db_code 
_struct_ref.pdbx_db_accession 
_struct_ref.pdbx_db_isoform 
_struct_ref.entity_id 
_struct_ref.pdbx_seq_one_letter_code 
_struct_ref.pdbx_align_begin 
1 PDB 5VY7 5VY7 ? 1 ? 1 
2 PDB 5VY7 5VY7 ? 2 ? 1 
3 PDB 5VY7 5VY7 ? 3 ? 1 
4 PDB 5VY7 5VY7 ? 4 ? 1 
# 
loop_
_struct_ref_seq.align_id 
_struct_ref_seq.ref_id 
_struct_ref_seq.pdbx_PDB_id_code 
_struct_ref_seq.pdbx_strand_id 
_struct_ref_seq.seq_align_beg 
_struct_ref_seq.pdbx_seq_align_beg_ins_code 
_struct_ref_seq.seq_align_end 
_struct_ref_seq.pdbx_seq_align_end_ins_code 
_struct_ref_seq.pdbx_db_accession 
_struct_ref_seq.db_align_beg 
_struct_ref_seq.pdbx_db_align_beg_ins_code 
_struct_ref_seq.db_align_end 
_struct_ref_seq.pdbx_db_align_end_ins_code 
_struct_ref_seq.pdbx_auth_seq_align_beg 
_struct_ref_seq.pdbx_auth_seq_align_end 
1 1 5VY7 A 1 ? 21 ? 5VY7 1  ? 21 ? 1  21 
2 2 5VY7 B 1 ? 6  ? 5VY7 0  ? 5  ? 0  5  
3 3 5VY7 C 1 ? 8  ? 5VY7 1  ? 8  ? 1  8  
4 4 5VY7 D 1 ? 7  ? 5VY7 10 ? 16 ? 10 16 
# 
_pdbx_struct_assembly.id                   1 
_pdbx_struct_assembly.details              author_defined_assembly 
_pdbx_struct_assembly.method_details       ? 
_pdbx_struct_assembly.oligomeric_details   tetrameric 
_pdbx_struct_assembly.oligomeric_count     4 
# 
_pdbx_struct_assembly_gen.assembly_id       1 
_pdbx_struct_assembly_gen.oper_expression   1 
_pdbx_struct_assembly_gen.asym_id_list      A,B,C,D 
# 
_pdbx_struct_assembly_auth_evidence.id                     1 
_pdbx_struct_assembly_auth_evidence.assembly_id            1 
_pdbx_struct_assembly_auth_evidence.experimental_support   none 
_pdbx_struct_assembly_auth_evidence.details                ? 
# 
_pdbx_struct_oper_list.id                   1 
_pdbx_struct_oper_list.type                 'identity operation' 
_pdbx_struct_oper_list.name                 1_555 
_pdbx_struct_oper_list.symmetry_operation   x,y,z 
_pdbx_struct_oper_list.matrix[1][1]         1.0000000000 
_pdbx_struct_oper_list.matrix[1][2]         0.0000000000 
_pdbx_struct_oper_list.matrix[1][3]         0.0000000000 
_pdbx_struct_oper_list.vector[1]            0.0000000000 
_pdbx_struct_oper_list.matrix[2][1]         0.0000000000 
_pdbx_struct_oper_list.matrix[2][2]         1.0000000000 
_pdbx_struct_oper_list.matrix[2][3]         0.0000000000 
_pdbx_struct_oper_list.vector[2]            0.0000000000 
_pdbx_struct_oper_list.matrix[3][1]         0.0000000000 
_pdbx_struct_oper_list.matrix[3][2]         0.0000000000 
_pdbx_struct_oper_list.matrix[3][3]         1.0000000000 
_pdbx_struct_oper_list.vector[3]            0.0000000000 
# 
loop_
_struct_conn.id 
_struct_conn.conn_type_id 
_struct_conn.pdbx_leaving_atom_flag 
_struct_conn.pdbx_PDB_id 
_struct_conn.ptnr1_label_asym_id 
_struct_conn.ptnr1_label_comp_id 
_struct_conn.ptnr1_label_seq_id 
_struct_conn.ptnr1_label_atom_id 
_struct_conn.pdbx_ptnr1_label_alt_id 
_struct_conn.pdbx_ptnr1_PDB_ins_code 
_struct_conn.pdbx_ptnr1_standard_comp_id 
_struct_conn.ptnr1_symmetry 
_struct_conn.ptnr2_label_asym_id 
_struct_conn.ptnr2_label_comp_id 
_struct_conn.ptnr2_label_seq_id 
_struct_conn.ptnr2_label_atom_id 
_struct_conn.pdbx_ptnr2_label_alt_id 
_struct_conn.pdbx_ptnr2_PDB_ins_code 
_struct_conn.ptnr1_auth_asym_id 
_struct_conn.ptnr1_auth_comp_id 
_struct_conn.ptnr1_auth_seq_id 
_struct_conn.ptnr2_auth_asym_id 
_struct_conn.ptnr2_auth_comp_id 
_struct_conn.ptnr2_auth_seq_id 
_struct_conn.ptnr2_symmetry 
_struct_conn.pdbx_ptnr3_label_atom_id 
_struct_conn.pdbx_ptnr3_label_seq_id 
_struct_conn.pdbx_ptnr3_label_comp_id 
_struct_conn.pdbx_ptnr3_label_asym_id 
_struct_conn.pdbx_ptnr3_label_alt_id 
_struct_conn.pdbx_ptnr3_PDB_ins_code 
_struct_conn.details 
_struct_conn.pdbx_dist_value 
_struct_conn.pdbx_value_order 
_struct_conn.pdbx_role 
covale1  covale both ? A 0DG 1  "O3'" ? ? ? 1_555 A 0DA 2  P  ? ? A 0DG 1  A 0DA 2  1_555 ? ? ? ? ? ? ?                       
1.610 ? ? 
covale2  covale both ? A 0DA 2  "O3'" ? ? ? 1_555 A 0DG 3  P  ? ? A 0DA 2  A 0DG 3  1_555 ? ? ? ? ? ? ?                       
1.611 ? ? 
covale3  covale both ? A 0DG 3  "O3'" ? ? ? 1_555 A 0DC 4  P  ? ? A 0DG 3  A 0DC 4  1_555 ? ? ? ? ? ? ?                       
1.604 ? ? 
covale4  covale both ? A 0DC 4  "O3'" ? ? ? 1_555 A 0DA 5  P  ? ? A 0DC 4  A 0DA 5  1_555 ? ? ? ? ? ? ?                       
1.606 ? ? 
covale5  covale both ? A 0DA 5  "O3'" ? ? ? 1_555 A 0DG 6  P  ? ? A 0DA 5  A 0DG 6  1_555 ? ? ? ? ? ? ?                       
1.605 ? ? 
covale6  covale both ? A 0DG 6  "O3'" ? ? ? 1_555 A 0DA 7  P  ? ? A 0DG 6  A 0DA 7  1_555 ? ? ? ? ? ? ?                       
1.600 ? ? 
covale7  covale both ? A 0DA 7  "O3'" ? ? ? 1_555 A 0DC 8  P  ? ? A 0DA 7  A 0DC 8  1_555 ? ? ? ? ? ? ?                       
1.611 ? ? 
covale8  covale both ? A 0DC 8  "O3'" ? ? ? 1_555 A 0DC 9  P  ? ? A 0DC 8  A 0DC 9  1_555 ? ? ? ? ? ? ?                       
1.608 ? ? 
covale9  covale both ? A 0DC 9  "O3'" ? ? ? 1_555 A 0DT 10 P  ? ? A 0DC 9  A 0DT 10 1_555 ? ? ? ? ? ? ?                       
1.602 ? ? 
covale10 covale both ? A 0DT 10 "O3'" ? ? ? 1_555 A 0DG 11 P  ? ? A 0DT 10 A 0DG 11 1_555 ? ? ? ? ? ? ?                       
1.603 ? ? 
covale11 covale both ? A 0DG 11 "O3'" ? ? ? 1_555 A 0DA 12 P  ? ? A 0DG 11 A 0DA 12 1_555 ? ? ? ? ? ? ?                       
1.599 ? ? 
covale12 covale both ? A 0DA 12 "O3'" ? ? ? 1_555 A 0DC 13 P  ? ? A 0DA 12 A 0DC 13 1_555 ? ? ? ? ? ? ?                       
1.614 ? ? 
covale13 covale both ? A 0DC 13 "O3'" ? ? ? 1_555 A 0DG 14 P  ? ? A 0DC 13 A 0DG 14 1_555 ? ? ? ? ? ? ?                       
1.604 ? ? 
covale14 covale both ? A 0DG 14 "O3'" ? ? ? 1_555 A 0DG 15 P  ? ? A 0DG 14 A 0DG 15 1_555 ? ? ? ? ? ? ?                       
1.610 ? ? 
covale15 covale both ? A 0DG 15 "O3'" ? ? ? 1_555 A 0DA 16 P  ? ? A 0DG 15 A 0DA 16 1_555 ? ? ? ? ? ? ?                       
1.603 ? ? 
covale16 covale both ? A 0DA 16 "O3'" ? ? ? 1_555 A 0DA 17 P  ? ? A 0DA 16 A 0DA 17 1_555 ? ? ? ? ? ? ?                       
1.607 ? ? 
covale17 covale both ? A 0DA 17 "O3'" ? ? ? 1_555 A 0DC 18 P  ? ? A 0DA 17 A 0DC 18 1_555 ? ? ? ? ? ? ?                       
1.601 ? ? 
covale18 covale both ? A 0DC 18 "O3'" ? ? ? 1_555 A 0DT 19 P  ? ? A 0DC 18 A 0DT 19 1_555 ? ? ? ? ? ? ?                       
1.607 ? ? 
covale19 covale both ? A 0DT 19 "O3'" ? ? ? 1_555 A 0DC 20 P  ? ? A 0DT 19 A 0DC 20 1_555 ? ? ? ? ? ? ?                       
1.610 ? ? 
covale20 covale both ? A 0DC 20 "O3'" ? ? ? 1_555 A 0DA 21 P  ? ? A 0DC 20 A 0DA 21 1_555 ? ? ? ? ? ? ?                       
1.609 ? ? 
covale21 covale both ? B 0DC 1  "O3'" ? ? ? 1_555 B 0DC 2  P  ? ? B 0DC 0  B 0DC 1  1_555 ? ? ? ? ? ? ?                       
1.614 ? ? 
covale22 covale both ? B 0DC 2  "O3'" ? ? ? 1_555 B 0DG 3  P  ? ? B 0DC 1  B 0DG 2  1_555 ? ? ? ? ? ? ?                       
1.589 ? ? 
covale23 covale both ? B 0DG 3  "O3'" ? ? ? 1_555 B 0DT 4  P  ? ? B 0DG 2  B 0DT 3  1_555 ? ? ? ? ? ? ?                       
1.610 ? ? 
covale24 covale both ? B 0DT 4  "O3'" ? ? ? 1_555 B 0DC 5  P  ? ? B 0DT 3  B 0DC 4  1_555 ? ? ? ? ? ? ?                       
1.605 ? ? 
covale25 covale both ? B 0DC 5  "O3'" ? ? ? 1_555 B 0DA 6  P  ? ? B 0DC 4  B 0DA 5  1_555 ? ? ? ? ? ? ?                       
1.607 ? ? 
covale26 covale both ? C 0DT 1  "O3'" ? ? ? 1_555 C 0DC 2  P  ? ? C 0DT 1  C 0DC 2  1_555 ? ? ? ? ? ? ?                       
1.619 ? ? 
covale27 covale both ? C 0DC 2  "O3'" ? ? ? 1_555 C 0DT 3  P  ? ? C 0DC 2  C 0DT 3  1_555 ? ? ? ? ? ? ?                       
1.613 ? ? 
covale28 covale both ? C 0DT 3  "O3'" ? ? ? 1_555 C 0DG 4  P  ? ? C 0DT 3  C 0DG 4  1_555 ? ? ? ? ? ? ?                       
1.607 ? ? 
covale29 covale both ? C 0DG 4  "O3'" ? ? ? 1_555 C 0DA 5  P  ? ? C 0DG 4  C 0DA 5  1_555 ? ? ? ? ? ? ?                       
1.604 ? ? 
covale30 covale both ? C 0DA 5  "O3'" ? ? ? 1_555 C 0DG 6  P  ? ? C 0DA 5  C 0DG 6  1_555 ? ? ? ? ? ? ?                       
1.608 ? ? 
covale31 covale both ? C 0DG 6  "O3'" ? ? ? 1_555 C 0DT 7  P  ? ? C 0DG 6  C 0DT 7  1_555 ? ? ? ? ? ? ?                       
1.608 ? ? 
covale32 covale both ? C 0DT 7  "O3'" ? ? ? 1_555 C 0DT 8  P  ? ? C 0DT 7  C 0DT 8  1_555 ? ? ? ? ? ? ?                       
1.602 ? ? 
covale33 covale both ? D 0DG 1  "O3'" ? ? ? 1_555 D 0DG 2  P  ? ? D 0DG 10 D 0DG 11 1_555 ? ? ? ? ? ? ?                       
1.605 ? ? 
covale34 covale both ? D 0DG 2  "O3'" ? ? ? 1_555 D 0DT 3  P  ? ? D 0DG 11 D 0DT 12 1_555 ? ? ? ? ? ? ?                       
1.603 ? ? 
covale35 covale both ? D 0DT 3  "O3'" ? ? ? 1_555 D 0DC 4  P  ? ? D 0DT 12 D 0DC 13 1_555 ? ? ? ? ? ? ?                       
1.609 ? ? 
covale36 covale both ? D 0DC 4  "O3'" ? ? ? 1_555 D 0DT 5  P  ? ? D 0DC 13 D 0DT 14 1_555 ? ? ? ? ? ? ?                       
1.615 ? ? 
covale37 covale both ? D 0DT 5  "O3'" ? ? ? 1_555 D 0DG 6  P  ? ? D 0DT 14 D 0DG 15 1_555 ? ? ? ? ? ? ?                       
1.603 ? ? 
covale38 covale both ? D 0DG 6  "O3'" ? ? ? 1_555 D 0DC 7  P  ? ? D 0DG 15 D 0DC 16 1_555 ? ? ? ? ? ? ?                       
1.619 ? ? 
hydrog1  hydrog ?    ? A 0DG 3  N1    ? ? ? 1_555 D 0DC 7  N3 ? ? A 0DG 3  D 0DC 16 1_555 ? ? ? ? ? ? WATSON-CRICK            ? ? 
? 
hydrog2  hydrog ?    ? A 0DG 3  N2    ? ? ? 1_555 D 0DC 7  O2 ? ? A 0DG 3  D 0DC 16 1_555 ? ? ? ? ? ? WATSON-CRICK            ? ? 
? 
hydrog3  hydrog ?    ? A 0DG 3  O6    ? ? ? 1_555 D 0DC 7  N4 ? ? A 0DG 3  D 0DC 16 1_555 ? ? ? ? ? ? WATSON-CRICK            ? ? 
? 
hydrog4  hydrog ?    ? A 0DC 4  N3    ? ? ? 1_555 D 0DG 6  N1 ? ? A 0DC 4  D 0DG 15 1_555 ? ? ? ? ? ? WATSON-CRICK            ? ? 
? 
hydrog5  hydrog ?    ? A 0DC 4  N4    ? ? ? 1_555 D 0DG 6  O6 ? ? A 0DC 4  D 0DG 15 1_555 ? ? ? ? ? ? WATSON-CRICK            ? ? 
? 
hydrog6  hydrog ?    ? A 0DC 4  O2    ? ? ? 1_555 D 0DG 6  N2 ? ? A 0DC 4  D 0DG 15 1_555 ? ? ? ? ? ? WATSON-CRICK            ? ? 
? 
hydrog7  hydrog ?    ? A 0DG 6  N1    ? ? ? 1_555 D 0DC 4  O2 ? ? A 0DG 6  D 0DC 13 1_555 ? ? ? ? ? ? 'REVERSED WATSON-CRICK' ? ? 
? 
hydrog8  hydrog ?    ? A 0DG 6  N2    ? ? ? 1_555 D 0DC 4  N3 ? ? A 0DG 6  D 0DC 13 1_555 ? ? ? ? ? ? 'REVERSED WATSON-CRICK' ? ? 
? 
hydrog9  hydrog ?    ? A 0DC 8  N3    ? ? ? 1_555 D 0DG 2  N1 ? ? A 0DC 8  D 0DG 11 1_555 ? ? ? ? ? ? WATSON-CRICK            ? ? 
? 
hydrog10 hydrog ?    ? A 0DC 8  N4    ? ? ? 1_555 D 0DG 2  O6 ? ? A 0DC 8  D 0DG 11 1_555 ? ? ? ? ? ? WATSON-CRICK            ? ? 
? 
hydrog11 hydrog ?    ? A 0DC 8  O2    ? ? ? 1_555 D 0DG 2  N2 ? ? A 0DC 8  D 0DG 11 1_555 ? ? ? ? ? ? WATSON-CRICK            ? ? 
? 
hydrog12 hydrog ?    ? A 0DC 9  N3    ? ? ? 1_555 D 0DG 1  N1 ? ? A 0DC 9  D 0DG 10 1_555 ? ? ? ? ? ? WATSON-CRICK            ? ? 
? 
hydrog13 hydrog ?    ? A 0DC 9  N4    ? ? ? 1_555 D 0DG 1  O6 ? ? A 0DC 9  D 0DG 10 1_555 ? ? ? ? ? ? WATSON-CRICK            ? ? 
? 
hydrog14 hydrog ?    ? A 0DC 9  O2    ? ? ? 1_555 D 0DG 1  N2 ? ? A 0DC 9  D 0DG 10 1_555 ? ? ? ? ? ? WATSON-CRICK            ? ? 
? 
hydrog15 hydrog ?    ? A 0DG 11 N1    ? ? ? 1_555 B 0DC 5  N3 ? ? A 0DG 11 B 0DC 4  1_555 ? ? ? ? ? ? WATSON-CRICK            ? ? 
? 
hydrog16 hydrog ?    ? A 0DG 11 N2    ? ? ? 1_555 B 0DC 5  O2 ? ? A 0DG 11 B 0DC 4  1_555 ? ? ? ? ? ? WATSON-CRICK            ? ? 
? 
hydrog17 hydrog ?    ? A 0DG 11 O6    ? ? ? 1_555 B 0DC 5  N4 ? ? A 0DG 11 B 0DC 4  1_555 ? ? ? ? ? ? WATSON-CRICK            ? ? 
? 
hydrog18 hydrog ?    ? A 0DC 13 N3    ? ? ? 1_555 B 0DG 3  N1 ? ? A 0DC 13 B 0DG 2  1_555 ? ? ? ? ? ? WATSON-CRICK            ? ? 
? 
hydrog19 hydrog ?    ? A 0DC 13 N4    ? ? ? 1_555 B 0DG 3  O6 ? ? A 0DC 13 B 0DG 2  1_555 ? ? ? ? ? ? WATSON-CRICK            ? ? 
? 
hydrog20 hydrog ?    ? A 0DC 13 O2    ? ? ? 1_555 B 0DG 3  N2 ? ? A 0DC 13 B 0DG 2  1_555 ? ? ? ? ? ? WATSON-CRICK            ? ? 
? 
hydrog21 hydrog ?    ? A 0DG 14 N1    ? ? ? 1_555 B 0DC 2  N3 ? ? A 0DG 14 B 0DC 1  1_555 ? ? ? ? ? ? WATSON-CRICK            ? ? 
? 
hydrog22 hydrog ?    ? A 0DG 14 N2    ? ? ? 1_555 B 0DC 2  O2 ? ? A 0DG 14 B 0DC 1  1_555 ? ? ? ? ? ? WATSON-CRICK            ? ? 
? 
hydrog23 hydrog ?    ? A 0DG 14 O6    ? ? ? 1_555 B 0DC 2  N4 ? ? A 0DG 14 B 0DC 1  1_555 ? ? ? ? ? ? WATSON-CRICK            ? ? 
? 
hydrog24 hydrog ?    ? A 0DG 15 N1    ? ? ? 1_555 B 0DC 1  O2 ? ? A 0DG 15 B 0DC 0  1_555 ? ? ? ? ? ? 'REVERSED WATSON-CRICK' ? ? 
? 
hydrog25 hydrog ?    ? A 0DG 15 N2    ? ? ? 1_555 B 0DC 1  N3 ? ? A 0DG 15 B 0DC 0  1_555 ? ? ? ? ? ? 'REVERSED WATSON-CRICK' ? ? 
? 
hydrog26 hydrog ?    ? A 0DC 18 N3    ? ? ? 1_555 C 0DG 6  N1 ? ? A 0DC 18 C 0DG 6  1_555 ? ? ? ? ? ? WATSON-CRICK            ? ? 
? 
hydrog27 hydrog ?    ? A 0DC 18 N4    ? ? ? 1_555 C 0DG 6  O6 ? ? A 0DC 18 C 0DG 6  1_555 ? ? ? ? ? ? WATSON-CRICK            ? ? 
? 
hydrog28 hydrog ?    ? A 0DC 18 O2    ? ? ? 1_555 C 0DG 6  N2 ? ? A 0DC 18 C 0DG 6  1_555 ? ? ? ? ? ? WATSON-CRICK            ? ? 
? 
hydrog29 hydrog ?    ? A 0DC 20 N3    ? ? ? 1_555 C 0DG 4  N1 ? ? A 0DC 20 C 0DG 4  1_555 ? ? ? ? ? ? WATSON-CRICK            ? ? 
? 
hydrog30 hydrog ?    ? A 0DC 20 N4    ? ? ? 1_555 C 0DG 4  O6 ? ? A 0DC 20 C 0DG 4  1_555 ? ? ? ? ? ? WATSON-CRICK            ? ? 
? 
hydrog31 hydrog ?    ? A 0DC 20 O2    ? ? ? 1_555 C 0DG 4  N2 ? ? A 0DC 20 C 0DG 4  1_555 ? ? ? ? ? ? WATSON-CRICK            ? ? 
? 
# 
loop_
_struct_conn_type.id 
_struct_conn_type.criteria 
_struct_conn_type.reference 
covale ? ? 
hydrog ? ? 
# 
loop_
_pdbx_validate_close_contact.id 
_pdbx_validate_close_contact.PDB_model_num 
_pdbx_validate_close_contact.auth_atom_id_1 
_pdbx_validate_close_contact.auth_asym_id_1 
_pdbx_validate_close_contact.auth_comp_id_1 
_pdbx_validate_close_contact.auth_seq_id_1 
_pdbx_validate_close_contact.PDB_ins_code_1 
_pdbx_validate_close_contact.label_alt_id_1 
_pdbx_validate_close_contact.auth_atom_id_2 
_pdbx_validate_close_contact.auth_asym_id_2 
_pdbx_validate_close_contact.auth_comp_id_2 
_pdbx_validate_close_contact.auth_seq_id_2 
_pdbx_validate_close_contact.PDB_ins_code_2 
_pdbx_validate_close_contact.label_alt_id_2 
_pdbx_validate_close_contact.dist 
1 1 O6 A 0DG 6  ? ? N4 D 0DC 13 ? ? 2.17 
2 1 N2 A 0DG 15 ? ? O2 B 0DC 0  ? ? 2.17 
# 
loop_
_pdbx_validate_symm_contact.id 
_pdbx_validate_symm_contact.PDB_model_num 
_pdbx_validate_symm_contact.auth_atom_id_1 
_pdbx_validate_symm_contact.auth_asym_id_1 
_pdbx_validate_symm_contact.auth_comp_id_1 
_pdbx_validate_symm_contact.auth_seq_id_1 
_pdbx_validate_symm_contact.PDB_ins_code_1 
_pdbx_validate_symm_contact.label_alt_id_1 
_pdbx_validate_symm_contact.site_symmetry_1 
_pdbx_validate_symm_contact.auth_atom_id_2 
_pdbx_validate_symm_contact.auth_asym_id_2 
_pdbx_validate_symm_contact.auth_comp_id_2 
_pdbx_validate_symm_contact.auth_seq_id_2 
_pdbx_validate_symm_contact.PDB_ins_code_2 
_pdbx_validate_symm_contact.label_alt_id_2 
_pdbx_validate_symm_contact.site_symmetry_2 
_pdbx_validate_symm_contact.dist 
1 1 OP2   B 0DC 0 ? ? 1_555 "O3'" B 0DA 5  ? ? 3_654 1.54 
2 1 "C3'" C 0DT 8 ? ? 1_555 OP2   D 0DG 10 ? ? 3_654 1.83 
3 1 "C4'" C 0DT 8 ? ? 1_555 OP2   D 0DG 10 ? ? 3_654 1.93 
4 1 "O3'" C 0DT 8 ? ? 1_555 OP2   D 0DG 10 ? ? 3_654 1.94 
# 
loop_
_pdbx_validate_rmsd_bond.id 
_pdbx_validate_rmsd_bond.PDB_model_num 
_pdbx_validate_rmsd_bond.auth_atom_id_1 
_pdbx_validate_rmsd_bond.auth_asym_id_1 
_pdbx_validate_rmsd_bond.auth_comp_id_1 
_pdbx_validate_rmsd_bond.auth_seq_id_1 
_pdbx_validate_rmsd_bond.PDB_ins_code_1 
_pdbx_validate_rmsd_bond.label_alt_id_1 
_pdbx_validate_rmsd_bond.auth_atom_id_2 
_pdbx_validate_rmsd_bond.auth_asym_id_2 
_pdbx_validate_rmsd_bond.auth_comp_id_2 
_pdbx_validate_rmsd_bond.auth_seq_id_2 
_pdbx_validate_rmsd_bond.PDB_ins_code_2 
_pdbx_validate_rmsd_bond.label_alt_id_2 
_pdbx_validate_rmsd_bond.bond_value 
_pdbx_validate_rmsd_bond.bond_target_value 
_pdbx_validate_rmsd_bond.bond_deviation 
_pdbx_validate_rmsd_bond.bond_standard_deviation 
_pdbx_validate_rmsd_bond.linker_flag 
1 1 "O3'" B 0DC 1  ? ? "C3'" B 0DC 1  ? ? 1.379 1.419 -0.040 0.006 N 
2 1 "O5'" B 0DG 2  ? ? "C5'" B 0DG 2  ? ? 1.208 1.418 -0.210 0.025 N 
3 1 "O5'" C 0DA 5  ? ? "C5'" C 0DA 5  ? ? 1.568 1.440 0.128  0.016 N 
4 1 "O5'" D 0DG 15 ? ? "C5'" D 0DG 15 ? ? 1.552 1.440 0.112  0.016 N 
# 
loop_
_pdbx_validate_rmsd_angle.id 
_pdbx_validate_rmsd_angle.PDB_model_num 
_pdbx_validate_rmsd_angle.auth_atom_id_1 
_pdbx_validate_rmsd_angle.auth_asym_id_1 
_pdbx_validate_rmsd_angle.auth_comp_id_1 
_pdbx_validate_rmsd_angle.auth_seq_id_1 
_pdbx_validate_rmsd_angle.PDB_ins_code_1 
_pdbx_validate_rmsd_angle.label_alt_id_1 
_pdbx_validate_rmsd_angle.auth_atom_id_2 
_pdbx_validate_rmsd_angle.auth_asym_id_2 
_pdbx_validate_rmsd_angle.auth_comp_id_2 
_pdbx_validate_rmsd_angle.auth_seq_id_2 
_pdbx_validate_rmsd_angle.PDB_ins_code_2 
_pdbx_validate_rmsd_angle.label_alt_id_2 
_pdbx_validate_rmsd_angle.auth_atom_id_3 
_pdbx_validate_rmsd_angle.auth_asym_id_3 
_pdbx_validate_rmsd_angle.auth_comp_id_3 
_pdbx_validate_rmsd_angle.auth_seq_id_3 
_pdbx_validate_rmsd_angle.PDB_ins_code_3 
_pdbx_validate_rmsd_angle.label_alt_id_3 
_pdbx_validate_rmsd_angle.angle_value 
_pdbx_validate_rmsd_angle.angle_target_value 
_pdbx_validate_rmsd_angle.angle_deviation 
_pdbx_validate_rmsd_angle.angle_standard_deviation 
_pdbx_validate_rmsd_angle.linker_flag 
1 1 "O5'" B 0DC 0  ? ? P     B 0DC 0  ? ? OP1   B 0DC 0  ? ? 96.63  105.70 -9.07  0.90 N 
2 1 "O4'" B 0DC 0  ? ? "C4'" B 0DC 0  ? ? "C3'" B 0DC 0  ? ? 101.19 104.50 -3.31  0.40 N 
3 1 "C1'" B 0DC 0  ? ? "O4'" B 0DC 0  ? ? "C4'" B 0DC 0  ? ? 103.33 110.10 -6.77  1.00 N 
4 1 "O4'" B 0DC 0  ? ? "C1'" B 0DC 0  ? ? N1    B 0DC 0  ? ? 111.62 108.30 3.32   0.30 N 
5 1 "O5'" B 0DC 1  ? ? "C5'" B 0DC 1  ? ? "C4'" B 0DC 1  ? ? 103.11 109.40 -6.29  0.80 N 
6 1 "O4'" B 0DC 1  ? ? "C4'" B 0DC 1  ? ? "C3'" B 0DC 1  ? ? 101.73 104.50 -2.77  0.40 N 
7 1 "O5'" B 0DG 2  ? ? "C5'" B 0DG 2  ? ? "C4'" B 0DG 2  ? ? 102.78 109.40 -6.62  0.80 N 
8 1 P     D 0DT 12 ? ? "O5'" D 0DT 12 ? ? "C5'" D 0DT 12 ? ? 108.15 120.90 -12.75 1.60 N 
# 
loop_
_chem_comp_atom.comp_id 
_chem_comp_atom.atom_id 
_chem_comp_atom.type_symbol 
_chem_comp_atom.pdbx_aromatic_flag 
_chem_comp_atom.pdbx_stereo_config 
_chem_comp_atom.pdbx_ordinal 
0DA C8A    C Y N 1   
0DA N9A    N Y N 2   
0DA C4A    C Y N 3   
0DA C5A    C Y N 4   
0DA N7A    N Y N 5   
0DA N3A    N Y N 6   
0DA C2A    C Y N 7   
0DA N1A    N Y N 8   
0DA C6A    C Y N 9   
0DA N6A    N N N 10  
0DA "C4'"  C N S 11  
0DA "O4'"  O N N 12  
0DA "C3'"  C N R 13  
0DA "C2'"  C N N 14  
0DA "C1'"  C N S 15  
0DA "O3'"  O N N 16  
0DA "C5'"  C N N 17  
0DA "O5'"  O N N 18  
0DA P      P N N 19  
0DA OP2    O N N 20  
0DA OP3    O N N 21  
0DA OP1    O N N 22  
0DA H8A    H N N 23  
0DA H2A    H N N 24  
0DA HN61   H N N 25  
0DA HN62   H N N 26  
0DA "H4'"  H N N 27  
0DA "H3'"  H N N 28  
0DA "H2'"  H N N 29  
0DA "H2''" H N N 30  
0DA "H1'"  H N N 31  
0DA "HO3'" H N N 32  
0DA "H5'"  H N N 33  
0DA "H5''" H N N 34  
0DA H2P    H N N 35  
0DA HOP3   H N N 36  
0DC OP3    O N N 37  
0DC P      P N N 38  
0DC OP1    O N N 39  
0DC OP2    O N N 40  
0DC "O5'"  O N N 41  
0DC "C5'"  C N N 42  
0DC "C4'"  C N S 43  
0DC "O4'"  O N N 44  
0DC "C3'"  C N R 45  
0DC "O3'"  O N N 46  
0DC "C2'"  C N N 47  
0DC "C1'"  C N S 48  
0DC N1     N N N 49  
0DC C2     C N N 50  
0DC O2     O N N 51  
0DC N3     N N N 52  
0DC C4     C N N 53  
0DC N4     N N N 54  
0DC C5     C N N 55  
0DC C6     C N N 56  
0DC HOP3   H N N 57  
0DC HOP2   H N N 58  
0DC "H5'"  H N N 59  
0DC "H5''" H N N 60  
0DC "H4'"  H N N 61  
0DC "H3'"  H N N 62  
0DC "HO3'" H N N 63  
0DC "H2'"  H N N 64  
0DC "H2''" H N N 65  
0DC "H1'"  H N N 66  
0DC H41    H N N 67  
0DC H42    H N N 68  
0DC H5     H N N 69  
0DC H6     H N N 70  
0DG OP3    O N N 71  
0DG P      P N N 72  
0DG OP1    O N N 73  
0DG OP2    O N N 74  
0DG "O5'"  O N N 75  
0DG "C5'"  C N N 76  
0DG "C4'"  C N S 77  
0DG "O4'"  O N N 78  
0DG "C3'"  C N R 79  
0DG "O3'"  O N N 80  
0DG "C2'"  C N N 81  
0DG "C1'"  C N S 82  
0DG N9     N Y N 83  
0DG C8     C Y N 84  
0DG N7     N Y N 85  
0DG C5     C Y N 86  
0DG C6     C N N 87  
0DG O6     O N N 88  
0DG N1     N N N 89  
0DG C2     C N N 90  
0DG N2     N N N 91  
0DG N3     N N N 92  
0DG C4     C Y N 93  
0DG HOP3   H N N 94  
0DG HOP2   H N N 95  
0DG "H5'"  H N N 96  
0DG "H5''" H N N 97  
0DG "H4'"  H N N 98  
0DG "H3'"  H N N 99  
0DG "HO3'" H N N 100 
0DG "H2'"  H N N 101 
0DG "H2''" H N N 102 
0DG "H1'"  H N N 103 
0DG H8     H N N 104 
0DG H1     H N N 105 
0DG H21    H N N 106 
0DG H22    H N N 107 
0DT OP3    O N N 108 
0DT P      P N N 109 
0DT OP1    O N N 110 
0DT OP2    O N N 111 
0DT "O5'"  O N N 112 
0DT "C5'"  C N N 113 
0DT "C4'"  C N S 114 
0DT "O4'"  O N N 115 
0DT "C3'"  C N R 116 
0DT "O3'"  O N N 117 
0DT "C2'"  C N N 118 
0DT "C1'"  C N S 119 
0DT N1     N N N 120 
0DT C2     C N N 121 
0DT O2     O N N 122 
0DT N3     N N N 123 
0DT C4     C N N 124 
0DT O4     O N N 125 
0DT C5     C N N 126 
0DT C5M    C N N 127 
0DT C6     C N N 128 
0DT HOP3   H N N 129 
0DT HOP2   H N N 130 
0DT "H5'"  H N N 131 
0DT "H5''" H N N 132 
0DT "H4'"  H N N 133 
0DT "H3'"  H N N 134 
0DT "HO3'" H N N 135 
0DT "H2'"  H N N 136 
0DT "H2''" H N N 137 
0DT "H1'"  H N N 138 
0DT H3     H N N 139 
0DT H71    H N N 140 
0DT H72    H N N 141 
0DT H73    H N N 142 
0DT H6     H N N 143 
# 
loop_
_chem_comp_bond.comp_id 
_chem_comp_bond.atom_id_1 
_chem_comp_bond.atom_id_2 
_chem_comp_bond.value_order 
_chem_comp_bond.pdbx_aromatic_flag 
_chem_comp_bond.pdbx_stereo_config 
_chem_comp_bond.pdbx_ordinal 
0DA C8A   N9A    sing Y N 1   
0DA C8A   N7A    doub Y N 2   
0DA N9A   C4A    sing Y N 3   
0DA N9A   "C1'"  sing N N 4   
0DA C4A   C5A    doub Y N 5   
0DA C4A   N3A    sing Y N 6   
0DA C5A   N7A    sing Y N 7   
0DA C5A   C6A    sing Y N 8   
0DA N3A   C2A    doub Y N 9   
0DA C2A   N1A    sing Y N 10  
0DA N1A   C6A    doub Y N 11  
0DA C6A   N6A    sing N N 12  
0DA "C4'" "O4'"  sing N N 13  
0DA "C4'" "C3'"  sing N N 14  
0DA "O4'" "C1'"  sing N N 15  
0DA "C3'" "C2'"  sing N N 16  
0DA "C2'" "C1'"  sing N N 17  
0DA "C3'" "O3'"  sing N N 18  
0DA "C4'" "C5'"  sing N N 19  
0DA "C5'" "O5'"  sing N N 20  
0DA "O5'" P      sing N N 21  
0DA P     OP2    sing N N 22  
0DA P     OP3    sing N N 23  
0DA P     OP1    doub N N 24  
0DA C8A   H8A    sing N N 25  
0DA C2A   H2A    sing N N 26  
0DA N6A   HN61   sing N N 27  
0DA N6A   HN62   sing N N 28  
0DA "C4'" "H4'"  sing N N 29  
0DA "C3'" "H3'"  sing N N 30  
0DA "C2'" "H2'"  sing N N 31  
0DA "C2'" "H2''" sing N N 32  
0DA "C1'" "H1'"  sing N N 33  
0DA "O3'" "HO3'" sing N N 34  
0DA "C5'" "H5'"  sing N N 35  
0DA "C5'" "H5''" sing N N 36  
0DA OP2   H2P    sing N N 37  
0DA OP3   HOP3   sing N N 38  
0DC OP3   P      sing N N 39  
0DC OP3   HOP3   sing N N 40  
0DC P     OP1    doub N N 41  
0DC P     OP2    sing N N 42  
0DC P     "O5'"  sing N N 43  
0DC OP2   HOP2   sing N N 44  
0DC "O5'" "C5'"  sing N N 45  
0DC "C5'" "C4'"  sing N N 46  
0DC "C5'" "H5'"  sing N N 47  
0DC "C5'" "H5''" sing N N 48  
0DC "C4'" "O4'"  sing N N 49  
0DC "C4'" "C3'"  sing N N 50  
0DC "C4'" "H4'"  sing N N 51  
0DC "O4'" "C1'"  sing N N 52  
0DC "C3'" "O3'"  sing N N 53  
0DC "C3'" "C2'"  sing N N 54  
0DC "C3'" "H3'"  sing N N 55  
0DC "O3'" "HO3'" sing N N 56  
0DC "C2'" "C1'"  sing N N 57  
0DC "C2'" "H2'"  sing N N 58  
0DC "C2'" "H2''" sing N N 59  
0DC "C1'" N1     sing N N 60  
0DC "C1'" "H1'"  sing N N 61  
0DC N1    C2     sing N N 62  
0DC N1    C6     sing N N 63  
0DC C2    O2     doub N N 64  
0DC C2    N3     sing N N 65  
0DC N3    C4     doub N N 66  
0DC C4    N4     sing N N 67  
0DC C4    C5     sing N N 68  
0DC N4    H41    sing N N 69  
0DC N4    H42    sing N N 70  
0DC C5    C6     doub N N 71  
0DC C5    H5     sing N N 72  
0DC C6    H6     sing N N 73  
0DG OP3   P      sing N N 74  
0DG OP3   HOP3   sing N N 75  
0DG P     OP1    doub N N 76  
0DG P     OP2    sing N N 77  
0DG P     "O5'"  sing N N 78  
0DG OP2   HOP2   sing N N 79  
0DG "O5'" "C5'"  sing N N 80  
0DG "C5'" "C4'"  sing N N 81  
0DG "C5'" "H5'"  sing N N 82  
0DG "C5'" "H5''" sing N N 83  
0DG "C4'" "O4'"  sing N N 84  
0DG "C4'" "C3'"  sing N N 85  
0DG "C4'" "H4'"  sing N N 86  
0DG "O4'" "C1'"  sing N N 87  
0DG "C3'" "O3'"  sing N N 88  
0DG "C3'" "C2'"  sing N N 89  
0DG "C3'" "H3'"  sing N N 90  
0DG "O3'" "HO3'" sing N N 91  
0DG "C2'" "C1'"  sing N N 92  
0DG "C2'" "H2'"  sing N N 93  
0DG "C2'" "H2''" sing N N 94  
0DG "C1'" N9     sing N N 95  
0DG "C1'" "H1'"  sing N N 96  
0DG N9    C8     sing Y N 97  
0DG N9    C4     sing Y N 98  
0DG C8    N7     doub Y N 99  
0DG C8    H8     sing N N 100 
0DG N7    C5     sing Y N 101 
0DG C5    C6     sing N N 102 
0DG C5    C4     doub Y N 103 
0DG C6    O6     doub N N 104 
0DG C6    N1     sing N N 105 
0DG N1    C2     sing N N 106 
0DG N1    H1     sing N N 107 
0DG C2    N2     sing N N 108 
0DG C2    N3     doub N N 109 
0DG N2    H21    sing N N 110 
0DG N2    H22    sing N N 111 
0DG N3    C4     sing N N 112 
0DT OP3   P      sing N N 113 
0DT OP3   HOP3   sing N N 114 
0DT P     OP1    doub N N 115 
0DT P     OP2    sing N N 116 
0DT P     "O5'"  sing N N 117 
0DT OP2   HOP2   sing N N 118 
0DT "O5'" "C5'"  sing N N 119 
0DT "C5'" "C4'"  sing N N 120 
0DT "C5'" "H5'"  sing N N 121 
0DT "C5'" "H5''" sing N N 122 
0DT "C4'" "O4'"  sing N N 123 
0DT "C4'" "C3'"  sing N N 124 
0DT "C4'" "H4'"  sing N N 125 
0DT "O4'" "C1'"  sing N N 126 
0DT "C3'" "O3'"  sing N N 127 
0DT "C3'" "C2'"  sing N N 128 
0DT "C3'" "H3'"  sing N N 129 
0DT "O3'" "HO3'" sing N N 130 
0DT "C2'" "C1'"  sing N N 131 
0DT "C2'" "H2'"  sing N N 132 
0DT "C2'" "H2''" sing N N 133 
0DT "C1'" N1     sing N N 134 
0DT "C1'" "H1'"  sing N N 135 
0DT N1    C2     sing N N 136 
0DT N1    C6     sing N N 137 
0DT C2    O2     doub N N 138 
0DT C2    N3     sing N N 139 
0DT N3    C4     sing N N 140 
0DT N3    H3     sing N N 141 
0DT C4    O4     doub N N 142 
0DT C4    C5     sing N N 143 
0DT C5    C5M    sing N N 144 
0DT C5    C6     doub N N 145 
0DT C5M   H71    sing N N 146 
0DT C5M   H72    sing N N 147 
0DT C5M   H73    sing N N 148 
0DT C6    H6     sing N N 149 
# 
_ndb_struct_conf_na.entry_id   5VY7 
_ndb_struct_conf_na.feature    'z-form double helix' 
# 
loop_
_ndb_struct_na_base_pair.model_number 
_ndb_struct_na_base_pair.i_label_asym_id 
_ndb_struct_na_base_pair.i_label_comp_id 
_ndb_struct_na_base_pair.i_label_seq_id 
_ndb_struct_na_base_pair.i_symmetry 
_ndb_struct_na_base_pair.j_label_asym_id 
_ndb_struct_na_base_pair.j_label_comp_id 
_ndb_struct_na_base_pair.j_label_seq_id 
_ndb_struct_na_base_pair.j_symmetry 
_ndb_struct_na_base_pair.shear 
_ndb_struct_na_base_pair.stretch 
_ndb_struct_na_base_pair.stagger 
_ndb_struct_na_base_pair.buckle 
_ndb_struct_na_base_pair.propeller 
_ndb_struct_na_base_pair.opening 
_ndb_struct_na_base_pair.pair_number 
_ndb_struct_na_base_pair.pair_name 
_ndb_struct_na_base_pair.i_auth_asym_id 
_ndb_struct_na_base_pair.i_auth_seq_id 
_ndb_struct_na_base_pair.i_PDB_ins_code 
_ndb_struct_na_base_pair.j_auth_asym_id 
_ndb_struct_na_base_pair.j_auth_seq_id 
_ndb_struct_na_base_pair.j_PDB_ins_code 
_ndb_struct_na_base_pair.hbond_type_28 
_ndb_struct_na_base_pair.hbond_type_12 
1 A 0DG 3  1_555 D 0DC 7 1_555 -1.273 -0.067 0.754  -0.648  11.126 3.522  1  A_0DG3:0DC16_D A 3  ? D 16 ? 19 1 
1 A 0DC 4  1_555 D 0DG 6 1_555 1.004  0.107  0.458  -6.496  3.208  -2.057 2  A_0DC4:0DG15_D A 4  ? D 15 ? 19 1 
1 A 0DG 6  1_555 D 0DC 4 1_555 -0.276 -0.486 0.214  -2.931  3.570  11.490 3  A_0DG6:0DC13_D A 6  ? D 13 ? 22 1 
1 A 0DC 8  1_555 D 0DG 2 1_555 -0.654 -0.604 -0.315 12.262  -0.291 4.843  4  A_0DC8:0DG11_D A 8  ? D 11 ? 19 1 
1 A 0DC 9  1_555 D 0DG 1 1_555 0.283  -0.503 0.038  7.740   4.299  0.949  5  A_0DC9:0DG10_D A 9  ? D 10 ? 19 1 
1 A 0DG 11 1_555 B 0DC 5 1_555 -0.520 0.185  0.452  12.098  -1.579 -3.854 6  A_0DG11:0DC4_B A 11 ? B 4  ? 19 1 
1 A 0DC 13 1_555 B 0DG 3 1_555 -0.138 -0.516 0.648  0.293   2.703  9.166  7  A_0DC13:0DG2_B A 13 ? B 2  ? 19 1 
1 A 0DG 14 1_555 B 0DC 2 1_555 -0.341 -0.434 0.573  5.456   21.989 12.223 8  A_0DG14:0DC1_B A 14 ? B 1  ? 19 1 
1 A 0DG 15 1_555 B 0DC 1 1_555 -0.091 -0.296 -0.065 -5.457  7.564  -9.130 9  A_0DG15:0DC0_B A 15 ? B 0  ? 22 1 
1 A 0DC 18 1_555 C 0DG 6 1_555 0.722  -0.492 0.159  -3.326  -3.747 0.012  10 A_0DC18:0DG6_C A 18 ? C 6  ? 19 1 
1 A 0DC 20 1_555 C 0DG 4 1_555 -0.197 -0.423 -0.145 -10.998 -4.410 6.541  11 A_0DC20:0DG4_C A 20 ? C 4  ? 19 1 
# 
loop_
_ndb_struct_na_base_pair_step.model_number 
_ndb_struct_na_base_pair_step.i_label_asym_id_1 
_ndb_struct_na_base_pair_step.i_label_comp_id_1 
_ndb_struct_na_base_pair_step.i_label_seq_id_1 
_ndb_struct_na_base_pair_step.i_symmetry_1 
_ndb_struct_na_base_pair_step.j_label_asym_id_1 
_ndb_struct_na_base_pair_step.j_label_comp_id_1 
_ndb_struct_na_base_pair_step.j_label_seq_id_1 
_ndb_struct_na_base_pair_step.j_symmetry_1 
_ndb_struct_na_base_pair_step.i_label_asym_id_2 
_ndb_struct_na_base_pair_step.i_label_comp_id_2 
_ndb_struct_na_base_pair_step.i_label_seq_id_2 
_ndb_struct_na_base_pair_step.i_symmetry_2 
_ndb_struct_na_base_pair_step.j_label_asym_id_2 
_ndb_struct_na_base_pair_step.j_label_comp_id_2 
_ndb_struct_na_base_pair_step.j_label_seq_id_2 
_ndb_struct_na_base_pair_step.j_symmetry_2 
_ndb_struct_na_base_pair_step.shift 
_ndb_struct_na_base_pair_step.slide 
_ndb_struct_na_base_pair_step.rise 
_ndb_struct_na_base_pair_step.tilt 
_ndb_struct_na_base_pair_step.roll 
_ndb_struct_na_base_pair_step.twist 
_ndb_struct_na_base_pair_step.x_displacement 
_ndb_struct_na_base_pair_step.y_displacement 
_ndb_struct_na_base_pair_step.helical_rise 
_ndb_struct_na_base_pair_step.inclination 
_ndb_struct_na_base_pair_step.tip 
_ndb_struct_na_base_pair_step.helical_twist 
_ndb_struct_na_base_pair_step.step_number 
_ndb_struct_na_base_pair_step.step_name 
_ndb_struct_na_base_pair_step.i_auth_asym_id_1 
_ndb_struct_na_base_pair_step.i_auth_seq_id_1 
_ndb_struct_na_base_pair_step.i_PDB_ins_code_1 
_ndb_struct_na_base_pair_step.j_auth_asym_id_1 
_ndb_struct_na_base_pair_step.j_auth_seq_id_1 
_ndb_struct_na_base_pair_step.j_PDB_ins_code_1 
_ndb_struct_na_base_pair_step.i_auth_asym_id_2 
_ndb_struct_na_base_pair_step.i_auth_seq_id_2 
_ndb_struct_na_base_pair_step.i_PDB_ins_code_2 
_ndb_struct_na_base_pair_step.j_auth_asym_id_2 
_ndb_struct_na_base_pair_step.j_auth_seq_id_2 
_ndb_struct_na_base_pair_step.j_PDB_ins_code_2 
1 A 0DG 3  1_555 D 0DC 7 1_555 A 0DC 4  1_555 D 0DG 6 1_555 -0.697 -0.929 3.320 4.704  -2.889  -26.432 2.742  -0.271 3.274 6.233  
10.147 -26.992 1 AA_0DG30DC4:0DG150DC16_DD A 3  ? D 16 ? A 4  ? D 15 ? 
1 A 0DC 4  1_555 D 0DG 6 1_555 A 0DG 6  1_555 D 0DC 4 1_555 -0.285 -0.225 6.747 1.607  0.801   -67.751 0.139  -0.129 6.754 -0.718 
1.441  -67.772 2 AA_0DC40DG6:0DC130DG15_DD A 4  ? D 15 ? A 6  ? D 13 ? 
1 A 0DG 6  1_555 D 0DC 4 1_555 A 0DC 8  1_555 D 0DG 2 1_555 -1.051 -2.016 5.820 1.148  -10.007 -73.318 2.229  -0.811 5.559 8.342  
0.957  -73.911 3 AA_0DG60DC8:0DG110DC13_DD A 6  ? D 13 ? A 8  ? D 11 ? 
1 A 0DC 8  1_555 D 0DG 2 1_555 A 0DC 9  1_555 D 0DG 1 1_555 0.254  -2.012 3.632 -5.120 3.021   -31.010 3.056  -0.623 3.798 -5.585 
-9.467 -31.561 4 AA_0DC80DC9:0DG100DG11_DD A 8  ? D 11 ? A 9  ? D 10 ? 
1 A 0DC 9  1_555 D 0DG 1 1_555 A 0DG 11 1_555 B 0DC 5 1_555 1.435  -0.850 6.867 -1.550 -1.141  -55.571 1.050  1.349  6.884 1.223  
-1.662 -55.601 5 AA_0DC90DG11:0DC40DG10_BD A 9  ? D 10 ? A 11 ? B 4  ? 
1 A 0DG 11 1_555 B 0DC 5 1_555 A 0DC 13 1_555 B 0DG 3 1_555 -0.409 -1.005 6.649 0.450  -10.791 -74.310 1.492  -0.308 6.477 8.888  
0.370  -74.978 6 AA_0DG110DC13:0DG20DC4_BB A 11 ? B 4  ? A 13 ? B 2  ? 
1 A 0DC 13 1_555 B 0DG 3 1_555 A 0DG 14 1_555 B 0DC 2 1_555 0.593  -0.387 3.215 -1.336 -5.837  -30.521 1.813  0.856  3.112 10.955 
-2.507 -31.089 7 AA_0DC130DG14:0DC10DG2_BB A 13 ? B 2  ? A 14 ? B 1  ? 
1 A 0DG 14 1_555 B 0DC 2 1_555 A 0DG 15 1_555 B 0DC 1 1_555 -0.699 -0.009 3.791 -2.683 -0.574  -34.946 0.113  -1.625 3.728 0.954  
-4.459 -35.050 8 AA_0DG140DG15:0DC00DC1_BB A 14 ? B 1  ? A 15 ? B 0  ? 
1 A 0DC 18 1_555 C 0DG 6 1_555 A 0DC 20 1_555 C 0DG 4 1_555 0.368  0.902  7.028 7.065  -2.114  -80.752 -0.577 0.674  7.001 1.628  
5.443  -81.031 9 AA_0DC180DC20:0DG40DG6_CC A 18 ? C 6  ? A 20 ? C 4  ? 
# 
_atom_sites.entry_id                    5VY7 
_atom_sites.fract_transf_matrix[1][1]   0.00454684 
_atom_sites.fract_transf_matrix[1][2]   -0.01561467 
_atom_sites.fract_transf_matrix[1][3]   -0.00435620 
_atom_sites.fract_transf_matrix[2][1]   0.00926105 
_atom_sites.fract_transf_matrix[2][2]   -0.00252077 
_atom_sites.fract_transf_matrix[2][3]   -0.01383219 
_atom_sites.fract_transf_matrix[3][1]   0.01498246 
_atom_sites.fract_transf_matrix[3][2]   0.00164802 
_atom_sites.fract_transf_matrix[3][3]   0.00973086 
_atom_sites.fract_transf_vector[1]      0.244230 
_atom_sites.fract_transf_vector[2]      -0.284106 
_atom_sites.fract_transf_vector[3]      -0.404256 
# 
loop_
_atom_type.symbol 
C 
N 
O 
P 
# 
loop_
_atom_site.group_PDB 
_atom_site.id 
_atom_site.type_symbol 
_atom_site.label_atom_id 
_atom_site.label_alt_id 
_atom_site.label_comp_id 
_atom_site.label_asym_id 
_atom_site.label_entity_id 
_atom_site.label_seq_id 
_atom_site.pdbx_PDB_ins_code 
_atom_site.Cartn_x 
_atom_site.Cartn_y 
_atom_site.Cartn_z 
_atom_site.occupancy 
_atom_site.B_iso_or_equiv 
_atom_site.pdbx_formal_charge 
_atom_site.auth_seq_id 
_atom_site.auth_comp_id 
_atom_site.auth_asym_id 
_atom_site.auth_atom_id 
_atom_site.pdbx_PDB_model_num 
HETATM 1   C "C4'" . 0DG A 1 1  ? -22.054 16.177  23.497  1.00 34.42 ? 1  0DG A "C4'" 1 
HETATM 2   O "O4'" . 0DG A 1 1  ? -22.237 17.494  22.963  1.00 35.75 ? 1  0DG A "O4'" 1 
HETATM 3   C "C3'" . 0DG A 1 1  ? -20.545 16.018  23.509  1.00 39.15 ? 1  0DG A "C3'" 1 
HETATM 4   O "O3'" . 0DG A 1 1  ? -20.158 15.046  24.463  1.00 48.18 ? 1  0DG A "O3'" 1 
HETATM 5   C "C2'" . 0DG A 1 1  ? -20.055 17.415  23.909  1.00 34.06 ? 1  0DG A "C2'" 1 
HETATM 6   C "C1'" . 0DG A 1 1  ? -21.191 18.322  23.430  1.00 32.06 ? 1  0DG A "C1'" 1 
HETATM 7   N N9    . 0DG A 1 1  ? -20.821 19.239  22.373  1.00 26.34 ? 1  0DG A N9    1 
HETATM 8   C C8    . 0DG A 1 1  ? -21.524 19.481  21.219  1.00 24.84 ? 1  0DG A C8    1 
HETATM 9   N N7    . 0DG A 1 1  ? -20.981 20.389  20.461  1.00 23.05 ? 1  0DG A N7    1 
HETATM 10  C C5    . 0DG A 1 1  ? -19.837 20.770  21.161  1.00 23.94 ? 1  0DG A C5    1 
HETATM 11  C C6    . 0DG A 1 1  ? -18.841 21.713  20.816  1.00 23.62 ? 1  0DG A C6    1 
HETATM 12  O O6    . 0DG A 1 1  ? -18.777 22.406  19.807  1.00 21.65 ? 1  0DG A O6    1 
HETATM 13  N N1    . 0DG A 1 1  ? -17.846 21.808  21.797  1.00 22.20 ? 1  0DG A N1    1 
HETATM 14  C C2    . 0DG A 1 1  ? -17.831 21.066  22.960  1.00 28.93 ? 1  0DG A C2    1 
HETATM 15  N N2    . 0DG A 1 1  ? -16.798 21.286  23.793  1.00 29.85 ? 1  0DG A N2    1 
HETATM 16  N N3    . 0DG A 1 1  ? -18.768 20.167  23.290  1.00 28.07 ? 1  0DG A N3    1 
HETATM 17  C C4    . 0DG A 1 1  ? -19.732 20.068  22.333  1.00 25.96 ? 1  0DG A C4    1 
HETATM 18  C C8A   . 0DA A 1 2  ? -17.453 16.450  21.830  1.00 35.81 ? 2  0DA A C8A   1 
HETATM 19  N N9A   . 0DA A 1 2  ? -16.339 17.174  22.194  1.00 35.02 ? 2  0DA A N9A   1 
HETATM 20  C C4A   . 0DA A 1 2  ? -16.291 18.246  21.347  1.00 28.16 ? 2  0DA A C4A   1 
HETATM 21  C C5A   . 0DA A 1 2  ? -17.379 18.115  20.508  1.00 27.15 ? 2  0DA A C5A   1 
HETATM 22  N N7A   . 0DA A 1 2  ? -18.105 16.971  20.810  1.00 31.58 ? 2  0DA A N7A   1 
HETATM 23  N N3A   . 0DA A 1 2  ? -15.376 19.224  21.336  1.00 30.60 ? 2  0DA A N3A   1 
HETATM 24  C C2A   . 0DA A 1 2  ? -15.630 20.110  20.369  1.00 30.77 ? 2  0DA A C2A   1 
HETATM 25  N N1A   . 0DA A 1 2  ? -16.630 20.114  19.483  1.00 28.25 ? 2  0DA A N1A   1 
HETATM 26  C C6A   . 0DA A 1 2  ? -17.544 19.115  19.530  1.00 29.62 ? 2  0DA A C6A   1 
HETATM 27  N N6A   . 0DA A 1 2  ? -18.542 19.109  18.645  1.00 29.93 ? 2  0DA A N6A   1 
HETATM 28  C "C4'" . 0DA A 1 2  ? -15.724 15.831  25.333  1.00 43.61 ? 2  0DA A "C4'" 1 
HETATM 29  O "O4'" . 0DA A 1 2  ? -16.128 16.941  24.493  1.00 40.76 ? 2  0DA A "O4'" 1 
HETATM 30  C "C3'" . 0DA A 1 2  ? -14.463 15.292  24.667  1.00 49.34 ? 2  0DA A "C3'" 1 
HETATM 31  C "C2'" . 0DA A 1 2  ? -14.792 15.507  23.202  1.00 44.01 ? 2  0DA A "C2'" 1 
HETATM 32  C "C1'" . 0DA A 1 2  ? -15.412 16.891  23.272  1.00 38.10 ? 2  0DA A "C1'" 1 
HETATM 33  O "O3'" . 0DA A 1 2  ? -13.327 16.092  25.063  1.00 54.72 ? 2  0DA A "O3'" 1 
HETATM 34  C "C5'" . 0DA A 1 2  ? -16.880 14.853  25.437  1.00 39.25 ? 2  0DA A "C5'" 1 
HETATM 35  O "O5'" . 0DA A 1 2  ? -17.622 14.831  24.216  1.00 39.21 ? 2  0DA A "O5'" 1 
HETATM 36  P P     . 0DA A 1 2  ? -18.993 13.996  24.097  1.00 52.91 ? 2  0DA A P     1 
HETATM 37  O OP2   . 0DA A 1 2  ? -19.069 12.918  25.130  1.00 34.21 ? 2  0DA A OP2   1 
HETATM 38  O OP1   . 0DA A 1 2  ? -19.103 13.737  22.636  1.00 43.58 ? 2  0DA A OP1   1 
HETATM 39  P P     . 0DG A 1 3  ? -11.858 15.792  24.472  1.00 57.80 ? 3  0DG A P     1 
HETATM 40  O OP1   . 0DG A 1 3  ? -11.900 14.432  23.892  1.00 54.80 ? 3  0DG A OP1   1 
HETATM 41  O OP2   . 0DG A 1 3  ? -10.848 16.110  25.514  1.00 52.70 ? 3  0DG A OP2   1 
HETATM 42  O "O5'" . 0DG A 1 3  ? -11.678 16.880  23.313  1.00 47.27 ? 3  0DG A "O5'" 1 
HETATM 43  C "C5'" . 0DG A 1 3  ? -10.750 17.912  23.496  1.00 47.82 ? 3  0DG A "C5'" 1 
HETATM 44  C "C4'" . 0DG A 1 3  ? -10.684 18.803  22.275  1.00 51.08 ? 3  0DG A "C4'" 1 
HETATM 45  O "O4'" . 0DG A 1 3  ? -11.892 18.679  21.512  1.00 49.55 ? 3  0DG A "O4'" 1 
HETATM 46  C "C3'" . 0DG A 1 3  ? -9.542  18.502  21.307  1.00 49.43 ? 3  0DG A "C3'" 1 
HETATM 47  O "O3'" . 0DG A 1 3  ? -8.580  19.544  21.414  1.00 57.58 ? 3  0DG A "O3'" 1 
HETATM 48  C "C2'" . 0DG A 1 3  ? -10.210 18.482  19.914  1.00 43.59 ? 3  0DG A "C2'" 1 
HETATM 49  C "C1'" . 0DG A 1 3  ? -11.609 19.026  20.186  1.00 40.11 ? 3  0DG A "C1'" 1 
HETATM 50  N N9    . 0DG A 1 3  ? -12.652 18.434  19.361  1.00 33.44 ? 3  0DG A N9    1 
HETATM 51  C C8    . 0DG A 1 3  ? -13.347 17.275  19.624  1.00 32.72 ? 3  0DG A C8    1 
HETATM 52  N N7    . 0DG A 1 3  ? -14.250 16.993  18.726  1.00 29.91 ? 3  0DG A N7    1 
HETATM 53  C C5    . 0DG A 1 3  ? -14.155 18.037  17.816  1.00 30.66 ? 3  0DG A C5    1 
HETATM 54  C C6    . 0DG A 1 3  ? -14.881 18.273  16.630  1.00 30.55 ? 3  0DG A C6    1 
HETATM 55  O O6    . 0DG A 1 3  ? -15.787 17.578  16.130  1.00 30.03 ? 3  0DG A O6    1 
HETATM 56  N N1    . 0DG A 1 3  ? -14.469 19.451  16.005  1.00 28.28 ? 3  0DG A N1    1 
HETATM 57  C C2    . 0DG A 1 3  ? -13.484 20.287  16.476  1.00 29.32 ? 3  0DG A C2    1 
HETATM 58  N N2    . 0DG A 1 3  ? -13.226 21.376  15.738  1.00 27.85 ? 3  0DG A N2    1 
HETATM 59  N N3    . 0DG A 1 3  ? -12.790 20.071  17.583  1.00 28.83 ? 3  0DG A N3    1 
HETATM 60  C C4    . 0DG A 1 3  ? -13.178 18.937  18.199  1.00 29.73 ? 3  0DG A C4    1 
HETATM 61  P P     . 0DC A 1 4  ? -7.093  19.351  20.844  1.00 65.08 ? 4  0DC A P     1 
HETATM 62  O OP1   . 0DC A 1 4  ? -6.715  17.928  21.010  1.00 51.90 ? 4  0DC A OP1   1 
HETATM 63  O OP2   . 0DC A 1 4  ? -6.279  20.473  21.385  1.00 51.80 ? 4  0DC A OP2   1 
HETATM 64  O "O5'" . 0DC A 1 4  ? -7.254  19.663  19.302  1.00 45.83 ? 4  0DC A "O5'" 1 
HETATM 65  C "C5'" . 0DC A 1 4  ? -7.576  20.974  18.923  1.00 47.60 ? 4  0DC A "C5'" 1 
HETATM 66  C "C4'" . 0DC A 1 4  ? -7.745  21.052  17.432  1.00 50.18 ? 4  0DC A "C4'" 1 
HETATM 67  O "O4'" . 0DC A 1 4  ? -9.006  20.440  17.057  1.00 48.47 ? 4  0DC A "O4'" 1 
HETATM 68  C "C3'" . 0DC A 1 4  ? -6.675  20.302  16.644  1.00 46.69 ? 4  0DC A "C3'" 1 
HETATM 69  O "O3'" . 0DC A 1 4  ? -6.162  21.135  15.632  1.00 46.06 ? 4  0DC A "O3'" 1 
HETATM 70  C "C2'" . 0DC A 1 4  ? -7.435  19.105  16.065  1.00 42.95 ? 4  0DC A "C2'" 1 
HETATM 71  C "C1'" . 0DC A 1 4  ? -8.795  19.732  15.873  1.00 38.86 ? 4  0DC A "C1'" 1 
HETATM 72  N N1    . 0DC A 1 4  ? -9.903  18.775  15.692  1.00 35.44 ? 4  0DC A N1    1 
HETATM 73  C C2    . 0DC A 1 4  ? -10.768 18.942  14.604  1.00 33.47 ? 4  0DC A C2    1 
HETATM 74  O O2    . 0DC A 1 4  ? -10.573 19.888  13.814  1.00 29.22 ? 4  0DC A O2    1 
HETATM 75  N N3    . 0DC A 1 4  ? -11.796 18.057  14.446  1.00 32.04 ? 4  0DC A N3    1 
HETATM 76  C C4    . 0DC A 1 4  ? -11.966 17.063  15.322  1.00 30.83 ? 4  0DC A C4    1 
HETATM 77  N N4    . 0DC A 1 4  ? -12.990 16.225  15.125  1.00 28.66 ? 4  0DC A N4    1 
HETATM 78  C C5    . 0DC A 1 4  ? -11.095 16.886  16.438  1.00 31.37 ? 4  0DC A C5    1 
HETATM 79  C C6    . 0DC A 1 4  ? -10.087 17.760  16.584  1.00 34.84 ? 4  0DC A C6    1 
HETATM 80  C C8A   . 0DA A 1 5  ? -7.044  18.302  13.122  1.00 37.14 ? 5  0DA A C8A   1 
HETATM 81  N N9A   . 0DA A 1 5  ? -7.442  19.009  12.025  1.00 34.30 ? 5  0DA A N9A   1 
HETATM 82  C C4A   . 0DA A 1 5  ? -8.565  18.370  11.551  1.00 34.97 ? 5  0DA A C4A   1 
HETATM 83  C C5A   . 0DA A 1 5  ? -8.778  17.299  12.408  1.00 34.79 ? 5  0DA A C5A   1 
HETATM 84  N N7A   . 0DA A 1 5  ? -7.810  17.270  13.400  1.00 35.57 ? 5  0DA A N7A   1 
HETATM 85  N N3A   . 0DA A 1 5  ? -9.303  18.706  10.481  1.00 34.18 ? 5  0DA A N3A   1 
HETATM 86  C C2A   . 0DA A 1 5  ? -10.324 17.849  10.326  1.00 35.85 ? 5  0DA A C2A   1 
HETATM 87  N N1A   . 0DA A 1 5  ? -10.655 16.777  11.065  1.00 30.26 ? 5  0DA A N1A   1 
HETATM 88  C C6A   . 0DA A 1 5  ? -9.892  16.469  12.136  1.00 31.90 ? 5  0DA A C6A   1 
HETATM 89  N N6A   . 0DA A 1 5  ? -10.222 15.408  12.881  1.00 31.42 ? 5  0DA A N6A   1 
HETATM 90  C "C4'" . 0DA A 1 5  ? -5.874  22.208  12.119  1.00 48.31 ? 5  0DA A "C4'" 1 
HETATM 91  O "O4'" . 0DA A 1 5  ? -6.896  21.223  12.414  1.00 48.57 ? 5  0DA A "O4'" 1 
HETATM 92  C "C3'" . 0DA A 1 5  ? -4.827  21.483  11.260  1.00 51.31 ? 5  0DA A "C3'" 1 
HETATM 93  C "C2'" . 0DA A 1 5  ? -5.315  20.027  11.227  1.00 45.42 ? 5  0DA A "C2'" 1 
HETATM 94  C "C1'" . 0DA A 1 5  ? -6.803  20.191  11.470  1.00 42.48 ? 5  0DA A "C1'" 1 
HETATM 95  O "O3'" . 0DA A 1 5  ? -4.809  22.038  9.957   1.00 55.47 ? 5  0DA A "O3'" 1 
HETATM 96  C "C5'" . 0DA A 1 5  ? -5.362  22.842  13.415  1.00 43.32 ? 5  0DA A "C5'" 1 
HETATM 97  O "O5'" . 0DA A 1 5  ? -4.357  22.029  14.051  1.00 46.27 ? 5  0DA A "O5'" 1 
HETATM 98  P P     . 0DA A 1 5  ? -4.771  20.738  14.934  1.00 53.28 ? 5  0DA A P     1 
HETATM 99  O OP2   . 0DA A 1 5  ? -3.793  20.517  16.035  1.00 47.41 ? 5  0DA A OP2   1 
HETATM 100 O OP1   . 0DA A 1 5  ? -5.084  19.613  14.029  1.00 48.23 ? 5  0DA A OP1   1 
HETATM 101 P P     . 0DG A 1 6  ? -3.937  21.340  8.804   1.00 70.23 ? 6  0DG A P     1 
HETATM 102 O OP1   . 0DG A 1 6  ? -2.698  20.837  9.448   1.00 66.09 ? 6  0DG A OP1   1 
HETATM 103 O OP2   . 0DG A 1 6  ? -3.868  22.262  7.642   1.00 47.51 ? 6  0DG A OP2   1 
HETATM 104 O "O5'" . 0DG A 1 6  ? -4.809  20.065  8.375   1.00 62.47 ? 6  0DG A "O5'" 1 
HETATM 105 C "C5'" . 0DG A 1 6  ? -4.911  19.706  7.002   1.00 59.57 ? 6  0DG A "C5'" 1 
HETATM 106 C "C4'" . 0DG A 1 6  ? -6.308  19.209  6.690   1.00 56.37 ? 6  0DG A "C4'" 1 
HETATM 107 O "O4'" . 0DG A 1 6  ? -6.810  18.481  7.817   1.00 48.94 ? 6  0DG A "O4'" 1 
HETATM 108 C "C3'" . 0DG A 1 6  ? -6.380  18.229  5.526   1.00 53.48 ? 6  0DG A "C3'" 1 
HETATM 109 O "O3'" . 0DG A 1 6  ? -6.767  18.888  4.368   1.00 57.24 ? 6  0DG A "O3'" 1 
HETATM 110 C "C2'" . 0DG A 1 6  ? -7.430  17.192  5.941   1.00 50.99 ? 6  0DG A "C2'" 1 
HETATM 111 C "C1'" . 0DG A 1 6  ? -7.798  17.595  7.362   1.00 44.84 ? 6  0DG A "C1'" 1 
HETATM 112 N N9    . 0DG A 1 6  ? -7.872  16.474  8.279   1.00 39.32 ? 6  0DG A N9    1 
HETATM 113 C C8    . 0DG A 1 6  ? -6.990  16.158  9.290   1.00 39.20 ? 6  0DG A C8    1 
HETATM 114 N N7    . 0DG A 1 6  ? -7.342  15.098  9.977   1.00 33.69 ? 6  0DG A N7    1 
HETATM 115 C C5    . 0DG A 1 6  ? -8.529  14.692  9.378   1.00 35.03 ? 6  0DG A C5    1 
HETATM 116 C C6    . 0DG A 1 6  ? -9.379  13.607  9.691   1.00 34.85 ? 6  0DG A C6    1 
HETATM 117 O O6    . 0DG A 1 6  ? -9.240  12.754  10.574  1.00 32.67 ? 6  0DG A O6    1 
HETATM 118 N N1    . 0DG A 1 6  ? -10.481 13.554  8.834   1.00 36.57 ? 6  0DG A N1    1 
HETATM 119 C C2    . 0DG A 1 6  ? -10.731 14.447  7.808   1.00 39.85 ? 6  0DG A C2    1 
HETATM 120 N N2    . 0DG A 1 6  ? -11.852 14.239  7.095   1.00 41.21 ? 6  0DG A N2    1 
HETATM 121 N N3    . 0DG A 1 6  ? -9.941  15.477  7.507   1.00 36.87 ? 6  0DG A N3    1 
HETATM 122 C C4    . 0DG A 1 6  ? -8.864  15.534  8.332   1.00 37.29 ? 6  0DG A C4    1 
HETATM 123 C C8A   . 0DA A 1 7  ? -6.965  14.031  5.427   1.00 42.08 ? 7  0DA A C8A   1 
HETATM 124 N N9A   . 0DA A 1 7  ? -8.109  13.597  4.810   1.00 43.10 ? 7  0DA A N9A   1 
HETATM 125 C C4A   . 0DA A 1 7  ? -8.669  12.676  5.657   1.00 39.61 ? 7  0DA A C4A   1 
HETATM 126 C C5A   . 0DA A 1 7  ? -7.820  12.598  6.751   1.00 38.96 ? 7  0DA A C5A   1 
HETATM 127 N N7A   . 0DA A 1 7  ? -6.741  13.455  6.590   1.00 39.66 ? 7  0DA A N7A   1 
HETATM 128 N N3A   . 0DA A 1 7  ? -9.803  11.988  5.461   1.00 39.46 ? 7  0DA A N3A   1 
HETATM 129 C C2A   . 0DA A 1 7  ? -10.048 11.174  6.494   1.00 41.99 ? 7  0DA A C2A   1 
HETATM 130 N N1A   . 0DA A 1 7  ? -9.332  10.985  7.617   1.00 39.23 ? 7  0DA A N1A   1 
HETATM 131 C C6A   . 0DA A 1 7  ? -8.181  11.688  7.781   1.00 39.72 ? 7  0DA A C6A   1 
HETATM 132 N N6A   . 0DA A 1 7  ? -7.460  11.508  8.903   1.00 36.30 ? 7  0DA A N6A   1 
HETATM 133 C "C4'" . 0DA A 1 7  ? -8.877  15.903  2.203   1.00 53.91 ? 7  0DA A "C4'" 1 
HETATM 134 O "O4'" . 0DA A 1 7  ? -8.781  15.428  3.560   1.00 50.48 ? 7  0DA A "O4'" 1 
HETATM 135 C "C3'" . 0DA A 1 7  ? -8.271  14.793  1.327   1.00 57.24 ? 7  0DA A "C3'" 1 
HETATM 136 C "C2'" . 0DA A 1 7  ? -7.740  13.773  2.345   1.00 55.03 ? 7  0DA A "C2'" 1 
HETATM 137 C "C1'" . 0DA A 1 7  ? -8.647  14.039  3.529   1.00 46.65 ? 7  0DA A "C1'" 1 
HETATM 138 O "O3'" . 0DA A 1 7  ? -9.288  14.223  0.497   1.00 63.15 ? 7  0DA A "O3'" 1 
HETATM 139 C "C5'" . 0DA A 1 7  ? -8.196  17.246  2.107   1.00 54.29 ? 7  0DA A "C5'" 1 
HETATM 140 O "O5'" . 0DA A 1 7  ? -6.850  17.153  2.540   1.00 55.35 ? 7  0DA A "O5'" 1 
HETATM 141 P P     . 0DA A 1 7  ? -6.072  18.478  2.986   1.00 72.55 ? 7  0DA A P     1 
HETATM 142 O OP2   . 0DA A 1 7  ? -6.344  19.584  2.032   1.00 68.05 ? 7  0DA A OP2   1 
HETATM 143 O OP1   . 0DA A 1 7  ? -4.684  18.081  3.319   1.00 68.44 ? 7  0DA A OP1   1 
HETATM 144 P P     . 0DC A 1 8  ? -8.914  13.147  -0.642  1.00 77.08 ? 8  0DC A P     1 
HETATM 145 O OP1   . 0DC A 1 8  ? -7.484  13.322  -1.000  1.00 61.44 ? 8  0DC A OP1   1 
HETATM 146 O OP2   . 0DC A 1 8  ? -9.957  13.254  -1.691  1.00 71.63 ? 8  0DC A OP2   1 
HETATM 147 O "O5'" . 0DC A 1 8  ? -9.133  11.734  0.075   1.00 50.72 ? 8  0DC A "O5'" 1 
HETATM 148 C "C5'" . 0DC A 1 8  ? -10.437 11.329  0.374   1.00 47.92 ? 8  0DC A "C5'" 1 
HETATM 149 C "C4'" . 0DC A 1 8  ? -10.421 10.085  1.223   1.00 55.50 ? 8  0DC A "C4'" 1 
HETATM 150 O "O4'" . 0DC A 1 8  ? -9.814  10.368  2.509   1.00 56.57 ? 8  0DC A "O4'" 1 
HETATM 151 C "C3'" . 0DC A 1 8  ? -9.630  8.905   0.639   1.00 52.81 ? 8  0DC A "C3'" 1 
HETATM 152 O "O3'" . 0DC A 1 8  ? -10.472 7.758   0.546   1.00 58.07 ? 8  0DC A "O3'" 1 
HETATM 153 C "C2'" . 0DC A 1 8  ? -8.501  8.680   1.653   1.00 50.64 ? 8  0DC A "C2'" 1 
HETATM 154 C "C1'" . 0DC A 1 8  ? -9.144  9.201   2.919   1.00 47.51 ? 8  0DC A "C1'" 1 
HETATM 155 N N1    . 0DC A 1 8  ? -8.180  9.548   3.982   1.00 43.05 ? 8  0DC A N1    1 
HETATM 156 C C2    . 0DC A 1 8  ? -8.182  8.816   5.182   1.00 36.90 ? 8  0DC A C2    1 
HETATM 157 O O2    . 0DC A 1 8  ? -8.989  7.896   5.327   1.00 33.14 ? 8  0DC A O2    1 
HETATM 158 N N3    . 0DC A 1 8  ? -7.294  9.140   6.148   1.00 35.52 ? 8  0DC A N3    1 
HETATM 159 C C4    . 0DC A 1 8  ? -6.440  10.147  5.955   1.00 40.94 ? 8  0DC A C4    1 
HETATM 160 N N4    . 0DC A 1 8  ? -5.587  10.434  6.943   1.00 42.36 ? 8  0DC A N4    1 
HETATM 161 C C5    . 0DC A 1 8  ? -6.420  10.905  4.737   1.00 42.20 ? 8  0DC A C5    1 
HETATM 162 C C6    . 0DC A 1 8  ? -7.302  10.576  3.788   1.00 42.92 ? 8  0DC A C6    1 
HETATM 163 P P     . 0DC A 1 9  ? -9.897  6.385   -0.065  1.00 66.41 ? 9  0DC A P     1 
HETATM 164 O OP1   . 0DC A 1 9  ? -8.578  6.701   -0.667  1.00 54.29 ? 9  0DC A OP1   1 
HETATM 165 O OP2   . 0DC A 1 9  ? -10.956 5.771   -0.898  1.00 61.60 ? 9  0DC A OP2   1 
HETATM 166 O "O5'" . 0DC A 1 9  ? -9.679  5.444   1.212   1.00 49.50 ? 9  0DC A "O5'" 1 
HETATM 167 C "C5'" . 0DC A 1 9  ? -10.507 4.314   1.398   1.00 51.83 ? 9  0DC A "C5'" 1 
HETATM 168 C "C4'" . 0DC A 1 9  ? -10.220 3.680   2.738   1.00 51.97 ? 9  0DC A "C4'" 1 
HETATM 169 O "O4'" . 0DC A 1 9  ? -9.320  4.532   3.470   1.00 46.55 ? 9  0DC A "O4'" 1 
HETATM 170 C "C3'" . 0DC A 1 9  ? -9.547  2.306   2.674   1.00 48.44 ? 9  0DC A "C3'" 1 
HETATM 171 O "O3'" . 0DC A 1 9  ? -10.433 1.319   3.190   1.00 46.77 ? 9  0DC A "O3'" 1 
HETATM 172 C "C2'" . 0DC A 1 9  ? -8.271  2.457   3.535   1.00 45.91 ? 9  0DC A "C2'" 1 
HETATM 173 C "C1'" . 0DC A 1 9  ? -8.545  3.738   4.317   1.00 42.02 ? 9  0DC A "C1'" 1 
HETATM 174 N N1    . 0DC A 1 9  ? -7.326  4.523   4.683   1.00 32.64 ? 9  0DC A N1    1 
HETATM 175 C C2    . 0DC A 1 9  ? -6.652  4.245   5.877   1.00 29.03 ? 9  0DC A C2    1 
HETATM 176 O O2    . 0DC A 1 9  ? -7.059  3.322   6.595   1.00 31.79 ? 9  0DC A O2    1 
HETATM 177 N N3    . 0DC A 1 9  ? -5.560  4.986   6.205   1.00 24.35 ? 9  0DC A N3    1 
HETATM 178 C C4    . 0DC A 1 9  ? -5.157  5.972   5.395   1.00 30.64 ? 9  0DC A C4    1 
HETATM 179 N N4    . 0DC A 1 9  ? -4.075  6.684   5.750   1.00 29.21 ? 9  0DC A N4    1 
HETATM 180 C C5    . 0DC A 1 9  ? -5.845  6.277   4.182   1.00 34.70 ? 9  0DC A C5    1 
HETATM 181 C C6    . 0DC A 1 9  ? -6.918  5.539   3.874   1.00 35.44 ? 9  0DC A C6    1 
HETATM 182 P P     . 0DT A 1 10 ? -10.292 -0.206  2.718   1.00 72.85 ? 10 0DT A P     1 
HETATM 183 O OP1   . 0DT A 1 10 ? -9.650  -0.147  1.391   1.00 62.55 ? 10 0DT A OP1   1 
HETATM 184 O OP2   . 0DT A 1 10 ? -11.571 -0.933  2.910   1.00 64.41 ? 10 0DT A OP2   1 
HETATM 185 O "O5'" . 0DT A 1 10 ? -9.240  -0.805  3.740   1.00 55.31 ? 10 0DT A "O5'" 1 
HETATM 186 C "C5'" . 0DT A 1 10 ? -9.278  -0.380  5.073   1.00 51.99 ? 10 0DT A "C5'" 1 
HETATM 187 C "C4'" . 0DT A 1 10 ? -7.979  -0.708  5.741   1.00 49.75 ? 10 0DT A "C4'" 1 
HETATM 188 O "O4'" . 0DT A 1 10 ? -7.076  0.397   5.626   1.00 43.44 ? 10 0DT A "O4'" 1 
HETATM 189 C "C3'" . 0DT A 1 10 ? -7.244  -1.886  5.118   1.00 47.00 ? 10 0DT A "C3'" 1 
HETATM 190 O "O3'" . 0DT A 1 10 ? -7.390  -3.006  5.952   1.00 49.34 ? 10 0DT A "O3'" 1 
HETATM 191 C "C2'" . 0DT A 1 10 ? -5.777  -1.418  5.023   1.00 39.75 ? 10 0DT A "C2'" 1 
HETATM 192 C "C1'" . 0DT A 1 10 ? -5.797  -0.122  5.808   1.00 37.76 ? 10 0DT A "C1'" 1 
HETATM 193 N N1    . 0DT A 1 10 ? -4.809  0.895   5.384   1.00 33.32 ? 10 0DT A N1    1 
HETATM 194 C C2    . 0DT A 1 10 ? -3.614  0.968   6.052   1.00 28.87 ? 10 0DT A C2    1 
HETATM 195 O O2    . 0DT A 1 10 ? -3.312  0.203   6.944   1.00 28.79 ? 10 0DT A O2    1 
HETATM 196 N N3    . 0DT A 1 10 ? -2.774  1.959   5.629   1.00 25.15 ? 10 0DT A N3    1 
HETATM 197 C C4    . 0DT A 1 10 ? -3.012  2.878   4.621   1.00 29.27 ? 10 0DT A C4    1 
HETATM 198 O O4    . 0DT A 1 10 ? -2.188  3.742   4.299   1.00 29.60 ? 10 0DT A O4    1 
HETATM 199 C C5    . 0DT A 1 10 ? -4.296  2.756   3.972   1.00 30.96 ? 10 0DT A C5    1 
HETATM 200 C C5M   . 0DT A 1 10 ? -4.667  3.698   2.867   1.00 33.77 ? 10 0DT A C5M   1 
HETATM 201 C C6    . 0DT A 1 10 ? -5.128  1.786   4.385   1.00 31.63 ? 10 0DT A C6    1 
HETATM 202 P P     . 0DG A 1 11 ? -7.784  -4.424  5.315   1.00 64.97 ? 11 0DG A P     1 
HETATM 203 O OP1   . 0DG A 1 11 ? -7.236  -4.405  3.934   1.00 57.59 ? 11 0DG A OP1   1 
HETATM 204 O OP2   . 0DG A 1 11 ? -9.227  -4.685  5.541   1.00 66.82 ? 11 0DG A OP2   1 
HETATM 205 O "O5'" . 0DG A 1 11 ? -6.956  -5.465  6.201   1.00 55.26 ? 11 0DG A "O5'" 1 
HETATM 206 C "C5'" . 0DG A 1 11 ? -6.191  -5.007  7.320   1.00 46.82 ? 11 0DG A "C5'" 1 
HETATM 207 C "C4'" . 0DG A 1 11 ? -4.737  -5.409  7.161   1.00 47.96 ? 11 0DG A "C4'" 1 
HETATM 208 O "O4'" . 0DG A 1 11 ? -3.944  -4.265  6.736   1.00 44.30 ? 11 0DG A "O4'" 1 
HETATM 209 C "C3'" . 0DG A 1 11 ? -4.495  -6.480  6.095   1.00 45.67 ? 11 0DG A "C3'" 1 
HETATM 210 O "O3'" . 0DG A 1 11 ? -3.489  -7.367  6.526   1.00 41.03 ? 11 0DG A "O3'" 1 
HETATM 211 C "C2'" . 0DG A 1 11 ? -4.029  -5.656  4.896   1.00 36.61 ? 11 0DG A "C2'" 1 
HETATM 212 C "C1'" . 0DG A 1 11 ? -3.172  -4.654  5.617   1.00 33.75 ? 11 0DG A "C1'" 1 
HETATM 213 N N9    . 0DG A 1 11 ? -2.855  -3.477  4.849   1.00 29.23 ? 11 0DG A N9    1 
HETATM 214 C C8    . 0DG A 1 11 ? -3.486  -3.016  3.725   1.00 30.97 ? 11 0DG A C8    1 
HETATM 215 N N7    . 0DG A 1 11 ? -2.972  -1.901  3.267   1.00 26.29 ? 11 0DG A N7    1 
HETATM 216 C C5    . 0DG A 1 11 ? -1.936  -1.622  4.148   1.00 26.19 ? 11 0DG A C5    1 
HETATM 217 C C6    . 0DG A 1 11 ? -1.016  -0.548  4.171   1.00 25.79 ? 11 0DG A C6    1 
HETATM 218 O O6    . 0DG A 1 11 ? -0.929  0.408   3.386   1.00 29.12 ? 11 0DG A O6    1 
HETATM 219 N N1    . 0DG A 1 11 ? -0.133  -0.648  5.241   1.00 21.70 ? 11 0DG A N1    1 
HETATM 220 C C2    . 0DG A 1 11 ? -0.136  -1.666  6.169   1.00 25.34 ? 11 0DG A C2    1 
HETATM 221 N N2    . 0DG A 1 11 ? 0.796   -1.593  7.133   1.00 21.83 ? 11 0DG A N2    1 
HETATM 222 N N3    . 0DG A 1 11 ? -0.992  -2.683  6.157   1.00 26.94 ? 11 0DG A N3    1 
HETATM 223 C C4    . 0DG A 1 11 ? -1.857  -2.591  5.124   1.00 28.06 ? 11 0DG A C4    1 
HETATM 224 C C8A   . 0DA A 1 12 ? -0.509  -6.473  4.112   1.00 33.42 ? 12 0DA A C8A   1 
HETATM 225 N N9A   . 0DA A 1 12 ? 0.555   -6.355  4.962   1.00 31.43 ? 12 0DA A N9A   1 
HETATM 226 C C4A   . 0DA A 1 12 ? 1.183   -5.177  4.615   1.00 27.14 ? 12 0DA A C4A   1 
HETATM 227 C C5A   . 0DA A 1 12 ? 0.459   -4.657  3.551   1.00 28.17 ? 12 0DA A C5A   1 
HETATM 228 N N7A   . 0DA A 1 12 ? -0.608  -5.487  3.242   1.00 30.78 ? 12 0DA A N7A   1 
HETATM 229 N N3A   . 0DA A 1 12 ? 2.278   -4.644  5.176   1.00 25.73 ? 12 0DA A N3A   1 
HETATM 230 C C2A   . 0DA A 1 12 ? 2.619   -3.497  4.567   1.00 25.63 ? 12 0DA A C2A   1 
HETATM 231 N N1A   . 0DA A 1 12 ? 2.025   -2.872  3.536   1.00 23.64 ? 12 0DA A N1A   1 
HETATM 232 C C6A   . 0DA A 1 12 ? 0.918   -3.431  2.993   1.00 26.94 ? 12 0DA A C6A   1 
HETATM 233 N N6A   . 0DA A 1 12 ? 0.319   -2.808  1.965   1.00 24.31 ? 12 0DA A N6A   1 
HETATM 234 C "C4'" . 0DA A 1 12 ? -0.157  -8.604  7.631   1.00 43.77 ? 12 0DA A "C4'" 1 
HETATM 235 O "O4'" . 0DA A 1 12 ? -0.178  -7.330  6.936   1.00 41.32 ? 12 0DA A "O4'" 1 
HETATM 236 C "C3'" . 0DA A 1 12 ? 0.871   -9.483  6.896   1.00 42.88 ? 12 0DA A "C3'" 1 
HETATM 237 C "C2'" . 0DA A 1 12 ? 1.178   -8.694  5.612   1.00 38.40 ? 12 0DA A "C2'" 1 
HETATM 238 C "C1'" . 0DA A 1 12 ? 0.915   -7.262  6.049   1.00 36.08 ? 12 0DA A "C1'" 1 
HETATM 239 O "O3'" . 0DA A 1 12 ? 2.044   -9.663  7.718   1.00 45.27 ? 12 0DA A "O3'" 1 
HETATM 240 C "C5'" . 0DA A 1 12 ? -1.571  -9.166  7.698   1.00 44.38 ? 12 0DA A "C5'" 1 
HETATM 241 O "O5'" . 0DA A 1 12 ? -2.056  -9.449  6.401   1.00 48.48 ? 12 0DA A "O5'" 1 
HETATM 242 P P     . 0DA A 1 12 ? -3.451  -8.842  5.909   1.00 48.86 ? 12 0DA A P     1 
HETATM 243 O OP2   . 0DA A 1 12 ? -4.539  -9.617  6.537   1.00 39.61 ? 12 0DA A OP2   1 
HETATM 244 O OP1   . 0DA A 1 12 ? -3.381  -8.665  4.431   1.00 45.50 ? 12 0DA A OP1   1 
HETATM 245 P P     . 0DC A 1 13 ? 3.362   -10.397 7.145   1.00 53.30 ? 13 0DC A P     1 
HETATM 246 O OP1   . 0DC A 1 13 ? 2.954   -11.460 6.200   1.00 48.32 ? 13 0DC A OP1   1 
HETATM 247 O OP2   . 0DC A 1 13 ? 4.231   -10.727 8.301   1.00 50.47 ? 13 0DC A OP2   1 
HETATM 248 O "O5'" . 0DC A 1 13 ? 4.091   -9.258  6.306   1.00 41.20 ? 13 0DC A "O5'" 1 
HETATM 249 C "C5'" . 0DC A 1 13 ? 4.894   -8.327  6.987   1.00 39.22 ? 13 0DC A "C5'" 1 
HETATM 250 C "C4'" . 0DC A 1 13 ? 5.817   -7.615  6.026   1.00 38.93 ? 13 0DC A "C4'" 1 
HETATM 251 O "O4'" . 0DC A 1 13 ? 5.050   -6.740  5.198   1.00 39.68 ? 13 0DC A "O4'" 1 
HETATM 252 C "C3'" . 0DC A 1 13 ? 6.557   -8.522  5.067   1.00 39.05 ? 13 0DC A "C3'" 1 
HETATM 253 O "O3'" . 0DC A 1 13 ? 7.890   -8.694  5.513   1.00 40.80 ? 13 0DC A "O3'" 1 
HETATM 254 C "C2'" . 0DC A 1 13 ? 6.486   -7.796  3.702   1.00 35.45 ? 13 0DC A "C2'" 1 
HETATM 255 C "C1'" . 0DC A 1 13 ? 5.754   -6.500  4.018   1.00 27.68 ? 13 0DC A "C1'" 1 
HETATM 256 N N1    . 0DC A 1 13 ? 4.757   -6.101  3.017   1.00 21.57 ? 13 0DC A N1    1 
HETATM 257 C C2    . 0DC A 1 13 ? 4.956   -4.936  2.268   1.00 28.16 ? 13 0DC A C2    1 
HETATM 258 O O2    . 0DC A 1 13 ? 6.000   -4.281  2.427   1.00 28.99 ? 13 0DC A O2    1 
HETATM 259 N N3    . 0DC A 1 13 ? 4.000   -4.563  1.372   1.00 27.99 ? 13 0DC A N3    1 
HETATM 260 C C4    . 0DC A 1 13 ? 2.887   -5.293  1.241   1.00 27.54 ? 13 0DC A C4    1 
HETATM 261 N N4    . 0DC A 1 13 ? 1.970   -4.882  0.352   1.00 25.99 ? 13 0DC A N4    1 
HETATM 262 C C5    . 0DC A 1 13 ? 2.665   -6.472  2.016   1.00 24.20 ? 13 0DC A C5    1 
HETATM 263 C C6    . 0DC A 1 13 ? 3.613   -6.825  2.890   1.00 22.76 ? 13 0DC A C6    1 
HETATM 264 P P     . 0DG A 1 14 ? 8.891   -9.629  4.678   1.00 55.89 ? 14 0DG A P     1 
HETATM 265 O OP1   . 0DG A 1 14 ? 8.099   -10.433 3.707   1.00 40.90 ? 14 0DG A OP1   1 
HETATM 266 O OP2   . 0DG A 1 14 ? 9.741   -10.326 5.669   1.00 54.36 ? 14 0DG A OP2   1 
HETATM 267 O "O5'" . 0DG A 1 14 ? 9.795   -8.571  3.888   1.00 38.78 ? 14 0DG A "O5'" 1 
HETATM 268 C "C5'" . 0DG A 1 14 ? 9.800   -7.227  4.316   1.00 40.86 ? 14 0DG A "C5'" 1 
HETATM 269 C "C4'" . 0DG A 1 14 ? 10.337  -6.312  3.232   1.00 44.17 ? 14 0DG A "C4'" 1 
HETATM 270 O "O4'" . 0DG A 1 14 ? 9.231   -5.768  2.453   1.00 42.07 ? 14 0DG A "O4'" 1 
HETATM 271 C "C3'" . 0DG A 1 14 ? 11.269  -6.987  2.227   1.00 39.52 ? 14 0DG A "C3'" 1 
HETATM 272 O "O3'" . 0DG A 1 14 ? 12.297  -6.078  1.824   1.00 44.85 ? 14 0DG A "O3'" 1 
HETATM 273 C "C2'" . 0DG A 1 14 ? 10.326  -7.300  1.077   1.00 38.43 ? 14 0DG A "C2'" 1 
HETATM 274 C "C1'" . 0DG A 1 14 ? 9.429   -6.068  1.092   1.00 31.75 ? 14 0DG A "C1'" 1 
HETATM 275 N N9    . 0DG A 1 14 ? 8.138   -6.288  0.461   1.00 23.64 ? 14 0DG A N9    1 
HETATM 276 C C8    . 0DG A 1 14 ? 7.308   -7.371  0.628   1.00 25.42 ? 14 0DG A C8    1 
HETATM 277 N N7    . 0DG A 1 14 ? 6.214   -7.303  -0.077  1.00 22.42 ? 14 0DG A N7    1 
HETATM 278 C C5    . 0DG A 1 14 ? 6.331   -6.102  -0.758  1.00 23.36 ? 14 0DG A C5    1 
HETATM 279 C C6    . 0DG A 1 14 ? 5.444   -5.492  -1.673  1.00 25.64 ? 14 0DG A C6    1 
HETATM 280 O O6    . 0DG A 1 14 ? 4.345   -5.916  -2.079  1.00 27.21 ? 14 0DG A O6    1 
HETATM 281 N N1    . 0DG A 1 14 ? 5.944   -4.275  -2.140  1.00 22.36 ? 14 0DG A N1    1 
HETATM 282 C C2    . 0DG A 1 14 ? 7.145   -3.725  -1.749  1.00 24.36 ? 14 0DG A C2    1 
HETATM 283 N N2    . 0DG A 1 14 ? 7.459   -2.542  -2.286  1.00 23.08 ? 14 0DG A N2    1 
HETATM 284 N N3    . 0DG A 1 14 ? 7.978   -4.287  -0.884  1.00 25.38 ? 14 0DG A N3    1 
HETATM 285 C C4    . 0DG A 1 14 ? 7.508   -5.469  -0.436  1.00 23.48 ? 14 0DG A C4    1 
HETATM 286 P P     . 0DG A 1 15 ? 13.505  -6.576  0.883   1.00 53.95 ? 15 0DG A P     1 
HETATM 287 O OP1   . 0DG A 1 15 ? 13.390  -8.053  0.750   1.00 42.60 ? 15 0DG A OP1   1 
HETATM 288 O OP2   . 0DG A 1 15 ? 14.744  -5.988  1.445   1.00 50.54 ? 15 0DG A OP2   1 
HETATM 289 O "O5'" . 0DG A 1 15 ? 13.227  -5.855  -0.526  1.00 36.78 ? 15 0DG A "O5'" 1 
HETATM 290 C "C5'" . 0DG A 1 15 ? 13.526  -4.459  -0.659  1.00 41.06 ? 15 0DG A "C5'" 1 
HETATM 291 C "C4'" . 0DG A 1 15 ? 13.008  -3.909  -1.973  1.00 42.90 ? 15 0DG A "C4'" 1 
HETATM 292 O "O4'" . 0DG A 1 15 ? 11.590  -4.192  -2.085  1.00 39.41 ? 15 0DG A "O4'" 1 
HETATM 293 C "C3'" . 0DG A 1 15 ? 13.661  -4.517  -3.212  1.00 40.94 ? 15 0DG A "C3'" 1 
HETATM 294 O "O3'" . 0DG A 1 15 ? 13.867  -3.530  -4.210  1.00 44.20 ? 15 0DG A "O3'" 1 
HETATM 295 C "C2'" . 0DG A 1 15 ? 12.648  -5.554  -3.659  1.00 37.48 ? 15 0DG A "C2'" 1 
HETATM 296 C "C1'" . 0DG A 1 15 ? 11.341  -4.882  -3.280  1.00 32.43 ? 15 0DG A "C1'" 1 
HETATM 297 N N9    . 0DG A 1 15 ? 10.278  -5.843  -3.057  1.00 25.27 ? 15 0DG A N9    1 
HETATM 298 C C8    . 0DG A 1 15 ? 10.278  -6.888  -2.170  1.00 26.22 ? 15 0DG A C8    1 
HETATM 299 N N7    . 0DG A 1 15 ? 9.186   -7.609  -2.217  1.00 26.45 ? 15 0DG A N7    1 
HETATM 300 C C5    . 0DG A 1 15 ? 8.428   -7.005  -3.214  1.00 23.40 ? 15 0DG A C5    1 
HETATM 301 C C6    . 0DG A 1 15 ? 7.153   -7.349  -3.718  1.00 20.37 ? 15 0DG A C6    1 
HETATM 302 O O6    . 0DG A 1 15 ? 6.406   -8.284  -3.364  1.00 16.49 ? 15 0DG A O6    1 
HETATM 303 N N1    . 0DG A 1 15 ? 6.764   -6.470  -4.734  1.00 18.66 ? 15 0DG A N1    1 
HETATM 304 C C2    . 0DG A 1 15 ? 7.522   -5.399  -5.180  1.00 21.94 ? 15 0DG A C2    1 
HETATM 305 N N2    . 0DG A 1 15 ? 7.004   -4.655  -6.163  1.00 22.49 ? 15 0DG A N2    1 
HETATM 306 N N3    . 0DG A 1 15 ? 8.708   -5.082  -4.710  1.00 22.33 ? 15 0DG A N3    1 
HETATM 307 C C4    . 0DG A 1 15 ? 9.095   -5.922  -3.737  1.00 23.39 ? 15 0DG A C4    1 
HETATM 308 C C8A   . 0DA A 1 16 ? 10.960  -6.231  -6.984  1.00 25.04 ? 16 0DA A C8A   1 
HETATM 309 N N9A   . 0DA A 1 16 ? 10.517  -5.357  -7.939  1.00 22.87 ? 16 0DA A N9A   1 
HETATM 310 C C4A   . 0DA A 1 16 ? 9.272   -5.809  -8.317  1.00 21.68 ? 16 0DA A C4A   1 
HETATM 311 C C5A   . 0DA A 1 16 ? 9.042   -6.957  -7.577  1.00 22.62 ? 16 0DA A C5A   1 
HETATM 312 N N7A   . 0DA A 1 16 ? 10.115  -7.217  -6.732  1.00 22.27 ? 16 0DA A N7A   1 
HETATM 313 N N3A   . 0DA A 1 16 ? 8.452   -5.263  -9.229  1.00 20.61 ? 16 0DA A N3A   1 
HETATM 314 C C2A   . 0DA A 1 16 ? 7.329   -5.971  -9.348  1.00 18.83 ? 16 0DA A C2A   1 
HETATM 315 N N1A   . 0DA A 1 16 ? 6.965   -7.089  -8.705  1.00 19.71 ? 16 0DA A N1A   1 
HETATM 316 C C6A   . 0DA A 1 16 ? 7.812   -7.619  -7.796  1.00 21.02 ? 16 0DA A C6A   1 
HETATM 317 N N6A   . 0DA A 1 16 ? 7.452   -8.727  -7.150  1.00 19.71 ? 16 0DA A N6A   1 
HETATM 318 C "C4'" . 0DA A 1 16 ? 12.416  -2.336  -7.785  1.00 37.77 ? 16 0DA A "C4'" 1 
HETATM 319 O "O4'" . 0DA A 1 16 ? 11.451  -3.319  -7.354  1.00 38.45 ? 16 0DA A "O4'" 1 
HETATM 320 C "C3'" . 0DA A 1 16 ? 13.186  -3.000  -8.927  1.00 39.98 ? 16 0DA A "C3'" 1 
HETATM 321 C "C2'" . 0DA A 1 16 ? 12.551  -4.399  -9.045  1.00 35.14 ? 16 0DA A "C2'" 1 
HETATM 322 C "C1'" . 0DA A 1 16 ? 11.192  -4.161  -8.433  1.00 29.85 ? 16 0DA A "C1'" 1 
HETATM 323 O "O3'" . 0DA A 1 16 ? 13.027  -2.258  -10.117 1.00 38.00 ? 16 0DA A "O3'" 1 
HETATM 324 C "C5'" . 0DA A 1 16 ? 13.263  -1.909  -6.605  1.00 39.63 ? 16 0DA A "C5'" 1 
HETATM 325 O "O5'" . 0DA A 1 16 ? 14.454  -2.672  -6.541  1.00 42.87 ? 16 0DA A "O5'" 1 
HETATM 326 P P     . 0DA A 1 16 ? 14.541  -3.969  -5.597  1.00 53.14 ? 16 0DA A P     1 
HETATM 327 O OP2   . 0DA A 1 16 ? 15.974  -4.231  -5.305  1.00 53.67 ? 16 0DA A OP2   1 
HETATM 328 O OP1   . 0DA A 1 16 ? 13.667  -5.034  -6.144  1.00 40.37 ? 16 0DA A OP1   1 
HETATM 329 C C8A   . 0DA A 1 17 ? 11.346  -6.195  -11.268 1.00 26.05 ? 17 0DA A C8A   1 
HETATM 330 N N9A   . 0DA A 1 17 ? 10.206  -5.985  -11.993 1.00 23.39 ? 17 0DA A N9A   1 
HETATM 331 C C4A   . 0DA A 1 17 ? 9.325   -6.980  -11.604 1.00 20.58 ? 17 0DA A C4A   1 
HETATM 332 C C5A   . 0DA A 1 17 ? 10.016  -7.761  -10.691 1.00 18.89 ? 17 0DA A C5A   1 
HETATM 333 N N7A   . 0DA A 1 17 ? 11.291  -7.264  -10.490 1.00 21.88 ? 17 0DA A N7A   1 
HETATM 334 N N3A   . 0DA A 1 17 ? 8.071   -7.177  -12.045 1.00 17.69 ? 17 0DA A N3A   1 
HETATM 335 C C2A   . 0DA A 1 17 ? 7.533   -8.255  -11.481 1.00 15.22 ? 17 0DA A C2A   1 
HETATM 336 N N1A   . 0DA A 1 17 ? 8.069   -9.090  -10.583 1.00 16.99 ? 17 0DA A N1A   1 
HETATM 337 C C6A   . 0DA A 1 17 ? 9.334   -8.868  -10.158 1.00 18.91 ? 17 0DA A C6A   1 
HETATM 338 N N6A   . 0DA A 1 17 ? 9.875   -9.708  -9.265  1.00 21.44 ? 17 0DA A N6A   1 
HETATM 339 C "C4'" . 0DA A 1 17 ? 10.446  -2.590  -13.007 1.00 30.69 ? 17 0DA A "C4'" 1 
HETATM 340 O "O4'" . 0DA A 1 17 ? 10.090  -3.691  -12.139 1.00 32.63 ? 17 0DA A "O4'" 1 
HETATM 341 C "C3'" . 0DA A 1 17 ? 10.812  -3.221  -14.348 1.00 31.40 ? 17 0DA A "C3'" 1 
HETATM 342 C "C2'" . 0DA A 1 17 ? 10.876  -4.738  -14.065 1.00 25.21 ? 17 0DA A "C2'" 1 
HETATM 343 C "C1'" . 0DA A 1 17 ? 9.930   -4.872  -12.892 1.00 24.66 ? 17 0DA A "C1'" 1 
HETATM 344 O "O3'" . 0DA A 1 17 ? 9.817   -2.902  -15.275 1.00 33.15 ? 17 0DA A "O3'" 1 
HETATM 345 C "C5'" . 0DA A 1 17 ? 11.552  -1.802  -12.361 1.00 32.12 ? 17 0DA A "C5'" 1 
HETATM 346 O "O5'" . 0DA A 1 17 ? 12.778  -2.434  -12.630 1.00 41.24 ? 17 0DA A "O5'" 1 
HETATM 347 P P     . 0DA A 1 17 ? 13.794  -2.746  -11.443 1.00 52.40 ? 17 0DA A P     1 
HETATM 348 O OP2   . 0DA A 1 17 ? 14.960  -1.845  -11.598 1.00 45.68 ? 17 0DA A OP2   1 
HETATM 349 O OP1   . 0DA A 1 17 ? 13.909  -4.238  -11.394 1.00 42.77 ? 17 0DA A OP1   1 
HETATM 350 P P     . 0DC A 1 18 ? 9.874   -3.490  -16.763 1.00 43.72 ? 18 0DC A P     1 
HETATM 351 O OP1   . 0DC A 1 18 ? 11.264  -3.842  -17.136 1.00 40.10 ? 18 0DC A OP1   1 
HETATM 352 O OP2   . 0DC A 1 18 ? 9.082   -2.548  -17.600 1.00 34.06 ? 18 0DC A OP2   1 
HETATM 353 O "O5'" . 0DC A 1 18 ? 9.092   -4.859  -16.628 1.00 26.05 ? 18 0DC A "O5'" 1 
HETATM 354 C "C5'" . 0DC A 1 18 ? 7.727   -4.845  -16.801 1.00 24.11 ? 18 0DC A "C5'" 1 
HETATM 355 C "C4'" . 0DC A 1 18 ? 7.177   -6.219  -16.615 1.00 21.39 ? 18 0DC A "C4'" 1 
HETATM 356 O "O4'" . 0DC A 1 18 ? 7.852   -6.866  -15.527 1.00 18.93 ? 18 0DC A "O4'" 1 
HETATM 357 C "C3'" . 0DC A 1 18 ? 7.346   -7.155  -17.807 1.00 21.26 ? 18 0DC A "C3'" 1 
HETATM 358 O "O3'" . 0DC A 1 18 ? 6.065   -7.611  -18.179 1.00 24.15 ? 18 0DC A "O3'" 1 
HETATM 359 C "C2'" . 0DC A 1 18 ? 8.208   -8.300  -17.235 1.00 21.50 ? 18 0DC A "C2'" 1 
HETATM 360 C "C1'" . 0DC A 1 18 ? 7.787   -8.228  -15.794 1.00 14.44 ? 18 0DC A "C1'" 1 
HETATM 361 N N1    . 0DC A 1 18 ? 8.623   -8.941  -14.794 1.00 12.45 ? 18 0DC A N1    1 
HETATM 362 C C2    . 0DC A 1 18 ? 8.158   -10.133 -14.244 1.00 13.10 ? 18 0DC A C2    1 
HETATM 363 O O2    . 0DC A 1 18 ? 7.103   -10.615 -14.666 1.00 12.62 ? 18 0DC A O2    1 
HETATM 364 N N3    . 0DC A 1 18 ? 8.893   -10.749 -13.276 1.00 11.91 ? 18 0DC A N3    1 
HETATM 365 C C4    . 0DC A 1 18 ? 10.026  -10.197 -12.850 1.00 13.90 ? 18 0DC A C4    1 
HETATM 366 N N4    . 0DC A 1 18 ? 10.719  -10.841 -11.905 1.00 14.50 ? 18 0DC A N4    1 
HETATM 367 C C5    . 0DC A 1 18 ? 10.508  -8.972  -13.387 1.00 14.49 ? 18 0DC A C5    1 
HETATM 368 C C6    . 0DC A 1 18 ? 9.768   -8.374  -14.332 1.00 15.54 ? 18 0DC A C6    1 
HETATM 369 P P     . 0DT A 1 19 ? 5.785   -8.187  -19.653 1.00 37.50 ? 19 0DT A P     1 
HETATM 370 O OP1   . 0DT A 1 19 ? 7.019   -8.068  -20.464 1.00 24.61 ? 19 0DT A OP1   1 
HETATM 371 O OP2   . 0DT A 1 19 ? 4.531   -7.595  -20.165 1.00 35.22 ? 19 0DT A OP2   1 
HETATM 372 O "O5'" . 0DT A 1 19 ? 5.518   -9.726  -19.365 1.00 26.30 ? 19 0DT A "O5'" 1 
HETATM 373 C "C5'" . 0DT A 1 19 ? 5.494   -10.183 -18.048 1.00 20.92 ? 19 0DT A "C5'" 1 
HETATM 374 C "C4'" . 0DT A 1 19 ? 4.761   -11.479 -18.012 1.00 27.30 ? 19 0DT A "C4'" 1 
HETATM 375 O "O4'" . 0DT A 1 19 ? 5.387   -12.366 -17.054 1.00 29.97 ? 19 0DT A "O4'" 1 
HETATM 376 C "C3'" . 0DT A 1 19 ? 4.826   -12.228 -19.305 1.00 25.40 ? 19 0DT A "C3'" 1 
HETATM 377 O "O3'" . 0DT A 1 19 ? 3.822   -13.246 -19.277 1.00 31.75 ? 19 0DT A "O3'" 1 
HETATM 378 C "C2'" . 0DT A 1 19 ? 6.233   -12.805 -19.194 1.00 26.28 ? 19 0DT A "C2'" 1 
HETATM 379 C "C1'" . 0DT A 1 19 ? 6.232   -13.272 -17.740 1.00 22.82 ? 19 0DT A "C1'" 1 
HETATM 380 N N1    . 0DT A 1 19 ? 7.565   -13.249 -17.056 1.00 17.00 ? 19 0DT A N1    1 
HETATM 381 C C2    . 0DT A 1 19 ? 7.865   -14.235 -16.117 1.00 19.67 ? 19 0DT A C2    1 
HETATM 382 O O2    . 0DT A 1 19 ? 7.116   -15.168 -15.830 1.00 20.16 ? 19 0DT A O2    1 
HETATM 383 N N3    . 0DT A 1 19 ? 9.093   -14.099 -15.525 1.00 16.45 ? 19 0DT A N3    1 
HETATM 384 C C4    . 0DT A 1 19 ? 10.033  -13.115 -15.765 1.00 15.09 ? 19 0DT A C4    1 
HETATM 385 O O4    . 0DT A 1 19 ? 11.114  -13.086 -15.175 1.00 14.95 ? 19 0DT A O4    1 
HETATM 386 C C5    . 0DT A 1 19 ? 9.655   -12.116 -16.742 1.00 11.75 ? 19 0DT A C5    1 
HETATM 387 C C5M   . 0DT A 1 19 ? 10.599  -11.005 -17.065 1.00 9.06  ? 19 0DT A C5M   1 
HETATM 388 C C6    . 0DT A 1 19 ? 8.452   -12.223 -17.329 1.00 12.28 ? 19 0DT A C6    1 
HETATM 389 P P     . 0DC A 1 20 ? 3.381   -14.021 -20.618 1.00 43.05 ? 20 0DC A P     1 
HETATM 390 O OP1   . 0DC A 1 20 ? 3.848   -13.261 -21.813 1.00 34.02 ? 20 0DC A OP1   1 
HETATM 391 O OP2   . 0DC A 1 20 ? 1.955   -14.397 -20.450 1.00 37.75 ? 20 0DC A OP2   1 
HETATM 392 O "O5'" . 0DC A 1 20 ? 4.168   -15.387 -20.494 1.00 30.51 ? 20 0DC A "O5'" 1 
HETATM 393 C "C5'" . 0DC A 1 20 ? 3.700   -16.317 -19.563 1.00 33.43 ? 20 0DC A "C5'" 1 
HETATM 394 C "C4'" . 0DC A 1 20 ? 4.696   -17.427 -19.365 1.00 36.24 ? 20 0DC A "C4'" 1 
HETATM 395 O "O4'" . 0DC A 1 20 ? 5.930   -16.889 -18.817 1.00 33.32 ? 20 0DC A "O4'" 1 
HETATM 396 C "C3'" . 0DC A 1 20 ? 5.093   -18.162 -20.646 1.00 35.27 ? 20 0DC A "C3'" 1 
HETATM 397 O "O3'" . 0DC A 1 20 ? 5.204   -19.526 -20.352 1.00 35.59 ? 20 0DC A "O3'" 1 
HETATM 398 C "C2'" . 0DC A 1 20 ? 6.452   -17.548 -20.966 1.00 32.42 ? 20 0DC A "C2'" 1 
HETATM 399 C "C1'" . 0DC A 1 20 ? 6.996   -17.424 -19.561 1.00 32.44 ? 20 0DC A "C1'" 1 
HETATM 400 N N1    . 0DC A 1 20 ? 8.160   -16.537 -19.427 1.00 24.37 ? 20 0DC A N1    1 
HETATM 401 C C2    . 0DC A 1 20 ? 9.151   -16.849 -18.483 1.00 23.73 ? 20 0DC A C2    1 
HETATM 402 O O2    . 0DC A 1 20 ? 9.013   -17.865 -17.782 1.00 25.98 ? 20 0DC A O2    1 
HETATM 403 N N3    . 0DC A 1 20 ? 10.224  -16.036 -18.364 1.00 17.03 ? 20 0DC A N3    1 
HETATM 404 C C4    . 0DC A 1 20 ? 10.325  -14.958 -19.138 1.00 17.88 ? 20 0DC A C4    1 
HETATM 405 N N4    . 0DC A 1 20 ? 11.402  -14.171 -18.988 1.00 16.11 ? 20 0DC A N4    1 
HETATM 406 C C5    . 0DC A 1 20 ? 9.329   -14.636 -20.115 1.00 20.59 ? 20 0DC A C5    1 
HETATM 407 C C6    . 0DC A 1 20 ? 8.273   -15.448 -20.220 1.00 20.10 ? 20 0DC A C6    1 
HETATM 408 C C8A   . 0DA A 1 21 ? 8.148   -20.718 -21.110 1.00 30.65 ? 21 0DA A C8A   1 
HETATM 409 N N9A   . 0DA A 1 21 ? 8.634   -21.341 -19.992 1.00 30.84 ? 21 0DA A N9A   1 
HETATM 410 C C4A   . 0DA A 1 21 ? 9.806   -20.691 -19.678 1.00 28.84 ? 21 0DA A C4A   1 
HETATM 411 C C5A   . 0DA A 1 21 ? 9.965   -19.713 -20.642 1.00 23.93 ? 21 0DA A C5A   1 
HETATM 412 N N7A   . 0DA A 1 21 ? 8.910   -19.736 -21.543 1.00 25.24 ? 21 0DA A N7A   1 
HETATM 413 N N3A   . 0DA A 1 21 ? 10.636  -20.960 -18.650 1.00 27.99 ? 21 0DA A N3A   1 
HETATM 414 C C2A   . 0DA A 1 21 ? 11.681  -20.132 -18.658 1.00 23.04 ? 21 0DA A C2A   1 
HETATM 415 N N1A   . 0DA A 1 21 ? 11.964  -19.146 -19.516 1.00 20.41 ? 21 0DA A N1A   1 
HETATM 416 C C6A   . 0DA A 1 21 ? 11.112  -18.899 -20.538 1.00 22.29 ? 21 0DA A C6A   1 
HETATM 417 N N6A   . 0DA A 1 21 ? 11.395  -17.905 -21.396 1.00 21.19 ? 21 0DA A N6A   1 
HETATM 418 C "C4'" . 0DA A 1 21 ? 5.863   -22.934 -18.495 1.00 34.71 ? 21 0DA A "C4'" 1 
HETATM 419 O "O4'" . 0DA A 1 21 ? 6.921   -21.933 -18.542 1.00 38.22 ? 21 0DA A "O4'" 1 
HETATM 420 C "C3'" . 0DA A 1 21 ? 6.458   -24.153 -19.172 1.00 37.77 ? 21 0DA A "C3'" 1 
HETATM 421 C "C2'" . 0DA A 1 21 ? 7.448   -23.517 -20.143 1.00 33.28 ? 21 0DA A "C2'" 1 
HETATM 422 C "C1'" . 0DA A 1 21 ? 8.026   -22.441 -19.262 1.00 28.96 ? 21 0DA A "C1'" 1 
HETATM 423 O "O3'" . 0DA A 1 21 ? 7.126   -24.945 -18.202 1.00 42.43 ? 21 0DA A "O3'" 1 
HETATM 424 C "C5'" . 0DA A 1 21 ? 4.583   -22.394 -19.129 1.00 36.43 ? 21 0DA A "C5'" 1 
HETATM 425 O "O5'" . 0DA A 1 21 ? 4.788   -22.021 -20.519 1.00 39.51 ? 21 0DA A "O5'" 1 
HETATM 426 P P     . 0DA A 1 21 ? 4.241   -20.600 -21.064 1.00 47.05 ? 21 0DA A P     1 
HETATM 427 O OP2   . 0DA A 1 21 ? 2.865   -20.375 -20.546 1.00 46.34 ? 21 0DA A OP2   1 
HETATM 428 O OP1   . 0DA A 1 21 ? 4.503   -20.494 -22.520 1.00 45.29 ? 21 0DA A OP1   1 
HETATM 429 P P     . 0DC B 2 1  ? -1.528  -4.758  -9.896  1.00 49.79 ? 0  0DC B P     1 
HETATM 430 O OP1   . 0DC B 2 1  ? -1.999  -5.299  -11.200 1.00 36.40 ? 0  0DC B OP1   1 
HETATM 431 O OP2   . 0DC B 2 1  ? -2.426  -4.393  -8.747  1.00 29.16 ? 0  0DC B OP2   1 
HETATM 432 O "O5'" . 0DC B 2 1  ? -0.713  -3.534  -10.490 1.00 35.86 ? 0  0DC B "O5'" 1 
HETATM 433 C "C5'" . 0DC B 2 1  ? 0.404   -3.817  -11.242 1.00 33.10 ? 0  0DC B "C5'" 1 
HETATM 434 C "C4'" . 0DC B 2 1  ? 1.600   -3.658  -10.359 1.00 31.52 ? 0  0DC B "C4'" 1 
HETATM 435 O "O4'" . 0DC B 2 1  ? 1.936   -4.880  -9.691  1.00 28.68 ? 0  0DC B "O4'" 1 
HETATM 436 C "C3'" . 0DC B 2 1  ? 1.378   -2.737  -9.190  1.00 32.21 ? 0  0DC B "C3'" 1 
HETATM 437 O "O3'" . 0DC B 2 1  ? 1.287   -1.362  -9.621  1.00 38.28 ? 0  0DC B "O3'" 1 
HETATM 438 C "C2'" . 0DC B 2 1  ? 2.605   -3.063  -8.327  1.00 29.52 ? 0  0DC B "C2'" 1 
HETATM 439 C "C1'" . 0DC B 2 1  ? 2.950   -4.491  -8.792  1.00 27.48 ? 0  0DC B "C1'" 1 
HETATM 440 N N1    . 0DC B 2 1  ? 3.118   -5.470  -7.708  1.00 20.91 ? 0  0DC B N1    1 
HETATM 441 C C2    . 0DC B 2 1  ? 4.358   -5.536  -7.076  1.00 23.54 ? 0  0DC B C2    1 
HETATM 442 O O2    . 0DC B 2 1  ? 5.259   -4.761  -7.454  1.00 27.30 ? 0  0DC B O2    1 
HETATM 443 N N3    . 0DC B 2 1  ? 4.549   -6.425  -6.081  1.00 20.47 ? 0  0DC B N3    1 
HETATM 444 C C4    . 0DC B 2 1  ? 3.555   -7.211  -5.704  1.00 21.41 ? 0  0DC B C4    1 
HETATM 445 N N4    . 0DC B 2 1  ? 3.790   -8.072  -4.706  1.00 21.63 ? 0  0DC B N4    1 
HETATM 446 C C5    . 0DC B 2 1  ? 2.272   -7.159  -6.337  1.00 20.24 ? 0  0DC B C5    1 
HETATM 447 C C6    . 0DC B 2 1  ? 2.102   -6.280  -7.333  1.00 18.59 ? 0  0DC B C6    1 
HETATM 448 P P     . 0DC B 2 2  ? 0.180   -0.390  -8.962  1.00 39.05 ? 1  0DC B P     1 
HETATM 449 O OP1   . 0DC B 2 2  ? -0.589  -1.169  -7.962  1.00 25.46 ? 1  0DC B OP1   1 
HETATM 450 O OP2   . 0DC B 2 2  ? -0.554  0.316   -10.049 1.00 34.41 ? 1  0DC B OP2   1 
HETATM 451 O "O5'" . 0DC B 2 2  ? 1.094   0.705   -8.278  1.00 31.11 ? 1  0DC B "O5'" 1 
HETATM 452 C "C5'" . 0DC B 2 2  ? 2.162   1.075   -9.100  1.00 33.86 ? 1  0DC B "C5'" 1 
HETATM 453 C "C4'" . 0DC B 2 2  ? 3.366   0.863   -8.214  1.00 32.35 ? 1  0DC B "C4'" 1 
HETATM 454 O "O4'" . 0DC B 2 2  ? 3.307   -0.421  -7.621  1.00 35.35 ? 1  0DC B "O4'" 1 
HETATM 455 C "C3'" . 0DC B 2 2  ? 3.400   1.755   -7.009  1.00 38.57 ? 1  0DC B "C3'" 1 
HETATM 456 O "O3'" . 0DC B 2 2  ? 3.895   2.996   -7.353  1.00 38.51 ? 1  0DC B "O3'" 1 
HETATM 457 C "C2'" . 0DC B 2 2  ? 4.338   1.010   -6.059  1.00 33.60 ? 1  0DC B "C2'" 1 
HETATM 458 C "C1'" . 0DC B 2 2  ? 4.230   -0.424  -6.556  1.00 35.15 ? 1  0DC B "C1'" 1 
HETATM 459 N N1    . 0DC B 2 2  ? 3.796   -1.382  -5.525  1.00 26.34 ? 1  0DC B N1    1 
HETATM 460 C C2    . 0DC B 2 2  ? 4.751   -1.883  -4.633  1.00 27.26 ? 1  0DC B C2    1 
HETATM 461 O O2    . 0DC B 2 2  ? 5.920   -1.486  -4.723  1.00 32.11 ? 1  0DC B O2    1 
HETATM 462 N N3    . 0DC B 2 2  ? 4.374   -2.783  -3.700  1.00 27.13 ? 1  0DC B N3    1 
HETATM 463 C C4    . 0DC B 2 2  ? 3.106   -3.178  -3.639  1.00 30.66 ? 1  0DC B C4    1 
HETATM 464 N N4    . 0DC B 2 2  ? 2.783   -4.064  -2.696  1.00 29.56 ? 1  0DC B N4    1 
HETATM 465 C C5    . 0DC B 2 2  ? 2.111   -2.679  -4.545  1.00 31.07 ? 1  0DC B C5    1 
HETATM 466 C C6    . 0DC B 2 2  ? 2.501   -1.789  -5.468  1.00 24.71 ? 1  0DC B C6    1 
HETATM 467 P P     . 0DG B 2 3  ? 3.421   4.235   -6.479  1.00 45.53 ? 2  0DG B P     1 
HETATM 468 O OP1   . 0DG B 2 3  ? 2.076   3.887   -5.941  1.00 36.46 ? 2  0DG B OP1   1 
HETATM 469 O OP2   . 0DG B 2 3  ? 3.661   5.431   -7.314  1.00 45.54 ? 2  0DG B OP2   1 
HETATM 470 O "O5'" . 0DG B 2 3  ? 4.411   4.196   -5.223  1.00 43.07 ? 2  0DG B "O5'" 1 
HETATM 471 C "C5'" . 0DG B 2 3  ? 5.546   3.827   -5.407  1.00 39.83 ? 2  0DG B "C5'" 1 
HETATM 472 C "C4'" . 0DG B 2 3  ? 5.975   3.365   -4.031  1.00 38.82 ? 2  0DG B "C4'" 1 
HETATM 473 O "O4'" . 0DG B 2 3  ? 5.319   2.131   -3.704  1.00 36.37 ? 2  0DG B "O4'" 1 
HETATM 474 C "C3'" . 0DG B 2 3  ? 5.645   4.320   -2.883  1.00 37.23 ? 2  0DG B "C3'" 1 
HETATM 475 O "O3'" . 0DG B 2 3  ? 6.858   4.721   -2.253  1.00 40.72 ? 2  0DG B "O3'" 1 
HETATM 476 C "C2'" . 0DG B 2 3  ? 4.762   3.486   -1.939  1.00 34.28 ? 2  0DG B "C2'" 1 
HETATM 477 C "C1'" . 0DG B 2 3  ? 5.168   2.081   -2.322  1.00 32.11 ? 2  0DG B "C1'" 1 
HETATM 478 N N9    . 0DG B 2 3  ? 4.189   1.060   -2.020  1.00 28.33 ? 2  0DG B N9    1 
HETATM 479 C C8    . 0DG B 2 3  ? 2.953   0.899   -2.600  1.00 29.50 ? 2  0DG B C8    1 
HETATM 480 N N7    . 0DG B 2 3  ? 2.298   -0.135  -2.141  1.00 26.76 ? 2  0DG B N7    1 
HETATM 481 C C5    . 0DG B 2 3  ? 3.166   -0.702  -1.220  1.00 24.24 ? 2  0DG B C5    1 
HETATM 482 C C6    . 0DG B 2 3  ? 3.003   -1.845  -0.407  1.00 24.19 ? 2  0DG B C6    1 
HETATM 483 O O6    . 0DG B 2 3  ? 2.027   -2.606  -0.341  1.00 22.71 ? 2  0DG B O6    1 
HETATM 484 N N1    . 0DG B 2 3  ? 4.126   -2.070  0.393   1.00 25.31 ? 2  0DG B N1    1 
HETATM 485 C C2    . 0DG B 2 3  ? 5.266   -1.278  0.401   1.00 27.16 ? 2  0DG B C2    1 
HETATM 486 N N2    . 0DG B 2 3  ? 6.247   -1.652  1.241   1.00 25.62 ? 2  0DG B N2    1 
HETATM 487 N N3    . 0DG B 2 3  ? 5.426   -0.201  -0.363  1.00 24.32 ? 2  0DG B N3    1 
HETATM 488 C C4    . 0DG B 2 3  ? 4.342   0.022   -1.142  1.00 25.25 ? 2  0DG B C4    1 
HETATM 489 P P     . 0DT B 2 4  ? 6.841   5.684   -0.964  1.00 55.42 ? 3  0DT B P     1 
HETATM 490 O OP1   . 0DT B 2 4  ? 5.577   6.459   -0.948  1.00 47.29 ? 3  0DT B OP1   1 
HETATM 491 O OP2   . 0DT B 2 4  ? 8.134   6.405   -0.962  1.00 43.19 ? 3  0DT B OP2   1 
HETATM 492 O "O5'" . 0DT B 2 4  ? 6.831   4.656   0.266   1.00 43.22 ? 3  0DT B "O5'" 1 
HETATM 493 C "C5'" . 0DT B 2 4  ? 7.476   4.978   1.400   1.00 37.71 ? 3  0DT B "C5'" 1 
HETATM 494 C "C4'" . 0DT B 2 4  ? 7.779   3.763   2.233   1.00 37.44 ? 3  0DT B "C4'" 1 
HETATM 495 O "O4'" . 0DT B 2 4  ? 6.900   2.673   1.860   1.00 40.62 ? 3  0DT B "O4'" 1 
HETATM 496 C "C3'" . 0DT B 2 4  ? 7.615   3.941   3.730   1.00 37.40 ? 3  0DT B "C3'" 1 
HETATM 497 O "O3'" . 0DT B 2 4  ? 8.690   3.267   4.359   1.00 42.04 ? 3  0DT B "O3'" 1 
HETATM 498 C "C2'" . 0DT B 2 4  ? 6.270   3.260   4.005   1.00 33.02 ? 3  0DT B "C2'" 1 
HETATM 499 C "C1'" . 0DT B 2 4  ? 6.343   2.113   3.026   1.00 31.68 ? 3  0DT B "C1'" 1 
HETATM 500 N N1    . 0DT B 2 4  ? 5.043   1.506   2.659   1.00 25.33 ? 3  0DT B N1    1 
HETATM 501 C C2    . 0DT B 2 4  ? 4.648   0.361   3.300   1.00 26.05 ? 3  0DT B C2    1 
HETATM 502 O O2    . 0DT B 2 4  ? 5.296   -0.159  4.190   1.00 29.96 ? 3  0DT B O2    1 
HETATM 503 N N3    . 0DT B 2 4  ? 3.458   -0.159  2.873   1.00 24.63 ? 3  0DT B N3    1 
HETATM 504 C C4    . 0DT B 2 4  ? 2.638   0.344   1.888   1.00 23.75 ? 3  0DT B C4    1 
HETATM 505 O O4    . 0DT B 2 4  ? 1.573   -0.194  1.579   1.00 23.52 ? 3  0DT B O4    1 
HETATM 506 C C5    . 0DT B 2 4  ? 3.118   1.540   1.241   1.00 23.64 ? 3  0DT B C5    1 
HETATM 507 C C5M   . 0DT B 2 4  ? 2.309   2.171   0.155   1.00 24.87 ? 3  0DT B C5M   1 
HETATM 508 C C6    . 0DT B 2 4  ? 4.292   2.055   1.642   1.00 26.13 ? 3  0DT B C6    1 
HETATM 509 P P     . 0DC B 2 5  ? 9.518   3.959   5.547   1.00 51.24 ? 4  0DC B P     1 
HETATM 510 O OP1   . 0DC B 2 5  ? 8.905   5.278   5.811   1.00 43.18 ? 4  0DC B OP1   1 
HETATM 511 O OP2   . 0DC B 2 5  ? 10.968  3.871   5.247   1.00 53.14 ? 4  0DC B OP2   1 
HETATM 512 O "O5'" . 0DC B 2 5  ? 9.122   3.057   6.789   1.00 31.34 ? 4  0DC B "O5'" 1 
HETATM 513 C "C5'" . 0DC B 2 5  ? 7.844   2.643   6.810   1.00 30.47 ? 4  0DC B "C5'" 1 
HETATM 514 C "C4'" . 0DC B 2 5  ? 7.657   1.707   7.979   1.00 29.59 ? 4  0DC B "C4'" 1 
HETATM 515 O "O4'" . 0DC B 2 5  ? 6.521   0.856   7.701   1.00 30.21 ? 4  0DC B "O4'" 1 
HETATM 516 C "C3'" . 0DC B 2 5  ? 7.301   2.353   9.294   1.00 21.78 ? 4  0DC B "C3'" 1 
HETATM 517 O "O3'" . 0DC B 2 5  ? 7.513   1.404   10.320  1.00 24.38 ? 4  0DC B "O3'" 1 
HETATM 518 C "C2'" . 0DC B 2 5  ? 5.812   2.628   9.078   1.00 22.38 ? 4  0DC B "C2'" 1 
HETATM 519 C "C1'" . 0DC B 2 5  ? 5.364   1.388   8.311   1.00 21.03 ? 4  0DC B "C1'" 1 
HETATM 520 N N1    . 0DC B 2 5  ? 4.351   1.653   7.239   1.00 17.96 ? 4  0DC B N1    1 
HETATM 521 C C2    . 0DC B 2 5  ? 3.179   0.874   7.179   1.00 21.69 ? 4  0DC B C2    1 
HETATM 522 O O2    . 0DC B 2 5  ? 2.994   -0.020  8.021   1.00 23.47 ? 4  0DC B O2    1 
HETATM 523 N N3    . 0DC B 2 5  ? 2.278   1.119   6.198   1.00 17.65 ? 4  0DC B N3    1 
HETATM 524 C C4    . 0DC B 2 5  ? 2.508   2.074   5.312   1.00 20.90 ? 4  0DC B C4    1 
HETATM 525 N N4    . 0DC B 2 5  ? 1.589   2.272   4.361   1.00 22.24 ? 4  0DC B N4    1 
HETATM 526 C C5    . 0DC B 2 5  ? 3.693   2.872   5.352   1.00 24.06 ? 4  0DC B C5    1 
HETATM 527 C C6    . 0DC B 2 5  ? 4.577   2.627   6.322   1.00 21.88 ? 4  0DC B C6    1 
HETATM 528 C C8A   . 0DA B 2 6  ? 2.582   3.685   10.601  1.00 18.39 ? 5  0DA B C8A   1 
HETATM 529 N N9A   . 0DA B 2 6  ? 2.006   2.507   10.947  1.00 20.17 ? 5  0DA B N9A   1 
HETATM 530 C C4A   . 0DA B 2 6  ? 0.998   2.294   10.030  1.00 18.14 ? 5  0DA B C4A   1 
HETATM 531 C C5A   . 0DA B 2 6  ? 1.036   3.368   9.177   1.00 15.96 ? 5  0DA B C5A   1 
HETATM 532 N N7A   . 0DA B 2 6  ? 2.043   4.243   9.543   1.00 18.70 ? 5  0DA B N7A   1 
HETATM 533 N N3A   . 0DA B 2 6  ? 0.158   1.253   9.971   1.00 21.46 ? 5  0DA B N3A   1 
HETATM 534 C C2A   . 0DA B 2 6  ? -0.687  1.380   8.947   1.00 19.47 ? 5  0DA B C2A   1 
HETATM 535 N N1A   . 0DA B 2 6  ? -0.778  2.360   8.049   1.00 15.32 ? 5  0DA B N1A   1 
HETATM 536 C C6A   . 0DA B 2 6  ? 0.091   3.384   8.127   1.00 17.23 ? 5  0DA B C6A   1 
HETATM 537 N N6A   . 0DA B 2 6  ? 0.022   4.361   7.212   1.00 19.20 ? 5  0DA B N6A   1 
HETATM 538 C "C4'" . 0DA B 2 6  ? 4.219   0.893   13.268  1.00 29.74 ? 5  0DA B "C4'" 1 
HETATM 539 O "O4'" . 0DA B 2 6  ? 3.780   1.363   11.965  1.00 25.80 ? 5  0DA B "O4'" 1 
HETATM 540 C "C3'" . 0DA B 2 6  ? 3.195   1.441   14.246  1.00 18.97 ? 5  0DA B "C3'" 1 
HETATM 541 C "C2'" . 0DA B 2 6  ? 2.217   2.253   13.401  1.00 23.37 ? 5  0DA B "C2'" 1 
HETATM 542 C "C1'" . 0DA B 2 6  ? 2.391   1.630   12.049  1.00 25.14 ? 5  0DA B "C1'" 1 
HETATM 543 O "O3'" . 0DA B 2 6  ? 2.533   0.412   14.946  1.00 11.40 ? 5  0DA B "O3'" 1 
HETATM 544 C "C5'" . 0DA B 2 6  ? 5.649   1.347   13.555  1.00 29.23 ? 5  0DA B "C5'" 1 
HETATM 545 O "O5'" . 0DA B 2 6  ? 6.566   0.833   12.600  1.00 21.08 ? 5  0DA B "O5'" 1 
HETATM 546 P P     . 0DA B 2 6  ? 7.567   1.829   11.869  1.00 25.04 ? 5  0DA B P     1 
HETATM 547 O OP2   . 0DA B 2 6  ? 8.962   1.577   12.327  1.00 24.12 ? 5  0DA B OP2   1 
HETATM 548 O OP1   . 0DA B 2 6  ? 6.896   3.129   12.059  1.00 35.09 ? 5  0DA B OP1   1 
HETATM 549 C "C4'" . 0DT C 3 1  ? 18.810  -15.208 -28.376 1.00 35.99 ? 1  0DT C "C4'" 1 
HETATM 550 O "O4'" . 0DT C 3 1  ? 18.531  -16.598 -28.101 1.00 37.85 ? 1  0DT C "O4'" 1 
HETATM 551 C "C3'" . 0DT C 3 1  ? 18.481  -14.466 -27.082 1.00 41.15 ? 1  0DT C "C3'" 1 
HETATM 552 O "O3'" . 0DT C 3 1  ? 19.553  -13.562 -26.682 1.00 45.70 ? 1  0DT C "O3'" 1 
HETATM 553 C "C2'" . 0DT C 3 1  ? 18.226  -15.565 -26.039 1.00 37.67 ? 1  0DT C "C2'" 1 
HETATM 554 C "C1'" . 0DT C 3 1  ? 18.688  -16.830 -26.722 1.00 32.75 ? 1  0DT C "C1'" 1 
HETATM 555 N N1    . 0DT C 3 1  ? 17.865  -18.000 -26.353 1.00 31.54 ? 1  0DT C N1    1 
HETATM 556 C C2    . 0DT C 3 1  ? 18.319  -18.868 -25.376 1.00 33.91 ? 1  0DT C C2    1 
HETATM 557 O O2    . 0DT C 3 1  ? 19.380  -18.723 -24.792 1.00 35.21 ? 1  0DT C O2    1 
HETATM 558 N N3    . 0DT C 3 1  ? 17.479  -19.918 -25.103 1.00 31.76 ? 1  0DT C N3    1 
HETATM 559 C C4    . 0DT C 3 1  ? 16.259  -20.185 -25.709 1.00 31.31 ? 1  0DT C C4    1 
HETATM 560 O O4    . 0DT C 3 1  ? 15.577  -21.162 -25.410 1.00 29.55 ? 1  0DT C O4    1 
HETATM 561 C C5    . 0DT C 3 1  ? 15.839  -19.225 -26.713 1.00 28.14 ? 1  0DT C C5    1 
HETATM 562 C C5M   . 0DT C 3 1  ? 14.542  -19.418 -27.438 1.00 24.82 ? 1  0DT C C5M   1 
HETATM 563 C C6    . 0DT C 3 1  ? 16.662  -18.203 -26.994 1.00 27.95 ? 1  0DT C C6    1 
HETATM 564 P P     . 0DC C 3 2  ? 20.961  -14.070 -26.066 1.00 57.63 ? 2  0DC C P     1 
HETATM 565 O OP1   . 0DC C 3 2  ? 21.508  -12.870 -25.382 1.00 42.87 ? 2  0DC C OP1   1 
HETATM 566 O OP2   . 0DC C 3 2  ? 21.789  -14.724 -27.106 1.00 56.37 ? 2  0DC C OP2   1 
HETATM 567 O "O5'" . 0DC C 3 2  ? 20.614  -15.161 -24.934 1.00 37.17 ? 2  0DC C "O5'" 1 
HETATM 568 C "C5'" . 0DC C 3 2  ? 20.774  -14.784 -23.591 1.00 38.66 ? 2  0DC C "C5'" 1 
HETATM 569 C "C4'" . 0DC C 3 2  ? 21.165  -15.950 -22.706 1.00 40.02 ? 2  0DC C "C4'" 1 
HETATM 570 O "O4'" . 0DC C 3 2  ? 20.267  -17.070 -22.951 1.00 37.92 ? 2  0DC C "O4'" 1 
HETATM 571 C "C3'" . 0DC C 3 2  ? 21.008  -15.647 -21.224 1.00 42.49 ? 2  0DC C "C3'" 1 
HETATM 572 O "O3'" . 0DC C 3 2  ? 21.826  -16.508 -20.414 1.00 44.73 ? 2  0DC C "O3'" 1 
HETATM 573 C "C2'" . 0DC C 3 2  ? 19.534  -15.949 -21.029 1.00 39.28 ? 2  0DC C "C2'" 1 
HETATM 574 C "C1'" . 0DC C 3 2  ? 19.408  -17.233 -21.827 1.00 35.75 ? 2  0DC C "C1'" 1 
HETATM 575 N N1    . 0DC C 3 2  ? 18.037  -17.477 -22.312 1.00 32.24 ? 2  0DC C N1    1 
HETATM 576 C C2    . 0DC C 3 2  ? 17.139  -18.228 -21.532 1.00 33.89 ? 2  0DC C C2    1 
HETATM 577 O O2    . 0DC C 3 2  ? 17.515  -18.683 -20.443 1.00 37.04 ? 2  0DC C O2    1 
HETATM 578 N N3    . 0DC C 3 2  ? 15.881  -18.442 -22.002 1.00 29.75 ? 2  0DC C N3    1 
HETATM 579 C C4    . 0DC C 3 2  ? 15.528  -17.933 -23.188 1.00 27.93 ? 2  0DC C C4    1 
HETATM 580 N N4    . 0DC C 3 2  ? 14.290  -18.164 -23.622 1.00 24.69 ? 2  0DC C N4    1 
HETATM 581 C C5    . 0DC C 3 2  ? 16.430  -17.164 -23.984 1.00 28.87 ? 2  0DC C C5    1 
HETATM 582 C C6    . 0DC C 3 2  ? 17.656  -16.961 -23.509 1.00 31.44 ? 2  0DC C C6    1 
HETATM 583 P P     . 0DT C 3 3  ? 21.982  -16.182 -18.841 1.00 53.93 ? 3  0DT C P     1 
HETATM 584 O OP1   . 0DT C 3 3  ? 21.964  -14.709 -18.738 1.00 45.20 ? 3  0DT C OP1   1 
HETATM 585 O OP2   . 0DT C 3 3  ? 23.103  -16.935 -18.236 1.00 54.26 ? 3  0DT C OP2   1 
HETATM 586 O "O5'" . 0DT C 3 3  ? 20.646  -16.769 -18.191 1.00 38.62 ? 3  0DT C "O5'" 1 
HETATM 587 C "C5'" . 0DT C 3 3  ? 20.287  -18.105 -18.414 1.00 37.96 ? 3  0DT C "C5'" 1 
HETATM 588 C "C4'" . 0DT C 3 3  ? 19.604  -18.681 -17.192 1.00 43.48 ? 3  0DT C "C4'" 1 
HETATM 589 O "O4'" . 0DT C 3 3  ? 18.215  -18.983 -17.487 1.00 44.94 ? 3  0DT C "O4'" 1 
HETATM 590 C "C3'" . 0DT C 3 3  ? 19.574  -17.783 -15.961 1.00 41.79 ? 3  0DT C "C3'" 1 
HETATM 591 O "O3'" . 0DT C 3 3  ? 19.667  -18.632 -14.784 1.00 44.95 ? 3  0DT C "O3'" 1 
HETATM 592 C "C2'" . 0DT C 3 3  ? 18.223  -17.056 -16.108 1.00 32.11 ? 3  0DT C "C2'" 1 
HETATM 593 C "C1'" . 0DT C 3 3  ? 17.350  -18.138 -16.735 1.00 35.51 ? 3  0DT C "C1'" 1 
HETATM 594 N N1    . 0DT C 3 3  ? 16.308  -17.653 -17.668 1.00 25.42 ? 3  0DT C N1    1 
HETATM 595 C C2    . 0DT C 3 3  ? 15.135  -18.369 -17.787 1.00 26.04 ? 3  0DT C C2    1 
HETATM 596 O O2    . 0DT C 3 3  ? 14.880  -19.373 -17.115 1.00 27.69 ? 3  0DT C O2    1 
HETATM 597 N N3    . 0DT C 3 3  ? 14.255  -17.869 -18.701 1.00 20.34 ? 3  0DT C N3    1 
HETATM 598 C C4    . 0DT C 3 3  ? 14.435  -16.772 -19.511 1.00 23.14 ? 3  0DT C C4    1 
HETATM 599 O O4    . 0DT C 3 3  ? 13.585  -16.398 -20.321 1.00 20.71 ? 3  0DT C O4    1 
HETATM 600 C C5    . 0DT C 3 3  ? 15.688  -16.082 -19.343 1.00 26.45 ? 3  0DT C C5    1 
HETATM 601 C C5M   . 0DT C 3 3  ? 15.983  -14.866 -20.166 1.00 24.14 ? 3  0DT C C5M   1 
HETATM 602 C C6    . 0DT C 3 3  ? 16.562  -16.560 -18.450 1.00 24.98 ? 3  0DT C C6    1 
HETATM 603 P P     . 0DG C 3 4  ? 18.626  -18.542 -13.563 1.00 52.94 ? 4  0DG C P     1 
HETATM 604 O OP1   . 0DG C 3 4  ? 18.477  -17.108 -13.229 1.00 41.61 ? 4  0DG C OP1   1 
HETATM 605 O OP2   . 0DG C 3 4  ? 19.092  -19.479 -12.506 1.00 47.80 ? 4  0DG C OP2   1 
HETATM 606 O "O5'" . 0DG C 3 4  ? 17.262  -19.157 -14.163 1.00 42.88 ? 4  0DG C "O5'" 1 
HETATM 607 C "C5'" . 0DG C 3 4  ? 16.464  -20.259 -13.456 1.00 41.51 ? 4  0DG C "C5'" 1 
HETATM 608 C "C4'" . 0DG C 3 4  ? 15.512  -19.834 -12.333 1.00 40.33 ? 4  0DG C "C4'" 1 
HETATM 609 O "O4'" . 0DG C 3 4  ? 14.489  -18.954 -12.852 1.00 36.29 ? 4  0DG C "O4'" 1 
HETATM 610 C "C3'" . 0DG C 3 4  ? 16.134  -19.040 -11.195 1.00 41.23 ? 4  0DG C "C3'" 1 
HETATM 611 O "O3'" . 0DG C 3 4  ? 15.271  -19.098 -10.070 1.00 41.68 ? 4  0DG C "O3'" 1 
HETATM 612 C "C2'" . 0DG C 3 4  ? 16.127  -17.642 -11.779 1.00 35.89 ? 4  0DG C "C2'" 1 
HETATM 613 C "C1'" . 0DG C 3 4  ? 14.738  -17.635 -12.398 1.00 31.71 ? 4  0DG C "C1'" 1 
HETATM 614 N N9    . 0DG C 3 4  ? 14.607  -16.763 -13.531 1.00 26.81 ? 4  0DG C N9    1 
HETATM 615 C C8    . 0DG C 3 4  ? 15.386  -15.695 -13.870 1.00 28.04 ? 4  0DG C C8    1 
HETATM 616 N N7    . 0DG C 3 4  ? 15.004  -15.113 -14.972 1.00 23.55 ? 4  0DG C N7    1 
HETATM 617 C C5    . 0DG C 3 4  ? 13.908  -15.858 -15.373 1.00 21.43 ? 4  0DG C C5    1 
HETATM 618 C C6    . 0DG C 3 4  ? 13.075  -15.721 -16.498 1.00 17.34 ? 4  0DG C C6    1 
HETATM 619 O O6    . 0DG C 3 4  ? 13.143  -14.868 -17.386 1.00 15.49 ? 4  0DG C O6    1 
HETATM 620 N N1    . 0DG C 3 4  ? 12.077  -16.681 -16.526 1.00 16.59 ? 4  0DG C N1    1 
HETATM 621 C C2    . 0DG C 3 4  ? 11.907  -17.664 -15.568 1.00 22.47 ? 4  0DG C C2    1 
HETATM 622 N N2    . 0DG C 3 4  ? 10.886  -18.516 -15.754 1.00 23.82 ? 4  0DG C N2    1 
HETATM 623 N N3    . 0DG C 3 4  ? 12.688  -17.806 -14.513 1.00 22.83 ? 4  0DG C N3    1 
HETATM 624 C C4    . 0DG C 3 4  ? 13.656  -16.877 -14.488 1.00 23.98 ? 4  0DG C C4    1 
HETATM 625 C C8A   . 0DA C 3 5  ? 12.473  -17.365 -9.943  1.00 32.46 ? 5  0DA C C8A   1 
HETATM 626 N N9A   . 0DA C 3 5  ? 11.344  -18.010 -10.370 1.00 29.32 ? 5  0DA C N9A   1 
HETATM 627 C C4A   . 0DA C 3 5  ? 10.842  -17.242 -11.399 1.00 26.94 ? 5  0DA C C4A   1 
HETATM 628 C C5A   . 0DA C 3 5  ? 11.707  -16.163 -11.527 1.00 27.13 ? 5  0DA C C5A   1 
HETATM 629 N N7A   . 0DA C 3 5  ? 12.733  -16.248 -10.599 1.00 30.50 ? 5  0DA C N7A   1 
HETATM 630 N N3A   . 0DA C 3 5  ? 9.737   -17.483 -12.131 1.00 24.05 ? 5  0DA C N3A   1 
HETATM 631 C C2A   . 0DA C 3 5  ? 9.552   -16.520 -13.047 1.00 24.10 ? 5  0DA C C2A   1 
HETATM 632 N N1A   . 0DA C 3 5  ? 10.296  -15.427 -13.291 1.00 19.18 ? 5  0DA C N1A   1 
HETATM 633 C C6A   . 0DA C 3 5  ? 11.408  -15.215 -12.541 1.00 22.59 ? 5  0DA C C6A   1 
HETATM 634 N N6A   . 0DA C 3 5  ? 12.160  -14.129 -12.785 1.00 21.03 ? 5  0DA C N6A   1 
HETATM 635 C "C4'" . 0DA C 3 5  ? 11.483  -21.384 -9.206  1.00 37.96 ? 5  0DA C "C4'" 1 
HETATM 636 O "O4'" . 0DA C 3 5  ? 11.660  -20.324 -10.189 1.00 39.77 ? 5  0DA C "O4'" 1 
HETATM 637 C "C3'" . 0DA C 3 5  ? 10.494  -20.828 -8.191  1.00 38.93 ? 5  0DA C "C3'" 1 
HETATM 638 C "C2'" . 0DA C 3 5  ? 10.663  -19.319 -8.367  1.00 35.35 ? 5  0DA C "C2'" 1 
HETATM 639 C "C1'" . 0DA C 3 5  ? 10.789  -19.256 -9.864  1.00 33.54 ? 5  0DA C "C1'" 1 
HETATM 640 O "O3'" . 0DA C 3 5  ? 9.189   -21.243 -8.547  1.00 42.23 ? 5  0DA C "O3'" 1 
HETATM 641 C "C5'" . 0DA C 3 5  ? 12.825  -21.791 -8.629  1.00 41.34 ? 5  0DA C "C5'" 1 
HETATM 642 O "O5'" . 0DA C 3 5  ? 13.709  -20.496 -8.641  1.00 44.90 ? 5  0DA C "O5'" 1 
HETATM 643 P P     . 0DA C 3 5  ? 15.221  -20.420 -9.164  1.00 52.86 ? 5  0DA C P     1 
HETATM 644 O OP2   . 0DA C 3 5  ? 15.443  -21.585 -10.052 1.00 45.89 ? 5  0DA C OP2   1 
HETATM 645 O OP1   . 0DA C 3 5  ? 16.095  -20.169 -7.995  1.00 50.08 ? 5  0DA C OP1   1 
HETATM 646 P P     . 0DG C 3 6  ? 7.948   -20.917 -7.577  1.00 46.92 ? 6  0DG C P     1 
HETATM 647 O OP1   . 0DG C 3 6  ? 8.430   -20.014 -6.504  1.00 37.10 ? 6  0DG C OP1   1 
HETATM 648 O OP2   . 0DG C 3 6  ? 7.283   -22.208 -7.258  1.00 49.25 ? 6  0DG C OP2   1 
HETATM 649 O "O5'" . 0DG C 3 6  ? 6.959   -20.075 -8.497  1.00 33.52 ? 6  0DG C "O5'" 1 
HETATM 650 C "C5'" . 0DG C 3 6  ? 7.250   -19.587 -9.758  1.00 29.99 ? 6  0DG C "C5'" 1 
HETATM 651 C "C4'" . 0DG C 3 6  ? 5.977   -19.091 -10.371 1.00 30.65 ? 6  0DG C "C4'" 1 
HETATM 652 O "O4'" . 0DG C 3 6  ? 6.236   -17.870 -11.095 1.00 31.04 ? 6  0DG C "O4'" 1 
HETATM 653 C "C3'" . 0DG C 3 6  ? 4.912   -18.732 -9.359  1.00 28.28 ? 6  0DG C "C3'" 1 
HETATM 654 O "O3'" . 0DG C 3 6  ? 3.628   -18.825 -9.972  1.00 30.67 ? 6  0DG C "O3'" 1 
HETATM 655 C "C2'" . 0DG C 3 6  ? 5.295   -17.299 -8.989  1.00 20.64 ? 6  0DG C "C2'" 1 
HETATM 656 C "C1'" . 0DG C 3 6  ? 5.911   -16.761 -10.285 1.00 23.93 ? 6  0DG C "C1'" 1 
HETATM 657 N N9    . 0DG C 3 6  ? 7.138   -16.001 -10.091 1.00 20.68 ? 6  0DG C N9    1 
HETATM 658 C C8    . 0DG C 3 6  ? 8.175   -16.281 -9.227  1.00 24.65 ? 6  0DG C C8    1 
HETATM 659 N N7    . 0DG C 3 6  ? 9.155   -15.421 -9.299  1.00 19.80 ? 6  0DG C N7    1 
HETATM 660 C C5    . 0DG C 3 6  ? 8.744   -14.534 -10.270 1.00 15.68 ? 6  0DG C C5    1 
HETATM 661 C C6    . 0DG C 3 6  ? 9.380   -13.378 -10.765 1.00 18.81 ? 6  0DG C C6    1 
HETATM 662 O O6    . 0DG C 3 6  ? 10.484  -12.905 -10.436 1.00 17.95 ? 6  0DG C O6    1 
HETATM 663 N N1    . 0DG C 3 6  ? 8.603   -12.751 -11.749 1.00 18.81 ? 6  0DG C N1    1 
HETATM 664 C C2    . 0DG C 3 6  ? 7.360   -13.197 -12.176 1.00 19.37 ? 6  0DG C C2    1 
HETATM 665 N N2    . 0DG C 3 6  ? 6.758   -12.474 -13.137 1.00 16.54 ? 6  0DG C N2    1 
HETATM 666 N N3    . 0DG C 3 6  ? 6.755   -14.278 -11.701 1.00 15.72 ? 6  0DG C N3    1 
HETATM 667 C C4    . 0DG C 3 6  ? 7.500   -14.886 -10.763 1.00 15.07 ? 6  0DG C C4    1 
HETATM 668 P P     . 0DT C 3 7  ? 2.363   -18.030 -9.378  1.00 30.87 ? 7  0DT C P     1 
HETATM 669 O OP1   . 0DT C 3 7  ? 2.478   -17.963 -7.904  1.00 33.83 ? 7  0DT C OP1   1 
HETATM 670 O OP2   . 0DT C 3 7  ? 1.144   -18.632 -9.964  1.00 35.38 ? 7  0DT C OP2   1 
HETATM 671 O "O5'" . 0DT C 3 7  ? 2.506   -16.582 -10.025 1.00 25.76 ? 7  0DT C "O5'" 1 
HETATM 672 C "C5'" . 0DT C 3 7  ? 2.357   -16.503 -11.314 1.00 23.16 ? 7  0DT C "C5'" 1 
HETATM 673 C "C4'" . 0DT C 3 7  ? 2.309   -15.086 -11.839 1.00 25.92 ? 7  0DT C "C4'" 1 
HETATM 674 O "O4'" . 0DT C 3 7  ? 3.517   -14.377 -11.481 1.00 29.71 ? 7  0DT C "O4'" 1 
HETATM 675 C "C3'" . 0DT C 3 7  ? 1.135   -14.218 -11.371 1.00 19.80 ? 7  0DT C "C3'" 1 
HETATM 676 O "O3'" . 0DT C 3 7  ? 0.555   -13.661 -12.542 1.00 24.41 ? 7  0DT C "O3'" 1 
HETATM 677 C "C2'" . 0DT C 3 7  ? 1.812   -13.158 -10.474 1.00 16.37 ? 7  0DT C "C2'" 1 
HETATM 678 C "C1'" . 0DT C 3 7  ? 3.180   -13.059 -11.131 1.00 21.63 ? 7  0DT C "C1'" 1 
HETATM 679 N N1    . 0DT C 3 7  ? 4.321   -12.517 -10.302 1.00 19.00 ? 7  0DT C N1    1 
HETATM 680 C C2    . 0DT C 3 7  ? 4.878   -11.295 -10.649 1.00 21.67 ? 7  0DT C C2    1 
HETATM 681 O O2    . 0DT C 3 7  ? 4.439   -10.582 -11.540 1.00 23.61 ? 7  0DT C O2    1 
HETATM 682 N N3    . 0DT C 3 7  ? 5.954   -10.910 -9.889  1.00 20.33 ? 7  0DT C N3    1 
HETATM 683 C C4    . 0DT C 3 7  ? 6.545   -11.613 -8.860  1.00 18.40 ? 7  0DT C C4    1 
HETATM 684 O O4    . 0DT C 3 7  ? 7.511   -11.179 -8.234  1.00 19.81 ? 7  0DT C O4    1 
HETATM 685 C C5    . 0DT C 3 7  ? 5.946   -12.894 -8.566  1.00 15.65 ? 7  0DT C C5    1 
HETATM 686 C C5M   . 0DT C 3 7  ? 6.513   -13.734 -7.471  1.00 14.24 ? 7  0DT C C5M   1 
HETATM 687 C C6    . 0DT C 3 7  ? 4.881   -13.291 -9.299  1.00 17.53 ? 7  0DT C C6    1 
HETATM 688 P P     . 0DT C 3 8  ? -0.701  -12.669 -12.492 1.00 34.49 ? 8  0DT C P     1 
HETATM 689 O OP1   . 0DT C 3 8  ? -1.424  -13.051 -11.255 1.00 22.22 ? 8  0DT C OP1   1 
HETATM 690 O OP2   . 0DT C 3 8  ? -1.413  -12.670 -13.789 1.00 31.29 ? 8  0DT C OP2   1 
HETATM 691 O "O5'" . 0DT C 3 8  ? -0.055  -11.199 -12.447 1.00 17.97 ? 8  0DT C "O5'" 1 
HETATM 692 C "C5'" . 0DT C 3 8  ? -0.697  -10.177 -13.028 1.00 22.64 ? 8  0DT C "C5'" 1 
HETATM 693 C "C4'" . 0DT C 3 8  ? 0.190   -8.935  -13.004 1.00 22.91 ? 8  0DT C "C4'" 1 
HETATM 694 O "O4'" . 0DT C 3 8  ? 1.323   -9.192  -12.158 1.00 24.43 ? 8  0DT C "O4'" 1 
HETATM 695 C "C3'" . 0DT C 3 8  ? -0.451  -7.660  -12.447 1.00 22.44 ? 8  0DT C "C3'" 1 
HETATM 696 O "O3'" . 0DT C 3 8  ? -0.134  -6.576  -13.271 1.00 22.91 ? 8  0DT C "O3'" 1 
HETATM 697 C "C2'" . 0DT C 3 8  ? 0.207   -7.509  -11.074 1.00 22.94 ? 8  0DT C "C2'" 1 
HETATM 698 C "C1'" . 0DT C 3 8  ? 1.571   -8.059  -11.377 1.00 19.56 ? 8  0DT C "C1'" 1 
HETATM 699 N N1    . 0DT C 3 8  ? 2.335   -8.478  -10.211 1.00 15.71 ? 8  0DT C N1    1 
HETATM 700 C C2    . 0DT C 3 8  ? 3.547   -7.888  -9.960  1.00 18.05 ? 8  0DT C C2    1 
HETATM 701 O O2    . 0DT C 3 8  ? 4.004   -6.992  -10.641 1.00 24.11 ? 8  0DT C O2    1 
HETATM 702 N N3    . 0DT C 3 8  ? 4.206   -8.368  -8.869  1.00 13.28 ? 8  0DT C N3    1 
HETATM 703 C C4    . 0DT C 3 8  ? 3.788   -9.382  -8.033  1.00 17.89 ? 8  0DT C C4    1 
HETATM 704 O O4    . 0DT C 3 8  ? 4.441   -9.756  -7.056  1.00 16.78 ? 8  0DT C O4    1 
HETATM 705 C C5    . 0DT C 3 8  ? 2.515   -9.968  -8.371  1.00 18.13 ? 8  0DT C C5    1 
HETATM 706 C C5M   . 0DT C 3 8  ? 1.952   -11.063 -7.528  1.00 19.00 ? 8  0DT C C5M   1 
HETATM 707 C C6    . 0DT C 3 8  ? 1.868   -9.501  -9.443  1.00 17.92 ? 8  0DT C C6    1 
HETATM 708 P P     . 0DG D 4 1  ? -0.535  6.601   14.976  1.00 49.02 ? 10 0DG D P     1 
HETATM 709 O OP1   . 0DG D 4 1  ? -1.126  7.466   16.019  1.00 48.17 ? 10 0DG D OP1   1 
HETATM 710 O OP2   . 0DG D 4 1  ? 0.871   6.775   14.598  1.00 34.30 ? 10 0DG D OP2   1 
HETATM 711 O "O5'" . 0DG D 4 1  ? -0.718  5.082   15.425  1.00 35.74 ? 10 0DG D "O5'" 1 
HETATM 712 C "C5'" . 0DG D 4 1  ? -0.089  4.070   14.675  1.00 30.07 ? 10 0DG D "C5'" 1 
HETATM 713 C "C4'" . 0DG D 4 1  ? -1.033  2.932   14.320  1.00 26.83 ? 10 0DG D "C4'" 1 
HETATM 714 O "O4'" . 0DG D 4 1  ? -0.718  2.507   12.972  1.00 26.95 ? 10 0DG D "O4'" 1 
HETATM 715 C "C3'" . 0DG D 4 1  ? -2.516  3.285   14.302  1.00 30.24 ? 10 0DG D "C3'" 1 
HETATM 716 O "O3'" . 0DG D 4 1  ? -3.133  2.890   15.515  1.00 27.91 ? 10 0DG D "O3'" 1 
HETATM 717 C "C2'" . 0DG D 4 1  ? -3.059  2.476   13.127  1.00 25.63 ? 10 0DG D "C2'" 1 
HETATM 718 C "C1'" . 0DG D 4 1  ? -1.882  2.456   12.177  1.00 22.01 ? 10 0DG D "C1'" 1 
HETATM 719 N N9    . 0DG D 4 1  ? -1.847  3.560   11.237  1.00 18.03 ? 10 0DG D N9    1 
HETATM 720 C C8    . 0DG D 4 1  ? -0.902  4.545   11.161  1.00 20.16 ? 10 0DG D C8    1 
HETATM 721 N N7    . 0DG D 4 1  ? -1.115  5.396   10.192  1.00 18.08 ? 10 0DG D N7    1 
HETATM 722 C C5    . 0DG D 4 1  ? -2.278  4.940   9.594   1.00 16.62 ? 10 0DG D C5    1 
HETATM 723 C C6    . 0DG D 4 1  ? -2.991  5.457   8.496   1.00 16.84 ? 10 0DG D C6    1 
HETATM 724 O O6    . 0DG D 4 1  ? -2.729  6.457   7.816   1.00 20.65 ? 10 0DG D O6    1 
HETATM 725 N N1    . 0DG D 4 1  ? -4.109  4.695   8.205   1.00 16.57 ? 10 0DG D N1    1 
HETATM 726 C C2    . 0DG D 4 1  ? -4.485  3.569   8.889   1.00 22.83 ? 10 0DG D C2    1 
HETATM 727 N N2    . 0DG D 4 1  ? -5.599  2.958   8.454   1.00 27.84 ? 10 0DG D N2    1 
HETATM 728 N N3    . 0DG D 4 1  ? -3.826  3.072   9.929   1.00 20.24 ? 10 0DG D N3    1 
HETATM 729 C C4    . 0DG D 4 1  ? -2.733  3.807   10.220  1.00 18.47 ? 10 0DG D C4    1 
HETATM 730 P P     . 0DG D 4 2  ? -4.420  3.700   16.030  1.00 36.19 ? 11 0DG D P     1 
HETATM 731 O OP1   . 0DG D 4 2  ? -4.034  5.135   16.141  1.00 31.92 ? 11 0DG D OP1   1 
HETATM 732 O OP2   . 0DG D 4 2  ? -4.928  2.984   17.226  1.00 34.76 ? 11 0DG D OP2   1 
HETATM 733 O "O5'" . 0DG D 4 2  ? -5.463  3.574   14.816  1.00 31.26 ? 11 0DG D "O5'" 1 
HETATM 734 C "C5'" . 0DG D 4 2  ? -6.555  2.658   14.901  1.00 29.36 ? 11 0DG D "C5'" 1 
HETATM 735 C "C4'" . 0DG D 4 2  ? -7.315  2.630   13.593  1.00 31.99 ? 11 0DG D "C4'" 1 
HETATM 736 O "O4'" . 0DG D 4 2  ? -6.489  3.192   12.567  1.00 26.81 ? 11 0DG D "O4'" 1 
HETATM 737 C "C3'" . 0DG D 4 2  ? -8.544  3.504   13.558  1.00 34.09 ? 11 0DG D "C3'" 1 
HETATM 738 O "O3'" . 0DG D 4 2  ? -9.651  2.806   14.091  1.00 34.90 ? 11 0DG D "O3'" 1 
HETATM 739 C "C2'" . 0DG D 4 2  ? -8.718  3.789   12.059  1.00 33.02 ? 11 0DG D "C2'" 1 
HETATM 740 C "C1'" . 0DG D 4 2  ? -7.302  3.636   11.508  1.00 23.78 ? 11 0DG D "C1'" 1 
HETATM 741 N N9    . 0DG D 4 2  ? -6.732  4.861   11.007  1.00 22.41 ? 11 0DG D N9    1 
HETATM 742 C C8    . 0DG D 4 2  ? -5.650  5.531   11.525  1.00 23.57 ? 11 0DG D C8    1 
HETATM 743 N N7    . 0DG D 4 2  ? -5.330  6.604   10.850  1.00 19.21 ? 11 0DG D N7    1 
HETATM 744 C C5    . 0DG D 4 2  ? -6.261  6.648   9.827   1.00 20.55 ? 11 0DG D C5    1 
HETATM 745 C C6    . 0DG D 4 2  ? -6.410  7.586   8.785   1.00 24.93 ? 11 0DG D C6    1 
HETATM 746 O O6    . 0DG D 4 2  ? -5.729  8.602   8.560   1.00 23.60 ? 11 0DG D O6    1 
HETATM 747 N N1    . 0DG D 4 2  ? -7.474  7.252   7.948   1.00 25.70 ? 11 0DG D N1    1 
HETATM 748 C C2    . 0DG D 4 2  ? -8.291  6.151   8.112   1.00 27.01 ? 11 0DG D C2    1 
HETATM 749 N N2    . 0DG D 4 2  ? -9.263  6.000   7.202   1.00 29.77 ? 11 0DG D N2    1 
HETATM 750 N N3    . 0DG D 4 2  ? -8.164  5.261   9.094   1.00 22.57 ? 11 0DG D N3    1 
HETATM 751 C C4    . 0DG D 4 2  ? -7.129  5.572   9.906   1.00 21.62 ? 11 0DG D C4    1 
HETATM 752 P P     . 0DT D 4 3  ? -10.941 3.646   14.537  1.00 55.31 ? 12 0DT D P     1 
HETATM 753 O OP1   . 0DT D 4 3  ? -10.494 4.593   15.588  1.00 46.12 ? 12 0DT D OP1   1 
HETATM 754 O OP2   . 0DT D 4 3  ? -12.053 2.697   14.797  1.00 40.84 ? 12 0DT D OP2   1 
HETATM 755 O "O5'" . 0DT D 4 3  ? -11.253 4.542   13.255  1.00 38.32 ? 12 0DT D "O5'" 1 
HETATM 756 C "C5'" . 0DT D 4 3  ? -11.956 3.709   12.278  1.00 36.53 ? 12 0DT D "C5'" 1 
HETATM 757 C "C4'" . 0DT D 4 3  ? -12.515 4.431   11.099  1.00 37.56 ? 12 0DT D "C4'" 1 
HETATM 758 O "O4'" . 0DT D 4 3  ? -11.469 5.240   10.531  1.00 34.89 ? 12 0DT D "O4'" 1 
HETATM 759 C "C3'" . 0DT D 4 3  ? -13.647 5.381   11.455  1.00 43.88 ? 12 0DT D "C3'" 1 
HETATM 760 O "O3'" . 0DT D 4 3  ? -14.751 5.159   10.608  1.00 51.04 ? 12 0DT D "O3'" 1 
HETATM 761 C "C2'" . 0DT D 4 3  ? -13.043 6.769   11.244  1.00 42.75 ? 12 0DT D "C2'" 1 
HETATM 762 C "C1'" . 0DT D 4 3  ? -11.970 6.505   10.222  1.00 33.53 ? 12 0DT D "C1'" 1 
HETATM 763 N N1    . 0DT D 4 3  ? -10.881 7.453   10.339  1.00 29.04 ? 12 0DT D N1    1 
HETATM 764 C C2    . 0DT D 4 3  ? -10.697 8.388   9.349   1.00 35.02 ? 12 0DT D C2    1 
HETATM 765 O O2    . 0DT D 4 3  ? -11.395 8.456   8.352   1.00 39.22 ? 12 0DT D O2    1 
HETATM 766 N N3    . 0DT D 4 3  ? -9.657  9.256   9.562   1.00 33.50 ? 12 0DT D N3    1 
HETATM 767 C C4    . 0DT D 4 3  ? -8.803  9.278   10.650  1.00 30.64 ? 12 0DT D C4    1 
HETATM 768 O O4    . 0DT D 4 3  ? -7.893  10.104  10.758  1.00 29.18 ? 12 0DT D O4    1 
HETATM 769 C C5    . 0DT D 4 3  ? -9.060  8.263   11.652  1.00 27.23 ? 12 0DT D C5    1 
HETATM 770 C C5M   . 0DT D 4 3  ? -8.202  8.189   12.873  1.00 28.45 ? 12 0DT D C5M   1 
HETATM 771 C C6    . 0DT D 4 3  ? -10.078 7.413   11.452  1.00 27.76 ? 12 0DT D C6    1 
HETATM 772 P P     . 0DC D 4 4  ? -16.216 5.671   11.031  1.00 59.84 ? 13 0DC D P     1 
HETATM 773 O OP1   . 0DC D 4 4  ? -16.214 6.214   12.414  1.00 55.83 ? 13 0DC D OP1   1 
HETATM 774 O OP2   . 0DC D 4 4  ? -17.151 4.592   10.645  1.00 44.66 ? 13 0DC D OP2   1 
HETATM 775 O "O5'" . 0DC D 4 4  ? -16.421 6.959   10.128  1.00 49.24 ? 13 0DC D "O5'" 1 
HETATM 776 C "C5'" . 0DC D 4 4  ? -15.692 7.010   9.013   1.00 43.74 ? 13 0DC D "C5'" 1 
HETATM 777 C "C4'" . 0DC D 4 4  ? -16.329 7.983   8.073   1.00 52.65 ? 13 0DC D "C4'" 1 
HETATM 778 O "O4'" . 0DC D 4 4  ? -15.353 8.980   7.685   1.00 51.90 ? 13 0DC D "O4'" 1 
HETATM 779 C "C3'" . 0DC D 4 4  ? -17.473 8.758   8.691   1.00 56.76 ? 13 0DC D "C3'" 1 
HETATM 780 O "O3'" . 0DC D 4 4  ? -18.375 9.215   7.663   1.00 67.02 ? 13 0DC D "O3'" 1 
HETATM 781 C "C2'" . 0DC D 4 4  ? -16.738 9.905   9.382   1.00 57.01 ? 13 0DC D "C2'" 1 
HETATM 782 C "C1'" . 0DC D 4 4  ? -15.536 10.150  8.451   1.00 50.64 ? 13 0DC D "C1'" 1 
HETATM 783 N N1    . 0DC D 4 4  ? -14.264 10.461  9.189   1.00 43.93 ? 13 0DC D N1    1 
HETATM 784 C C2    . 0DC D 4 4  ? -13.450 11.518  8.746   1.00 41.81 ? 13 0DC D C2    1 
HETATM 785 O O2    . 0DC D 4 4  ? -13.784 12.159  7.743   1.00 43.91 ? 13 0DC D O2    1 
HETATM 786 N N3    . 0DC D 4 4  ? -12.313 11.807  9.428   1.00 37.51 ? 13 0DC D N3    1 
HETATM 787 C C4    . 0DC D 4 4  ? -11.985 11.093  10.510  1.00 38.95 ? 13 0DC D C4    1 
HETATM 788 N N4    . 0DC D 4 4  ? -10.852 11.418  11.146  1.00 37.84 ? 13 0DC D N4    1 
HETATM 789 C C5    . 0DC D 4 4  ? -12.805 10.014  10.987  1.00 36.54 ? 13 0DC D C5    1 
HETATM 790 C C6    . 0DC D 4 4  ? -13.923 9.736   10.303  1.00 40.69 ? 13 0DC D C6    1 
HETATM 791 P P     . 0DT D 4 5  ? -19.492 10.340  7.975   1.00 72.92 ? 14 0DT D P     1 
HETATM 792 O OP1   . 0DT D 4 5  ? -19.971 10.159  9.366   1.00 57.57 ? 14 0DT D OP1   1 
HETATM 793 O OP2   . 0DT D 4 5  ? -20.471 10.296  6.860   1.00 69.61 ? 14 0DT D OP2   1 
HETATM 794 O "O5'" . 0DT D 4 5  ? -18.674 11.718  7.859   1.00 61.76 ? 14 0DT D "O5'" 1 
HETATM 795 C "C5'" . 0DT D 4 5  ? -17.869 11.955  6.696   1.00 59.50 ? 14 0DT D "C5'" 1 
HETATM 796 C "C4'" . 0DT D 4 5  ? -17.584 13.434  6.517   1.00 60.84 ? 14 0DT D "C4'" 1 
HETATM 797 O "O4'" . 0DT D 4 5  ? -16.312 13.778  7.134   1.00 57.53 ? 14 0DT D "O4'" 1 
HETATM 798 C "C3'" . 0DT D 4 5  ? -18.614 14.368  7.131   1.00 59.04 ? 14 0DT D "C3'" 1 
HETATM 799 O "O3'" . 0DT D 4 5  ? -18.772 15.492  6.308   1.00 63.28 ? 14 0DT D "O3'" 1 
HETATM 800 C "C2'" . 0DT D 4 5  ? -17.982 14.747  8.464   1.00 57.41 ? 14 0DT D "C2'" 1 
HETATM 801 C "C1'" . 0DT D 4 5  ? -16.505 14.792  8.098   1.00 53.91 ? 14 0DT D "C1'" 1 
HETATM 802 N N1    . 0DT D 4 5  ? -15.612 14.517  9.253   1.00 47.91 ? 14 0DT D N1    1 
HETATM 803 C C2    . 0DT D 4 5  ? -14.505 15.317  9.465   1.00 46.01 ? 14 0DT D C2    1 
HETATM 804 O O2    . 0DT D 4 5  ? -14.200 16.256  8.735   1.00 46.23 ? 14 0DT D O2    1 
HETATM 805 N N3    . 0DT D 4 5  ? -13.754 14.969  10.560  1.00 40.76 ? 14 0DT D N3    1 
HETATM 806 C C4    . 0DT D 4 5  ? -14.000 13.932  11.450  1.00 40.96 ? 14 0DT D C4    1 
HETATM 807 O O4    . 0DT D 4 5  ? -13.266 13.697  12.410  1.00 38.22 ? 14 0DT D O4    1 
HETATM 808 C C5    . 0DT D 4 5  ? -15.178 13.141  11.166  1.00 43.24 ? 14 0DT D C5    1 
HETATM 809 C C5M   . 0DT D 4 5  ? -15.548 11.990  12.054  1.00 39.31 ? 14 0DT D C5M   1 
HETATM 810 C C6    . 0DT D 4 5  ? -15.918 13.469  10.098  1.00 44.85 ? 14 0DT D C6    1 
HETATM 811 P P     . 0DG D 4 6  ? -20.121 16.353  6.399   1.00 74.67 ? 15 0DG D P     1 
HETATM 812 O OP1   . 0DG D 4 6  ? -20.917 15.775  7.509   1.00 68.15 ? 15 0DG D OP1   1 
HETATM 813 O OP2   . 0DG D 4 6  ? -20.696 16.434  5.032   1.00 76.41 ? 15 0DG D OP2   1 
HETATM 814 O "O5'" . 0DG D 4 6  ? -19.617 17.823  6.788   1.00 63.72 ? 15 0DG D "O5'" 1 
HETATM 815 C "C5'" . 0DG D 4 6  ? -18.697 18.652  5.853   1.00 63.78 ? 15 0DG D "C5'" 1 
HETATM 816 C "C4'" . 0DG D 4 6  ? -17.956 19.707  6.646   1.00 64.87 ? 15 0DG D "C4'" 1 
HETATM 817 O "O4'" . 0DG D 4 6  ? -17.081 19.038  7.579   1.00 61.96 ? 15 0DG D "O4'" 1 
HETATM 818 C "C3'" . 0DG D 4 6  ? -18.865 20.629  7.469   1.00 65.19 ? 15 0DG D "C3'" 1 
HETATM 819 O "O3'" . 0DG D 4 6  ? -18.893 21.991  6.910   1.00 69.86 ? 15 0DG D "O3'" 1 
HETATM 820 C "C2'" . 0DG D 4 6  ? -18.327 20.579  8.904   1.00 56.68 ? 15 0DG D "C2'" 1 
HETATM 821 C "C1'" . 0DG D 4 6  ? -17.081 19.696  8.824   1.00 55.14 ? 15 0DG D "C1'" 1 
HETATM 822 N N9    . 0DG D 4 6  ? -17.035 18.688  9.876   1.00 47.72 ? 15 0DG D N9    1 
HETATM 823 C C8    . 0DG D 4 6  ? -17.968 17.714  10.136  1.00 50.38 ? 15 0DG D C8    1 
HETATM 824 N N7    . 0DG D 4 6  ? -17.663 16.957  11.159  1.00 48.42 ? 15 0DG D N7    1 
HETATM 825 C C5    . 0DG D 4 6  ? -16.446 17.465  11.603  1.00 45.05 ? 15 0DG D C5    1 
HETATM 826 C C6    . 0DG D 4 6  ? -15.620 17.050  12.678  1.00 39.24 ? 15 0DG D C6    1 
HETATM 827 O O6    . 0DG D 4 6  ? -15.806 16.118  13.478  1.00 38.59 ? 15 0DG D O6    1 
HETATM 828 N N1    . 0DG D 4 6  ? -14.471 17.839  12.776  1.00 34.69 ? 15 0DG D N1    1 
HETATM 829 C C2    . 0DG D 4 6  ? -14.164 18.895  11.934  1.00 38.58 ? 15 0DG D C2    1 
HETATM 830 N N2    . 0DG D 4 6  ? -13.011 19.548  12.182  1.00 34.88 ? 15 0DG D N2    1 
HETATM 831 N N3    . 0DG D 4 6  ? -14.931 19.290  10.926  1.00 42.86 ? 15 0DG D N3    1 
HETATM 832 C C4    . 0DG D 4 6  ? -16.049 18.531  10.819  1.00 44.85 ? 15 0DG D C4    1 
HETATM 833 P P     . 0DC D 4 7  ? -17.765 23.101  7.250   1.00 70.86 ? 16 0DC D P     1 
HETATM 834 O OP1   . 0DC D 4 7  ? -17.888 24.189  6.250   1.00 63.87 ? 16 0DC D OP1   1 
HETATM 835 O OP2   . 0DC D 4 7  ? -16.453 22.425  7.415   1.00 69.92 ? 16 0DC D OP2   1 
HETATM 836 O "O5'" . 0DC D 4 7  ? -18.239 23.740  8.638   1.00 63.00 ? 16 0DC D "O5'" 1 
HETATM 837 C "C5'" . 0DC D 4 7  ? -17.726 25.035  9.179   1.00 62.64 ? 16 0DC D "C5'" 1 
HETATM 838 C "C4'" . 0DC D 4 7  ? -16.209 25.090  9.214   1.00 58.48 ? 16 0DC D "C4'" 1 
HETATM 839 O "O4'" . 0DC D 4 7  ? -15.697 23.835  9.725   1.00 56.15 ? 16 0DC D "O4'" 1 
HETATM 840 C "C3'" . 0DC D 4 7  ? -15.635 26.153  10.138  1.00 60.33 ? 16 0DC D "C3'" 1 
HETATM 841 O "O3'" . 0DC D 4 7  ? -14.329 26.519  9.703   1.00 72.05 ? 16 0DC D "O3'" 1 
HETATM 842 C "C2'" . 0DC D 4 7  ? -15.594 25.420  11.473  1.00 50.35 ? 16 0DC D "C2'" 1 
HETATM 843 C "C1'" . 0DC D 4 7  ? -15.172 24.024  11.029  1.00 49.62 ? 16 0DC D "C1'" 1 
HETATM 844 N N1    . 0DC D 4 7  ? -15.671 22.918  11.908  1.00 45.79 ? 16 0DC D N1    1 
HETATM 845 C C2    . 0DC D 4 7  ? -14.948 22.573  13.060  1.00 41.82 ? 16 0DC D C2    1 
HETATM 846 O O2    . 0DC D 4 7  ? -13.917 23.211  13.335  1.00 44.88 ? 16 0DC D O2    1 
HETATM 847 N N3    . 0DC D 4 7  ? -15.401 21.557  13.851  1.00 34.15 ? 16 0DC D N3    1 
HETATM 848 C C4    . 0DC D 4 7  ? -16.520 20.902  13.518  1.00 37.40 ? 16 0DC D C4    1 
HETATM 849 N N4    . 0DC D 4 7  ? -16.930 19.909  14.319  1.00 35.00 ? 16 0DC D N4    1 
HETATM 850 C C5    . 0DC D 4 7  ? -17.265 21.239  12.339  1.00 42.03 ? 16 0DC D C5    1 
HETATM 851 C C6    . 0DC D 4 7  ? -16.806 22.239  11.570  1.00 44.32 ? 16 0DC D C6    1 
# 
